data_2AWC
# 
_entry.id   2AWC 
# 
_audit_conform.dict_name       mmcif_pdbx.dic 
_audit_conform.dict_version    5.387 
_audit_conform.dict_location   http://mmcif.pdb.org/dictionaries/ascii/mmcif_pdbx.dic 
# 
loop_
_database_2.database_id 
_database_2.database_code 
_database_2.pdbx_database_accession 
_database_2.pdbx_DOI 
PDB   2AWC         pdb_00002awc 10.2210/pdb2awc/pdb 
RCSB  RCSB034390   ?            ?                   
WWPDB D_1000034390 ?            ?                   
# 
loop_
_pdbx_audit_revision_history.ordinal 
_pdbx_audit_revision_history.data_content_type 
_pdbx_audit_revision_history.major_revision 
_pdbx_audit_revision_history.minor_revision 
_pdbx_audit_revision_history.revision_date 
1 'Structure model' 1 0 2006-08-15 
2 'Structure model' 1 1 2008-05-01 
3 'Structure model' 1 2 2011-07-13 
4 'Structure model' 1 3 2024-02-14 
# 
_pdbx_audit_revision_details.ordinal             1 
_pdbx_audit_revision_details.revision_ordinal    1 
_pdbx_audit_revision_details.data_content_type   'Structure model' 
_pdbx_audit_revision_details.provider            repository 
_pdbx_audit_revision_details.type                'Initial release' 
_pdbx_audit_revision_details.description         ? 
_pdbx_audit_revision_details.details             ? 
# 
loop_
_pdbx_audit_revision_group.ordinal 
_pdbx_audit_revision_group.revision_ordinal 
_pdbx_audit_revision_group.data_content_type 
_pdbx_audit_revision_group.group 
1 2 'Structure model' 'Version format compliance' 
2 3 'Structure model' 'Version format compliance' 
3 4 'Structure model' 'Data collection'           
4 4 'Structure model' 'Database references'       
5 4 'Structure model' 'Derived calculations'      
# 
loop_
_pdbx_audit_revision_category.ordinal 
_pdbx_audit_revision_category.revision_ordinal 
_pdbx_audit_revision_category.data_content_type 
_pdbx_audit_revision_category.category 
1 4 'Structure model' chem_comp_atom         
2 4 'Structure model' chem_comp_bond         
3 4 'Structure model' database_2             
4 4 'Structure model' pdbx_struct_conn_angle 
5 4 'Structure model' struct_conn            
6 4 'Structure model' struct_site            
# 
loop_
_pdbx_audit_revision_item.ordinal 
_pdbx_audit_revision_item.revision_ordinal 
_pdbx_audit_revision_item.data_content_type 
_pdbx_audit_revision_item.item 
1  4 'Structure model' '_database_2.pdbx_DOI'                        
2  4 'Structure model' '_database_2.pdbx_database_accession'         
3  4 'Structure model' '_pdbx_struct_conn_angle.ptnr1_auth_comp_id'  
4  4 'Structure model' '_pdbx_struct_conn_angle.ptnr1_auth_seq_id'   
5  4 'Structure model' '_pdbx_struct_conn_angle.ptnr1_label_asym_id' 
6  4 'Structure model' '_pdbx_struct_conn_angle.ptnr1_label_atom_id' 
7  4 'Structure model' '_pdbx_struct_conn_angle.ptnr1_label_comp_id' 
8  4 'Structure model' '_pdbx_struct_conn_angle.ptnr1_label_seq_id'  
9  4 'Structure model' '_pdbx_struct_conn_angle.ptnr2_label_atom_id' 
10 4 'Structure model' '_pdbx_struct_conn_angle.ptnr3_auth_comp_id'  
11 4 'Structure model' '_pdbx_struct_conn_angle.ptnr3_auth_seq_id'   
12 4 'Structure model' '_pdbx_struct_conn_angle.ptnr3_label_asym_id' 
13 4 'Structure model' '_pdbx_struct_conn_angle.ptnr3_label_atom_id' 
14 4 'Structure model' '_pdbx_struct_conn_angle.ptnr3_label_comp_id' 
15 4 'Structure model' '_pdbx_struct_conn_angle.ptnr3_label_seq_id'  
16 4 'Structure model' '_pdbx_struct_conn_angle.value'               
17 4 'Structure model' '_struct_conn.pdbx_dist_value'                
18 4 'Structure model' '_struct_conn.ptnr1_auth_comp_id'             
19 4 'Structure model' '_struct_conn.ptnr1_auth_seq_id'              
20 4 'Structure model' '_struct_conn.ptnr1_label_asym_id'            
21 4 'Structure model' '_struct_conn.ptnr1_label_atom_id'            
22 4 'Structure model' '_struct_conn.ptnr1_label_comp_id'            
23 4 'Structure model' '_struct_conn.ptnr1_label_seq_id'             
24 4 'Structure model' '_struct_conn.ptnr2_auth_comp_id'             
25 4 'Structure model' '_struct_conn.ptnr2_auth_seq_id'              
26 4 'Structure model' '_struct_conn.ptnr2_label_asym_id'            
27 4 'Structure model' '_struct_conn.ptnr2_label_atom_id'            
28 4 'Structure model' '_struct_conn.ptnr2_label_comp_id'            
29 4 'Structure model' '_struct_conn.ptnr2_label_seq_id'             
30 4 'Structure model' '_struct_site.pdbx_auth_asym_id'              
31 4 'Structure model' '_struct_site.pdbx_auth_comp_id'              
32 4 'Structure model' '_struct_site.pdbx_auth_seq_id'               
# 
_pdbx_database_status.status_code                     REL 
_pdbx_database_status.entry_id                        2AWC 
_pdbx_database_status.recvd_initial_deposition_date   2005-08-31 
_pdbx_database_status.deposit_site                    RCSB 
_pdbx_database_status.process_site                    RCSB 
_pdbx_database_status.status_code_sf                  REL 
_pdbx_database_status.status_code_mr                  ? 
_pdbx_database_status.SG_entry                        ? 
_pdbx_database_status.pdb_format_compatible           Y 
_pdbx_database_status.status_code_cs                  ? 
_pdbx_database_status.status_code_nmr_data            ? 
_pdbx_database_status.methods_development_category    ? 
# 
loop_
_audit_author.name 
_audit_author.pdbx_ordinal 
'Isaza, C.E.'            1 
'Silaghi-Dumitrescu, R.' 2 
'Iyer, R.B.'             3 
'Kurtz, D.M.'            4 
'Chan, M.K.'             5 
# 
_citation.id                        primary 
_citation.title                     
;Structural Basis for O(2) Sensing by the Hemerythrin-like Domain of a Bacterial Chemotaxis Protein: Substrate Tunnel and Fluxional N Terminus
;
_citation.journal_abbrev            Biochemistry 
_citation.journal_volume            45 
_citation.page_first                9023 
_citation.page_last                 9031 
_citation.year                      2006 
_citation.journal_id_ASTM           BICHAW 
_citation.country                   US 
_citation.journal_id_ISSN           0006-2960 
_citation.journal_id_CSD            0033 
_citation.book_publisher            ? 
_citation.pdbx_database_id_PubMed   16866347 
_citation.pdbx_database_id_DOI      10.1021/bi0607812 
# 
loop_
_citation_author.citation_id 
_citation_author.name 
_citation_author.ordinal 
_citation_author.identifier_ORCID 
primary 'Isaza, C.E.'            1 ? 
primary 'Silaghi-Dumitrescu, R.' 2 ? 
primary 'Iyer, R.B.'             3 ? 
primary 'Kurtz, D.M.'            4 ? 
primary 'Chan, M.K.'             5 ? 
# 
loop_
_entity.id 
_entity.type 
_entity.src_method 
_entity.pdbx_description 
_entity.formula_weight 
_entity.pdbx_number_of_molecules 
_entity.pdbx_ec 
_entity.pdbx_mutation 
_entity.pdbx_fragment 
_entity.details 
1 polymer     man 'hemerythrin-like domain protein DcrH' 15587.688 1  ? ? ? ? 
2 non-polymer syn MU-OXO-DIIRON                          127.689   1  ? ? ? ? 
3 water       nat water                                  18.015    54 ? ? ? ? 
# 
_entity_poly.entity_id                      1 
_entity_poly.type                           'polypeptide(L)' 
_entity_poly.nstd_linkage                   no 
_entity_poly.nstd_monomer                   no 
_entity_poly.pdbx_seq_one_letter_code       
;VKWSEDLANLPSIDTQHKRLVDYINDLYRAARRRDMDKAREVFDALKNYAVEHFGYEERLFADYAYPEATRHKEIHRRFV
ETVLKWEKQLAAGDPEVVMTTLRGLVDWLVNHIMKEDKKYEAYLRERGVS
;
_entity_poly.pdbx_seq_one_letter_code_can   
;VKWSEDLANLPSIDTQHKRLVDYINDLYRAARRRDMDKAREVFDALKNYAVEHFGYEERLFADYAYPEATRHKEIHRRFV
ETVLKWEKQLAAGDPEVVMTTLRGLVDWLVNHIMKEDKKYEAYLRERGVS
;
_entity_poly.pdbx_strand_id                 A 
_entity_poly.pdbx_target_identifier         ? 
# 
loop_
_pdbx_entity_nonpoly.entity_id 
_pdbx_entity_nonpoly.name 
_pdbx_entity_nonpoly.comp_id 
2 MU-OXO-DIIRON FEO 
3 water         HOH 
# 
loop_
_entity_poly_seq.entity_id 
_entity_poly_seq.num 
_entity_poly_seq.mon_id 
_entity_poly_seq.hetero 
1 1   VAL n 
1 2   LYS n 
1 3   TRP n 
1 4   SER n 
1 5   GLU n 
1 6   ASP n 
1 7   LEU n 
1 8   ALA n 
1 9   ASN n 
1 10  LEU n 
1 11  PRO n 
1 12  SER n 
1 13  ILE n 
1 14  ASP n 
1 15  THR n 
1 16  GLN n 
1 17  HIS n 
1 18  LYS n 
1 19  ARG n 
1 20  LEU n 
1 21  VAL n 
1 22  ASP n 
1 23  TYR n 
1 24  ILE n 
1 25  ASN n 
1 26  ASP n 
1 27  LEU n 
1 28  TYR n 
1 29  ARG n 
1 30  ALA n 
1 31  ALA n 
1 32  ARG n 
1 33  ARG n 
1 34  ARG n 
1 35  ASP n 
1 36  MET n 
1 37  ASP n 
1 38  LYS n 
1 39  ALA n 
1 40  ARG n 
1 41  GLU n 
1 42  VAL n 
1 43  PHE n 
1 44  ASP n 
1 45  ALA n 
1 46  LEU n 
1 47  LYS n 
1 48  ASN n 
1 49  TYR n 
1 50  ALA n 
1 51  VAL n 
1 52  GLU n 
1 53  HIS n 
1 54  PHE n 
1 55  GLY n 
1 56  TYR n 
1 57  GLU n 
1 58  GLU n 
1 59  ARG n 
1 60  LEU n 
1 61  PHE n 
1 62  ALA n 
1 63  ASP n 
1 64  TYR n 
1 65  ALA n 
1 66  TYR n 
1 67  PRO n 
1 68  GLU n 
1 69  ALA n 
1 70  THR n 
1 71  ARG n 
1 72  HIS n 
1 73  LYS n 
1 74  GLU n 
1 75  ILE n 
1 76  HIS n 
1 77  ARG n 
1 78  ARG n 
1 79  PHE n 
1 80  VAL n 
1 81  GLU n 
1 82  THR n 
1 83  VAL n 
1 84  LEU n 
1 85  LYS n 
1 86  TRP n 
1 87  GLU n 
1 88  LYS n 
1 89  GLN n 
1 90  LEU n 
1 91  ALA n 
1 92  ALA n 
1 93  GLY n 
1 94  ASP n 
1 95  PRO n 
1 96  GLU n 
1 97  VAL n 
1 98  VAL n 
1 99  MET n 
1 100 THR n 
1 101 THR n 
1 102 LEU n 
1 103 ARG n 
1 104 GLY n 
1 105 LEU n 
1 106 VAL n 
1 107 ASP n 
1 108 TRP n 
1 109 LEU n 
1 110 VAL n 
1 111 ASN n 
1 112 HIS n 
1 113 ILE n 
1 114 MET n 
1 115 LYS n 
1 116 GLU n 
1 117 ASP n 
1 118 LYS n 
1 119 LYS n 
1 120 TYR n 
1 121 GLU n 
1 122 ALA n 
1 123 TYR n 
1 124 LEU n 
1 125 ARG n 
1 126 GLU n 
1 127 ARG n 
1 128 GLY n 
1 129 VAL n 
1 130 SER n 
# 
_entity_src_gen.entity_id                          1 
_entity_src_gen.pdbx_src_id                        1 
_entity_src_gen.pdbx_alt_source_flag               sample 
_entity_src_gen.pdbx_seq_type                      ? 
_entity_src_gen.pdbx_beg_seq_num                   ? 
_entity_src_gen.pdbx_end_seq_num                   ? 
_entity_src_gen.gene_src_common_name               ? 
_entity_src_gen.gene_src_genus                     Desulfovibrio 
_entity_src_gen.pdbx_gene_src_gene                 ? 
_entity_src_gen.gene_src_species                   ? 
_entity_src_gen.gene_src_strain                    ? 
_entity_src_gen.gene_src_tissue                    ? 
_entity_src_gen.gene_src_tissue_fraction           ? 
_entity_src_gen.gene_src_details                   ? 
_entity_src_gen.pdbx_gene_src_fragment             ? 
_entity_src_gen.pdbx_gene_src_scientific_name      'Desulfovibrio vulgaris' 
_entity_src_gen.pdbx_gene_src_ncbi_taxonomy_id     881 
_entity_src_gen.pdbx_gene_src_variant              ? 
_entity_src_gen.pdbx_gene_src_cell_line            ? 
_entity_src_gen.pdbx_gene_src_atcc                 ? 
_entity_src_gen.pdbx_gene_src_organ                ? 
_entity_src_gen.pdbx_gene_src_organelle            ? 
_entity_src_gen.pdbx_gene_src_cell                 ? 
_entity_src_gen.pdbx_gene_src_cellular_location    ? 
_entity_src_gen.host_org_common_name               ? 
_entity_src_gen.pdbx_host_org_scientific_name      'Escherichia coli BL21(DE3)' 
_entity_src_gen.pdbx_host_org_ncbi_taxonomy_id     469008 
_entity_src_gen.host_org_genus                     Escherichia 
_entity_src_gen.pdbx_host_org_gene                 ? 
_entity_src_gen.pdbx_host_org_organ                ? 
_entity_src_gen.host_org_species                   'Escherichia coli' 
_entity_src_gen.pdbx_host_org_tissue               ? 
_entity_src_gen.pdbx_host_org_tissue_fraction      ? 
_entity_src_gen.pdbx_host_org_strain               'BL21(DE3)' 
_entity_src_gen.pdbx_host_org_variant              ? 
_entity_src_gen.pdbx_host_org_cell_line            ? 
_entity_src_gen.pdbx_host_org_atcc                 ? 
_entity_src_gen.pdbx_host_org_culture_collection   ? 
_entity_src_gen.pdbx_host_org_cell                 ? 
_entity_src_gen.pdbx_host_org_organelle            ? 
_entity_src_gen.pdbx_host_org_cellular_location    ? 
_entity_src_gen.pdbx_host_org_vector_type          plasmid 
_entity_src_gen.pdbx_host_org_vector               ? 
_entity_src_gen.host_org_details                   ? 
_entity_src_gen.expression_system_id               ? 
_entity_src_gen.plasmid_name                       pDVHR 
_entity_src_gen.plasmid_details                    ? 
_entity_src_gen.pdbx_description                   ? 
# 
loop_
_chem_comp.id 
_chem_comp.type 
_chem_comp.mon_nstd_flag 
_chem_comp.name 
_chem_comp.pdbx_synonyms 
_chem_comp.formula 
_chem_comp.formula_weight 
ALA 'L-peptide linking' y ALANINE         ? 'C3 H7 N O2'     89.093  
ARG 'L-peptide linking' y ARGININE        ? 'C6 H15 N4 O2 1' 175.209 
ASN 'L-peptide linking' y ASPARAGINE      ? 'C4 H8 N2 O3'    132.118 
ASP 'L-peptide linking' y 'ASPARTIC ACID' ? 'C4 H7 N O4'     133.103 
FEO non-polymer         . MU-OXO-DIIRON   ? 'Fe2 O'          127.689 
GLN 'L-peptide linking' y GLUTAMINE       ? 'C5 H10 N2 O3'   146.144 
GLU 'L-peptide linking' y 'GLUTAMIC ACID' ? 'C5 H9 N O4'     147.129 
GLY 'peptide linking'   y GLYCINE         ? 'C2 H5 N O2'     75.067  
HIS 'L-peptide linking' y HISTIDINE       ? 'C6 H10 N3 O2 1' 156.162 
HOH non-polymer         . WATER           ? 'H2 O'           18.015  
ILE 'L-peptide linking' y ISOLEUCINE      ? 'C6 H13 N O2'    131.173 
LEU 'L-peptide linking' y LEUCINE         ? 'C6 H13 N O2'    131.173 
LYS 'L-peptide linking' y LYSINE          ? 'C6 H15 N2 O2 1' 147.195 
MET 'L-peptide linking' y METHIONINE      ? 'C5 H11 N O2 S'  149.211 
PHE 'L-peptide linking' y PHENYLALANINE   ? 'C9 H11 N O2'    165.189 
PRO 'L-peptide linking' y PROLINE         ? 'C5 H9 N O2'     115.130 
SER 'L-peptide linking' y SERINE          ? 'C3 H7 N O3'     105.093 
THR 'L-peptide linking' y THREONINE       ? 'C4 H9 N O3'     119.119 
TRP 'L-peptide linking' y TRYPTOPHAN      ? 'C11 H12 N2 O2'  204.225 
TYR 'L-peptide linking' y TYROSINE        ? 'C9 H11 N O3'    181.189 
VAL 'L-peptide linking' y VALINE          ? 'C5 H11 N O2'    117.146 
# 
loop_
_pdbx_poly_seq_scheme.asym_id 
_pdbx_poly_seq_scheme.entity_id 
_pdbx_poly_seq_scheme.seq_id 
_pdbx_poly_seq_scheme.mon_id 
_pdbx_poly_seq_scheme.ndb_seq_num 
_pdbx_poly_seq_scheme.pdb_seq_num 
_pdbx_poly_seq_scheme.auth_seq_num 
_pdbx_poly_seq_scheme.pdb_mon_id 
_pdbx_poly_seq_scheme.auth_mon_id 
_pdbx_poly_seq_scheme.pdb_strand_id 
_pdbx_poly_seq_scheme.pdb_ins_code 
_pdbx_poly_seq_scheme.hetero 
A 1 1   VAL 1   7   7   VAL VAL A . n 
A 1 2   LYS 2   8   8   LYS LYS A . n 
A 1 3   TRP 3   9   9   TRP TRP A . n 
A 1 4   SER 4   10  10  SER SER A . n 
A 1 5   GLU 5   11  11  GLU GLU A . n 
A 1 6   ASP 6   12  12  ASP ASP A . n 
A 1 7   LEU 7   13  13  LEU LEU A . n 
A 1 8   ALA 8   14  14  ALA ALA A . n 
A 1 9   ASN 9   15  15  ASN ASN A . n 
A 1 10  LEU 10  16  16  LEU LEU A . n 
A 1 11  PRO 11  17  17  PRO PRO A . n 
A 1 12  SER 12  18  18  SER SER A . n 
A 1 13  ILE 13  19  19  ILE ILE A . n 
A 1 14  ASP 14  20  20  ASP ASP A . n 
A 1 15  THR 15  21  21  THR THR A . n 
A 1 16  GLN 16  22  22  GLN GLN A . n 
A 1 17  HIS 17  23  23  HIS HIS A . n 
A 1 18  LYS 18  24  24  LYS LYS A . n 
A 1 19  ARG 19  25  25  ARG ARG A . n 
A 1 20  LEU 20  26  26  LEU LEU A . n 
A 1 21  VAL 21  27  27  VAL VAL A . n 
A 1 22  ASP 22  28  28  ASP ASP A . n 
A 1 23  TYR 23  29  29  TYR TYR A . n 
A 1 24  ILE 24  30  30  ILE ILE A . n 
A 1 25  ASN 25  31  31  ASN ASN A . n 
A 1 26  ASP 26  32  32  ASP ASP A . n 
A 1 27  LEU 27  33  33  LEU LEU A . n 
A 1 28  TYR 28  34  34  TYR TYR A . n 
A 1 29  ARG 29  35  35  ARG ARG A . n 
A 1 30  ALA 30  36  36  ALA ALA A . n 
A 1 31  ALA 31  37  37  ALA ALA A . n 
A 1 32  ARG 32  38  38  ARG ARG A . n 
A 1 33  ARG 33  39  39  ARG ARG A . n 
A 1 34  ARG 34  40  40  ARG ARG A . n 
A 1 35  ASP 35  41  41  ASP ASP A . n 
A 1 36  MET 36  42  42  MET MET A . n 
A 1 37  ASP 37  43  43  ASP ASP A . n 
A 1 38  LYS 38  44  44  LYS LYS A . n 
A 1 39  ALA 39  45  45  ALA ALA A . n 
A 1 40  ARG 40  46  46  ARG ARG A . n 
A 1 41  GLU 41  47  47  GLU GLU A . n 
A 1 42  VAL 42  48  48  VAL VAL A . n 
A 1 43  PHE 43  49  49  PHE PHE A . n 
A 1 44  ASP 44  50  50  ASP ASP A . n 
A 1 45  ALA 45  51  51  ALA ALA A . n 
A 1 46  LEU 46  52  52  LEU LEU A . n 
A 1 47  LYS 47  53  53  LYS LYS A . n 
A 1 48  ASN 48  54  54  ASN ASN A . n 
A 1 49  TYR 49  55  55  TYR TYR A . n 
A 1 50  ALA 50  56  56  ALA ALA A . n 
A 1 51  VAL 51  57  57  VAL VAL A . n 
A 1 52  GLU 52  58  58  GLU GLU A . n 
A 1 53  HIS 53  59  59  HIS HIS A . n 
A 1 54  PHE 54  60  60  PHE PHE A . n 
A 1 55  GLY 55  61  61  GLY GLY A . n 
A 1 56  TYR 56  62  62  TYR TYR A . n 
A 1 57  GLU 57  63  63  GLU GLU A . n 
A 1 58  GLU 58  64  64  GLU GLU A . n 
A 1 59  ARG 59  65  65  ARG ARG A . n 
A 1 60  LEU 60  66  66  LEU LEU A . n 
A 1 61  PHE 61  67  67  PHE PHE A . n 
A 1 62  ALA 62  68  68  ALA ALA A . n 
A 1 63  ASP 63  69  69  ASP ASP A . n 
A 1 64  TYR 64  70  70  TYR TYR A . n 
A 1 65  ALA 65  71  71  ALA ALA A . n 
A 1 66  TYR 66  72  72  TYR TYR A . n 
A 1 67  PRO 67  73  73  PRO PRO A . n 
A 1 68  GLU 68  74  74  GLU GLU A . n 
A 1 69  ALA 69  75  75  ALA ALA A . n 
A 1 70  THR 70  76  76  THR THR A . n 
A 1 71  ARG 71  77  77  ARG ARG A . n 
A 1 72  HIS 72  78  78  HIS HIS A . n 
A 1 73  LYS 73  79  79  LYS LYS A . n 
A 1 74  GLU 74  80  80  GLU GLU A . n 
A 1 75  ILE 75  81  81  ILE ILE A . n 
A 1 76  HIS 76  82  82  HIS HIS A . n 
A 1 77  ARG 77  83  83  ARG ARG A . n 
A 1 78  ARG 78  84  84  ARG ARG A . n 
A 1 79  PHE 79  85  85  PHE PHE A . n 
A 1 80  VAL 80  86  86  VAL VAL A . n 
A 1 81  GLU 81  87  87  GLU GLU A . n 
A 1 82  THR 82  88  88  THR THR A . n 
A 1 83  VAL 83  89  89  VAL VAL A . n 
A 1 84  LEU 84  90  90  LEU LEU A . n 
A 1 85  LYS 85  91  91  LYS LYS A . n 
A 1 86  TRP 86  92  92  TRP TRP A . n 
A 1 87  GLU 87  93  93  GLU GLU A . n 
A 1 88  LYS 88  94  94  LYS LYS A . n 
A 1 89  GLN 89  95  95  GLN GLN A . n 
A 1 90  LEU 90  96  96  LEU LEU A . n 
A 1 91  ALA 91  97  97  ALA ALA A . n 
A 1 92  ALA 92  98  98  ALA ALA A . n 
A 1 93  GLY 93  99  99  GLY GLY A . n 
A 1 94  ASP 94  100 100 ASP ASP A . n 
A 1 95  PRO 95  101 101 PRO PRO A . n 
A 1 96  GLU 96  102 102 GLU GLU A . n 
A 1 97  VAL 97  103 103 VAL VAL A . n 
A 1 98  VAL 98  104 104 VAL VAL A . n 
A 1 99  MET 99  105 105 MET MET A . n 
A 1 100 THR 100 106 106 THR THR A . n 
A 1 101 THR 101 107 107 THR THR A . n 
A 1 102 LEU 102 108 108 LEU LEU A . n 
A 1 103 ARG 103 109 109 ARG ARG A . n 
A 1 104 GLY 104 110 110 GLY GLY A . n 
A 1 105 LEU 105 111 111 LEU LEU A . n 
A 1 106 VAL 106 112 112 VAL VAL A . n 
A 1 107 ASP 107 113 113 ASP ASP A . n 
A 1 108 TRP 108 114 114 TRP TRP A . n 
A 1 109 LEU 109 115 115 LEU LEU A . n 
A 1 110 VAL 110 116 116 VAL VAL A . n 
A 1 111 ASN 111 117 117 ASN ASN A . n 
A 1 112 HIS 112 118 118 HIS HIS A . n 
A 1 113 ILE 113 119 119 ILE ILE A . n 
A 1 114 MET 114 120 120 MET MET A . n 
A 1 115 LYS 115 121 121 LYS LYS A . n 
A 1 116 GLU 116 122 122 GLU GLU A . n 
A 1 117 ASP 117 123 123 ASP ASP A . n 
A 1 118 LYS 118 124 124 LYS LYS A . n 
A 1 119 LYS 119 125 125 LYS LYS A . n 
A 1 120 TYR 120 126 126 TYR TYR A . n 
A 1 121 GLU 121 127 127 GLU GLU A . n 
A 1 122 ALA 122 128 128 ALA ALA A . n 
A 1 123 TYR 123 129 129 TYR TYR A . n 
A 1 124 LEU 124 130 130 LEU LEU A . n 
A 1 125 ARG 125 131 131 ARG ARG A . n 
A 1 126 GLU 126 132 132 GLU GLU A . n 
A 1 127 ARG 127 133 133 ARG ARG A . n 
A 1 128 GLY 128 134 134 GLY GLY A . n 
A 1 129 VAL 129 135 135 VAL VAL A . n 
A 1 130 SER 130 136 136 SER SER A . n 
# 
loop_
_pdbx_nonpoly_scheme.asym_id 
_pdbx_nonpoly_scheme.entity_id 
_pdbx_nonpoly_scheme.mon_id 
_pdbx_nonpoly_scheme.ndb_seq_num 
_pdbx_nonpoly_scheme.pdb_seq_num 
_pdbx_nonpoly_scheme.auth_seq_num 
_pdbx_nonpoly_scheme.pdb_mon_id 
_pdbx_nonpoly_scheme.auth_mon_id 
_pdbx_nonpoly_scheme.pdb_strand_id 
_pdbx_nonpoly_scheme.pdb_ins_code 
B 2 FEO 1  137 101 FEO FEO A . 
C 3 HOH 1  138 1   HOH HOH A . 
C 3 HOH 2  139 2   HOH HOH A . 
C 3 HOH 3  140 3   HOH HOH A . 
C 3 HOH 4  141 4   HOH HOH A . 
C 3 HOH 5  142 5   HOH HOH A . 
C 3 HOH 6  143 6   HOH HOH A . 
C 3 HOH 7  144 7   HOH HOH A . 
C 3 HOH 8  145 8   HOH HOH A . 
C 3 HOH 9  146 9   HOH HOH A . 
C 3 HOH 10 147 10  HOH HOH A . 
C 3 HOH 11 148 11  HOH HOH A . 
C 3 HOH 12 149 12  HOH HOH A . 
C 3 HOH 13 150 13  HOH HOH A . 
C 3 HOH 14 151 14  HOH HOH A . 
C 3 HOH 15 152 15  HOH HOH A . 
C 3 HOH 16 153 16  HOH HOH A . 
C 3 HOH 17 154 17  HOH HOH A . 
C 3 HOH 18 155 18  HOH HOH A . 
C 3 HOH 19 156 19  HOH HOH A . 
C 3 HOH 20 157 20  HOH HOH A . 
C 3 HOH 21 158 21  HOH HOH A . 
C 3 HOH 22 159 22  HOH HOH A . 
C 3 HOH 23 160 23  HOH HOH A . 
C 3 HOH 24 161 24  HOH HOH A . 
C 3 HOH 25 162 25  HOH HOH A . 
C 3 HOH 26 163 26  HOH HOH A . 
C 3 HOH 27 164 27  HOH HOH A . 
C 3 HOH 28 165 28  HOH HOH A . 
C 3 HOH 29 166 29  HOH HOH A . 
C 3 HOH 30 167 30  HOH HOH A . 
C 3 HOH 31 168 31  HOH HOH A . 
C 3 HOH 32 169 32  HOH HOH A . 
C 3 HOH 33 170 33  HOH HOH A . 
C 3 HOH 34 171 34  HOH HOH A . 
C 3 HOH 35 172 35  HOH HOH A . 
C 3 HOH 36 173 36  HOH HOH A . 
C 3 HOH 37 174 37  HOH HOH A . 
C 3 HOH 38 175 38  HOH HOH A . 
C 3 HOH 39 176 39  HOH HOH A . 
C 3 HOH 40 177 40  HOH HOH A . 
C 3 HOH 41 178 41  HOH HOH A . 
C 3 HOH 42 179 42  HOH HOH A . 
C 3 HOH 43 180 43  HOH HOH A . 
C 3 HOH 44 181 44  HOH HOH A . 
C 3 HOH 45 182 45  HOH HOH A . 
C 3 HOH 46 183 46  HOH HOH A . 
C 3 HOH 47 184 47  HOH HOH A . 
C 3 HOH 48 185 48  HOH HOH A . 
C 3 HOH 49 186 49  HOH HOH A . 
C 3 HOH 50 187 50  HOH HOH A . 
C 3 HOH 51 188 51  HOH HOH A . 
C 3 HOH 52 189 52  HOH HOH A . 
C 3 HOH 53 190 53  HOH HOH A . 
C 3 HOH 54 191 54  HOH HOH A . 
# 
loop_
_software.name 
_software.classification 
_software.version 
_software.citation_id 
_software.pdbx_ordinal 
CNS     refinement        1.1 ? 1 
Blu-Ice 'data collection' .   ? 2 
MOSFLM  'data reduction'  .   ? 3 
PHASER  phasing           .   ? 4 
# 
_cell.entry_id           2AWC 
_cell.length_a           43.980 
_cell.length_b           33.120 
_cell.length_c           44.700 
_cell.angle_alpha        90.00 
_cell.angle_beta         96.02 
_cell.angle_gamma        90.00 
_cell.Z_PDB              2 
_cell.pdbx_unique_axis   ? 
_cell.length_a_esd       ? 
_cell.length_b_esd       ? 
_cell.length_c_esd       ? 
_cell.angle_alpha_esd    ? 
_cell.angle_beta_esd     ? 
_cell.angle_gamma_esd    ? 
# 
_symmetry.entry_id                         2AWC 
_symmetry.space_group_name_H-M             'P 1 21 1' 
_symmetry.pdbx_full_space_group_name_H-M   ? 
_symmetry.cell_setting                     ? 
_symmetry.Int_Tables_number                4 
_symmetry.space_group_name_Hall            ? 
# 
_exptl.entry_id          2AWC 
_exptl.method            'X-RAY DIFFRACTION' 
_exptl.crystals_number   1 
# 
_exptl_crystal.id                    1 
_exptl_crystal.density_meas          ? 
_exptl_crystal.density_Matthews      2.02 
_exptl_crystal.density_percent_sol   39.22 
_exptl_crystal.description           ? 
_exptl_crystal.F_000                 ? 
_exptl_crystal.preparation           ? 
# 
_exptl_crystal_grow.crystal_id      1 
_exptl_crystal_grow.method          'VAPOR DIFFUSION, SITTING DROP' 
_exptl_crystal_grow.temp            293 
_exptl_crystal_grow.temp_details    ? 
_exptl_crystal_grow.pH              8.5 
_exptl_crystal_grow.pdbx_details    
'K2Pt(CN)4 , Tris-HCl, PEG 3350, CaCl2, isopropanol, pH 8.5, VAPOR DIFFUSION, SITTING DROP, temperature 293K' 
_exptl_crystal_grow.pdbx_pH_range   . 
# 
_diffrn.id                     1 
_diffrn.ambient_temp           100 
_diffrn.ambient_temp_details   ? 
_diffrn.crystal_id             1 
# 
_diffrn_detector.diffrn_id              1 
_diffrn_detector.detector               CCD 
_diffrn_detector.type                   'ADSC QUANTUM 4' 
_diffrn_detector.pdbx_collection_date   2005-06-08 
_diffrn_detector.details                ? 
# 
_diffrn_radiation.diffrn_id                        1 
_diffrn_radiation.wavelength_id                    1 
_diffrn_radiation.pdbx_monochromatic_or_laue_m_l   M 
_diffrn_radiation.monochromator                    'curved crystal' 
_diffrn_radiation.pdbx_diffrn_protocol             'SINGLE WAVELENGTH' 
_diffrn_radiation.pdbx_scattering_type             x-ray 
# 
_diffrn_radiation_wavelength.id           1 
_diffrn_radiation_wavelength.wavelength   0.984 
_diffrn_radiation_wavelength.wt           1.0 
# 
_diffrn_source.diffrn_id                   1 
_diffrn_source.source                      SYNCHROTRON 
_diffrn_source.type                        'SSRL BEAMLINE BL9-1' 
_diffrn_source.pdbx_synchrotron_site       SSRL 
_diffrn_source.pdbx_synchrotron_beamline   BL9-1 
_diffrn_source.pdbx_wavelength             ? 
_diffrn_source.pdbx_wavelength_list        0.984 
# 
_reflns.entry_id                     2AWC 
_reflns.observed_criterion_sigma_I   4 
_reflns.observed_criterion_sigma_F   5 
_reflns.d_resolution_low             44.45 
_reflns.d_resolution_high            2.2 
_reflns.number_obs                   6560 
_reflns.number_all                   ? 
_reflns.percent_possible_obs         98.1 
_reflns.pdbx_Rmerge_I_obs            0.072 
_reflns.pdbx_Rsym_value              0.09 
_reflns.pdbx_netI_over_sigmaI        19.1 
_reflns.B_iso_Wilson_estimate        18.4 
_reflns.pdbx_redundancy              6.2 
_reflns.R_free_details               ? 
_reflns.limit_h_max                  ? 
_reflns.limit_h_min                  ? 
_reflns.limit_k_max                  ? 
_reflns.limit_k_min                  ? 
_reflns.limit_l_max                  ? 
_reflns.limit_l_min                  ? 
_reflns.observed_criterion_F_max     ? 
_reflns.observed_criterion_F_min     ? 
_reflns.pdbx_chi_squared             ? 
_reflns.pdbx_scaling_rejects         ? 
_reflns.pdbx_diffrn_id               1 
_reflns.pdbx_ordinal                 1 
# 
_reflns_shell.d_res_high             2.2 
_reflns_shell.d_res_low              2.26 
_reflns_shell.percent_possible_all   88.6 
_reflns_shell.Rmerge_I_obs           0.25 
_reflns_shell.pdbx_Rsym_value        0.344 
_reflns_shell.meanI_over_sigI_obs    5.9 
_reflns_shell.pdbx_redundancy        4.5 
_reflns_shell.percent_possible_obs   ? 
_reflns_shell.number_unique_all      ? 
_reflns_shell.number_measured_all    ? 
_reflns_shell.number_measured_obs    ? 
_reflns_shell.number_unique_obs      ? 
_reflns_shell.pdbx_chi_squared       ? 
_reflns_shell.pdbx_diffrn_id         ? 
_reflns_shell.pdbx_ordinal           1 
# 
_refine.entry_id                                 2AWC 
_refine.ls_number_reflns_obs                     6537 
_refine.ls_number_reflns_all                     6537 
_refine.pdbx_ls_sigma_I                          ? 
_refine.pdbx_ls_sigma_F                          0.0 
_refine.pdbx_data_cutoff_high_absF               1522048.19 
_refine.pdbx_data_cutoff_low_absF                0.000000 
_refine.pdbx_data_cutoff_high_rms_absF           ? 
_refine.ls_d_res_low                             18.86 
_refine.ls_d_res_high                            2.20 
_refine.ls_percent_reflns_obs                    98.1 
_refine.ls_R_factor_obs                          0.204 
_refine.ls_R_factor_all                          ? 
_refine.ls_R_factor_R_work                       0.204 
_refine.ls_R_factor_R_free                       0.253 
_refine.ls_R_factor_R_free_error                 0.009 
_refine.ls_R_factor_R_free_error_details         ? 
_refine.ls_percent_reflns_R_free                 10.9 
_refine.ls_number_reflns_R_free                  712 
_refine.ls_number_parameters                     ? 
_refine.ls_number_restraints                     ? 
_refine.occupancy_min                            ? 
_refine.occupancy_max                            ? 
_refine.correlation_coeff_Fo_to_Fc               ? 
_refine.correlation_coeff_Fo_to_Fc_free          ? 
_refine.B_iso_mean                               31.2 
_refine.aniso_B[1][1]                            16.80 
_refine.aniso_B[2][2]                            -6.02 
_refine.aniso_B[3][3]                            -10.77 
_refine.aniso_B[1][2]                            0.00 
_refine.aniso_B[1][3]                            -7.59 
_refine.aniso_B[2][3]                            0.00 
_refine.solvent_model_details                    'FLAT MODEL' 
_refine.solvent_model_param_ksol                 0.386301 
_refine.solvent_model_param_bsol                 63.2067 
_refine.pdbx_solvent_vdw_probe_radii             ? 
_refine.pdbx_solvent_ion_probe_radii             ? 
_refine.pdbx_solvent_shrinkage_radii             ? 
_refine.pdbx_ls_cross_valid_method               THROUGHOUT 
_refine.details                                  ? 
_refine.pdbx_starting_model                      ? 
_refine.pdbx_method_to_determine_struct          'MOLECULAR REPLACEMENT' 
_refine.pdbx_isotropic_thermal_model             RESTRAINED 
_refine.pdbx_stereochemistry_target_values       'Engh & Huber' 
_refine.pdbx_stereochem_target_val_spec_case     ? 
_refine.pdbx_R_Free_selection_details            RANDOM 
_refine.pdbx_overall_ESU_R                       ? 
_refine.pdbx_overall_ESU_R_Free                  ? 
_refine.overall_SU_ML                            ? 
_refine.overall_SU_B                             ? 
_refine.ls_redundancy_reflns_obs                 ? 
_refine.B_iso_min                                ? 
_refine.B_iso_max                                ? 
_refine.overall_SU_R_Cruickshank_DPI             ? 
_refine.overall_SU_R_free                        ? 
_refine.ls_wR_factor_R_free                      ? 
_refine.ls_wR_factor_R_work                      ? 
_refine.overall_FOM_free_R_set                   ? 
_refine.overall_FOM_work_R_set                   ? 
_refine.pdbx_refine_id                           'X-RAY DIFFRACTION' 
_refine.pdbx_diffrn_id                           1 
_refine.pdbx_TLS_residual_ADP_flag               ? 
_refine.pdbx_overall_phase_error                 ? 
_refine.pdbx_overall_SU_R_free_Cruickshank_DPI   ? 
_refine.pdbx_overall_SU_R_Blow_DPI               ? 
_refine.pdbx_overall_SU_R_free_Blow_DPI          ? 
# 
_refine_analyze.entry_id                        2AWC 
_refine_analyze.Luzzati_coordinate_error_obs    0.24 
_refine_analyze.Luzzati_sigma_a_obs             0.21 
_refine_analyze.Luzzati_d_res_low_obs           5.00 
_refine_analyze.Luzzati_coordinate_error_free   0.31 
_refine_analyze.Luzzati_sigma_a_free            0.21 
_refine_analyze.Luzzati_d_res_low_free          ? 
_refine_analyze.number_disordered_residues      ? 
_refine_analyze.occupancy_sum_hydrogen          ? 
_refine_analyze.occupancy_sum_non_hydrogen      ? 
_refine_analyze.pdbx_Luzzati_d_res_high_obs     ? 
_refine_analyze.pdbx_refine_id                  'X-RAY DIFFRACTION' 
# 
_refine_hist.pdbx_refine_id                   'X-RAY DIFFRACTION' 
_refine_hist.cycle_id                         LAST 
_refine_hist.pdbx_number_atoms_protein        1174 
_refine_hist.pdbx_number_atoms_nucleic_acid   0 
_refine_hist.pdbx_number_atoms_ligand         3 
_refine_hist.number_atoms_solvent             55 
_refine_hist.number_atoms_total               1232 
_refine_hist.d_res_high                       2.20 
_refine_hist.d_res_low                        18.86 
# 
loop_
_refine_ls_restr.type 
_refine_ls_restr.dev_ideal 
_refine_ls_restr.dev_ideal_target 
_refine_ls_restr.weight 
_refine_ls_restr.number 
_refine_ls_restr.pdbx_refine_id 
_refine_ls_restr.pdbx_restraint_function 
c_bond_d                0.007 ?    ? ? 'X-RAY DIFFRACTION' ? 
c_bond_d_na             ?     ?    ? ? 'X-RAY DIFFRACTION' ? 
c_bond_d_prot           ?     ?    ? ? 'X-RAY DIFFRACTION' ? 
c_angle_d               ?     ?    ? ? 'X-RAY DIFFRACTION' ? 
c_angle_d_na            ?     ?    ? ? 'X-RAY DIFFRACTION' ? 
c_angle_d_prot          ?     ?    ? ? 'X-RAY DIFFRACTION' ? 
c_angle_deg             1.1   ?    ? ? 'X-RAY DIFFRACTION' ? 
c_angle_deg_na          ?     ?    ? ? 'X-RAY DIFFRACTION' ? 
c_angle_deg_prot        ?     ?    ? ? 'X-RAY DIFFRACTION' ? 
c_dihedral_angle_d      17.2  ?    ? ? 'X-RAY DIFFRACTION' ? 
c_dihedral_angle_d_na   ?     ?    ? ? 'X-RAY DIFFRACTION' ? 
c_dihedral_angle_d_prot ?     ?    ? ? 'X-RAY DIFFRACTION' ? 
c_improper_angle_d      0.60  ?    ? ? 'X-RAY DIFFRACTION' ? 
c_improper_angle_d_na   ?     ?    ? ? 'X-RAY DIFFRACTION' ? 
c_improper_angle_d_prot ?     ?    ? ? 'X-RAY DIFFRACTION' ? 
c_mcbond_it             1.32  1.50 ? ? 'X-RAY DIFFRACTION' ? 
c_mcangle_it            1.97  2.00 ? ? 'X-RAY DIFFRACTION' ? 
c_scbond_it             2.19  2.00 ? ? 'X-RAY DIFFRACTION' ? 
c_scangle_it            3.11  2.50 ? ? 'X-RAY DIFFRACTION' ? 
# 
_refine_ls_shell.pdbx_total_number_of_bins_used   6 
_refine_ls_shell.d_res_high                       2.20 
_refine_ls_shell.d_res_low                        2.34 
_refine_ls_shell.number_reflns_R_work             879 
_refine_ls_shell.R_factor_R_work                  0.243 
_refine_ls_shell.percent_reflns_obs               90.8 
_refine_ls_shell.R_factor_R_free                  0.279 
_refine_ls_shell.R_factor_R_free_error            0.027 
_refine_ls_shell.percent_reflns_R_free            10.8 
_refine_ls_shell.number_reflns_R_free             106 
_refine_ls_shell.number_reflns_all                ? 
_refine_ls_shell.R_factor_all                     ? 
_refine_ls_shell.redundancy_reflns_obs            ? 
_refine_ls_shell.number_reflns_obs                ? 
_refine_ls_shell.pdbx_refine_id                   'X-RAY DIFFRACTION' 
# 
loop_
_pdbx_xplor_file.serial_no 
_pdbx_xplor_file.param_file 
_pdbx_xplor_file.topol_file 
_pdbx_xplor_file.pdbx_refine_id 
1 protein_rep.param protein.top 'X-RAY DIFFRACTION' 
2 ionz_swap.param   ?           'X-RAY DIFFRACTION' 
3 water_rep.param   ?           'X-RAY DIFFRACTION' 
4 ion.param         ?           'X-RAY DIFFRACTION' 
# 
_struct.entry_id                  2AWC 
_struct.title                     deoxy-DcrH-Hr 
_struct.pdbx_model_details        ? 
_struct.pdbx_CASP_flag            ? 
_struct.pdbx_model_type_details   ? 
# 
_struct_keywords.entry_id        2AWC 
_struct_keywords.pdbx_keywords   'OXYGEN STORAGE/TRANSPORT' 
_struct_keywords.text            'four helix bundle, OXYGEN STORAGE-TRANSPORT COMPLEX' 
# 
loop_
_struct_asym.id 
_struct_asym.pdbx_blank_PDB_chainid_flag 
_struct_asym.pdbx_modified 
_struct_asym.entity_id 
_struct_asym.details 
A N N 1 ? 
B N N 2 ? 
C N N 3 ? 
# 
_struct_ref.id                         1 
_struct_ref.db_name                    UNP 
_struct_ref.db_code                    Q9REU3_DESVU 
_struct_ref.pdbx_db_accession          Q9REU3 
_struct_ref.entity_id                  1 
_struct_ref.pdbx_align_begin           7 
_struct_ref.pdbx_db_isoform            ? 
_struct_ref.pdbx_seq_one_letter_code   ? 
# 
_struct_ref_seq.align_id                      1 
_struct_ref_seq.ref_id                        1 
_struct_ref_seq.pdbx_PDB_id_code              2AWC 
_struct_ref_seq.pdbx_strand_id                A 
_struct_ref_seq.seq_align_beg                 1 
_struct_ref_seq.pdbx_seq_align_beg_ins_code   ? 
_struct_ref_seq.seq_align_end                 130 
_struct_ref_seq.pdbx_seq_align_end_ins_code   ? 
_struct_ref_seq.pdbx_db_accession             Q9REU3 
_struct_ref_seq.db_align_beg                  7 
_struct_ref_seq.pdbx_db_align_beg_ins_code    ? 
_struct_ref_seq.db_align_end                  136 
_struct_ref_seq.pdbx_db_align_end_ins_code    ? 
_struct_ref_seq.pdbx_auth_seq_align_beg       7 
_struct_ref_seq.pdbx_auth_seq_align_end       136 
# 
_pdbx_struct_assembly.id                   1 
_pdbx_struct_assembly.details              author_defined_assembly 
_pdbx_struct_assembly.method_details       ? 
_pdbx_struct_assembly.oligomeric_details   monomeric 
_pdbx_struct_assembly.oligomeric_count     1 
# 
_pdbx_struct_assembly_gen.assembly_id       1 
_pdbx_struct_assembly_gen.oper_expression   1 
_pdbx_struct_assembly_gen.asym_id_list      A,B,C 
# 
_pdbx_struct_oper_list.id                   1 
_pdbx_struct_oper_list.type                 'identity operation' 
_pdbx_struct_oper_list.name                 1_555 
_pdbx_struct_oper_list.symmetry_operation   x,y,z 
_pdbx_struct_oper_list.matrix[1][1]         1.0000000000 
_pdbx_struct_oper_list.matrix[1][2]         0.0000000000 
_pdbx_struct_oper_list.matrix[1][3]         0.0000000000 
_pdbx_struct_oper_list.vector[1]            0.0000000000 
_pdbx_struct_oper_list.matrix[2][1]         0.0000000000 
_pdbx_struct_oper_list.matrix[2][2]         1.0000000000 
_pdbx_struct_oper_list.matrix[2][3]         0.0000000000 
_pdbx_struct_oper_list.vector[2]            0.0000000000 
_pdbx_struct_oper_list.matrix[3][1]         0.0000000000 
_pdbx_struct_oper_list.matrix[3][2]         0.0000000000 
_pdbx_struct_oper_list.matrix[3][3]         1.0000000000 
_pdbx_struct_oper_list.vector[3]            0.0000000000 
# 
_struct_biol.id                    1 
_struct_biol.pdbx_parent_biol_id   ? 
_struct_biol.details               ? 
# 
loop_
_struct_conf.conf_type_id 
_struct_conf.id 
_struct_conf.pdbx_PDB_helix_id 
_struct_conf.beg_label_comp_id 
_struct_conf.beg_label_asym_id 
_struct_conf.beg_label_seq_id 
_struct_conf.pdbx_beg_PDB_ins_code 
_struct_conf.end_label_comp_id 
_struct_conf.end_label_asym_id 
_struct_conf.end_label_seq_id 
_struct_conf.pdbx_end_PDB_ins_code 
_struct_conf.beg_auth_comp_id 
_struct_conf.beg_auth_asym_id 
_struct_conf.beg_auth_seq_id 
_struct_conf.end_auth_comp_id 
_struct_conf.end_auth_asym_id 
_struct_conf.end_auth_seq_id 
_struct_conf.pdbx_PDB_helix_class 
_struct_conf.details 
_struct_conf.pdbx_PDB_helix_length 
HELX_P HELX_P1 1 LEU A 10  ? ARG A 33  ? LEU A 16  ARG A 39  1 ? 24 
HELX_P HELX_P2 2 ASP A 35  ? TYR A 64  ? ASP A 41  TYR A 70  1 ? 30 
HELX_P HELX_P3 3 GLU A 68  ? LEU A 90  ? GLU A 74  LEU A 96  1 ? 23 
HELX_P HELX_P4 4 ASP A 94  ? GLU A 116 ? ASP A 100 GLU A 122 1 ? 23 
HELX_P HELX_P5 5 ASP A 117 ? LYS A 119 ? ASP A 123 LYS A 125 5 ? 3  
HELX_P HELX_P6 6 TYR A 120 ? GLU A 126 ? TYR A 126 GLU A 132 1 ? 7  
# 
_struct_conf_type.id          HELX_P 
_struct_conf_type.criteria    ? 
_struct_conf_type.reference   ? 
# 
loop_
_struct_conn.id 
_struct_conn.conn_type_id 
_struct_conn.pdbx_leaving_atom_flag 
_struct_conn.pdbx_PDB_id 
_struct_conn.ptnr1_label_asym_id 
_struct_conn.ptnr1_label_comp_id 
_struct_conn.ptnr1_label_seq_id 
_struct_conn.ptnr1_label_atom_id 
_struct_conn.pdbx_ptnr1_label_alt_id 
_struct_conn.pdbx_ptnr1_PDB_ins_code 
_struct_conn.pdbx_ptnr1_standard_comp_id 
_struct_conn.ptnr1_symmetry 
_struct_conn.ptnr2_label_asym_id 
_struct_conn.ptnr2_label_comp_id 
_struct_conn.ptnr2_label_seq_id 
_struct_conn.ptnr2_label_atom_id 
_struct_conn.pdbx_ptnr2_label_alt_id 
_struct_conn.pdbx_ptnr2_PDB_ins_code 
_struct_conn.ptnr1_auth_asym_id 
_struct_conn.ptnr1_auth_comp_id 
_struct_conn.ptnr1_auth_seq_id 
_struct_conn.ptnr2_auth_asym_id 
_struct_conn.ptnr2_auth_comp_id 
_struct_conn.ptnr2_auth_seq_id 
_struct_conn.ptnr2_symmetry 
_struct_conn.pdbx_ptnr3_label_atom_id 
_struct_conn.pdbx_ptnr3_label_seq_id 
_struct_conn.pdbx_ptnr3_label_comp_id 
_struct_conn.pdbx_ptnr3_label_asym_id 
_struct_conn.pdbx_ptnr3_label_alt_id 
_struct_conn.pdbx_ptnr3_PDB_ins_code 
_struct_conn.details 
_struct_conn.pdbx_dist_value 
_struct_conn.pdbx_value_order 
_struct_conn.pdbx_role 
metalc1 metalc ? ? A HIS 17  NE2 ? ? ? 1_555 B FEO . FE2 ? ? A HIS 23  A FEO 137 1_555 ? ? ? ? ? ? ? 2.112 ? ? 
metalc2 metalc ? ? A HIS 53  NE2 ? ? ? 1_555 B FEO . FE2 ? ? A HIS 59  A FEO 137 1_555 ? ? ? ? ? ? ? 2.190 ? ? 
metalc3 metalc ? ? A GLU 57  OE1 ? ? ? 1_555 B FEO . FE1 ? ? A GLU 63  A FEO 137 1_555 ? ? ? ? ? ? ? 2.327 ? ? 
metalc4 metalc ? ? A GLU 57  OE2 ? ? ? 1_555 B FEO . FE2 ? ? A GLU 63  A FEO 137 1_555 ? ? ? ? ? ? ? 2.223 ? ? 
metalc5 metalc ? ? A HIS 72  NE2 ? ? ? 1_555 B FEO . FE1 ? ? A HIS 78  A FEO 137 1_555 ? ? ? ? ? ? ? 2.253 ? ? 
metalc6 metalc ? ? A HIS 76  NE2 ? ? ? 1_555 B FEO . FE1 ? ? A HIS 82  A FEO 137 1_555 ? ? ? ? ? ? ? 2.105 ? ? 
metalc7 metalc ? ? A HIS 112 NE2 ? ? ? 1_555 B FEO . FE1 ? ? A HIS 118 A FEO 137 1_555 ? ? ? ? ? ? ? 2.148 ? ? 
metalc8 metalc ? ? A ASP 117 OD1 ? ? ? 1_555 B FEO . FE1 ? ? A ASP 123 A FEO 137 1_555 ? ? ? ? ? ? ? 2.184 ? ? 
metalc9 metalc ? ? A ASP 117 OD2 ? ? ? 1_555 B FEO . FE2 ? ? A ASP 123 A FEO 137 1_555 ? ? ? ? ? ? ? 2.058 ? ? 
# 
_struct_conn_type.id          metalc 
_struct_conn_type.criteria    ? 
_struct_conn_type.reference   ? 
# 
loop_
_pdbx_struct_conn_angle.id 
_pdbx_struct_conn_angle.ptnr1_label_atom_id 
_pdbx_struct_conn_angle.ptnr1_label_alt_id 
_pdbx_struct_conn_angle.ptnr1_label_asym_id 
_pdbx_struct_conn_angle.ptnr1_label_comp_id 
_pdbx_struct_conn_angle.ptnr1_label_seq_id 
_pdbx_struct_conn_angle.ptnr1_auth_atom_id 
_pdbx_struct_conn_angle.ptnr1_auth_asym_id 
_pdbx_struct_conn_angle.ptnr1_auth_comp_id 
_pdbx_struct_conn_angle.ptnr1_auth_seq_id 
_pdbx_struct_conn_angle.ptnr1_PDB_ins_code 
_pdbx_struct_conn_angle.ptnr1_symmetry 
_pdbx_struct_conn_angle.ptnr2_label_atom_id 
_pdbx_struct_conn_angle.ptnr2_label_alt_id 
_pdbx_struct_conn_angle.ptnr2_label_asym_id 
_pdbx_struct_conn_angle.ptnr2_label_comp_id 
_pdbx_struct_conn_angle.ptnr2_label_seq_id 
_pdbx_struct_conn_angle.ptnr2_auth_atom_id 
_pdbx_struct_conn_angle.ptnr2_auth_asym_id 
_pdbx_struct_conn_angle.ptnr2_auth_comp_id 
_pdbx_struct_conn_angle.ptnr2_auth_seq_id 
_pdbx_struct_conn_angle.ptnr2_PDB_ins_code 
_pdbx_struct_conn_angle.ptnr2_symmetry 
_pdbx_struct_conn_angle.ptnr3_label_atom_id 
_pdbx_struct_conn_angle.ptnr3_label_alt_id 
_pdbx_struct_conn_angle.ptnr3_label_asym_id 
_pdbx_struct_conn_angle.ptnr3_label_comp_id 
_pdbx_struct_conn_angle.ptnr3_label_seq_id 
_pdbx_struct_conn_angle.ptnr3_auth_atom_id 
_pdbx_struct_conn_angle.ptnr3_auth_asym_id 
_pdbx_struct_conn_angle.ptnr3_auth_comp_id 
_pdbx_struct_conn_angle.ptnr3_auth_seq_id 
_pdbx_struct_conn_angle.ptnr3_PDB_ins_code 
_pdbx_struct_conn_angle.ptnr3_symmetry 
_pdbx_struct_conn_angle.value 
_pdbx_struct_conn_angle.value_esd 
1  NE2 ? A HIS 17  ? A HIS 23  ? 1_555 FE2 ? B FEO . ? A FEO 137 ? 1_555 O   ? B FEO .   ? A FEO 137 ? 1_555 147.9 ? 
2  NE2 ? A HIS 17  ? A HIS 23  ? 1_555 FE2 ? B FEO . ? A FEO 137 ? 1_555 NE2 ? A HIS 53  ? A HIS 59  ? 1_555 83.9  ? 
3  O   ? B FEO .   ? A FEO 137 ? 1_555 FE2 ? B FEO . ? A FEO 137 ? 1_555 NE2 ? A HIS 53  ? A HIS 59  ? 1_555 95.5  ? 
4  NE2 ? A HIS 17  ? A HIS 23  ? 1_555 FE2 ? B FEO . ? A FEO 137 ? 1_555 OE2 ? A GLU 57  ? A GLU 63  ? 1_555 118.8 ? 
5  O   ? B FEO .   ? A FEO 137 ? 1_555 FE2 ? B FEO . ? A FEO 137 ? 1_555 OE2 ? A GLU 57  ? A GLU 63  ? 1_555 93.4  ? 
6  NE2 ? A HIS 53  ? A HIS 59  ? 1_555 FE2 ? B FEO . ? A FEO 137 ? 1_555 OE2 ? A GLU 57  ? A GLU 63  ? 1_555 91.4  ? 
7  NE2 ? A HIS 17  ? A HIS 23  ? 1_555 FE2 ? B FEO . ? A FEO 137 ? 1_555 OD2 ? A ASP 117 ? A ASP 123 ? 1_555 85.9  ? 
8  O   ? B FEO .   ? A FEO 137 ? 1_555 FE2 ? B FEO . ? A FEO 137 ? 1_555 OD2 ? A ASP 117 ? A ASP 123 ? 1_555 93.9  ? 
9  NE2 ? A HIS 53  ? A HIS 59  ? 1_555 FE2 ? B FEO . ? A FEO 137 ? 1_555 OD2 ? A ASP 117 ? A ASP 123 ? 1_555 169.8 ? 
10 OE2 ? A GLU 57  ? A GLU 63  ? 1_555 FE2 ? B FEO . ? A FEO 137 ? 1_555 OD2 ? A ASP 117 ? A ASP 123 ? 1_555 92.1  ? 
11 OE1 ? A GLU 57  ? A GLU 63  ? 1_555 FE1 ? B FEO . ? A FEO 137 ? 1_555 O   ? B FEO .   ? A FEO 137 ? 1_555 89.9  ? 
12 OE1 ? A GLU 57  ? A GLU 63  ? 1_555 FE1 ? B FEO . ? A FEO 137 ? 1_555 NE2 ? A HIS 72  ? A HIS 78  ? 1_555 86.2  ? 
13 O   ? B FEO .   ? A FEO 137 ? 1_555 FE1 ? B FEO . ? A FEO 137 ? 1_555 NE2 ? A HIS 72  ? A HIS 78  ? 1_555 175.8 ? 
14 OE1 ? A GLU 57  ? A GLU 63  ? 1_555 FE1 ? B FEO . ? A FEO 137 ? 1_555 NE2 ? A HIS 76  ? A HIS 82  ? 1_555 85.8  ? 
15 O   ? B FEO .   ? A FEO 137 ? 1_555 FE1 ? B FEO . ? A FEO 137 ? 1_555 NE2 ? A HIS 76  ? A HIS 82  ? 1_555 94.6  ? 
16 NE2 ? A HIS 72  ? A HIS 78  ? 1_555 FE1 ? B FEO . ? A FEO 137 ? 1_555 NE2 ? A HIS 76  ? A HIS 82  ? 1_555 83.5  ? 
17 OE1 ? A GLU 57  ? A GLU 63  ? 1_555 FE1 ? B FEO . ? A FEO 137 ? 1_555 NE2 ? A HIS 112 ? A HIS 118 ? 1_555 177.0 ? 
18 O   ? B FEO .   ? A FEO 137 ? 1_555 FE1 ? B FEO . ? A FEO 137 ? 1_555 NE2 ? A HIS 112 ? A HIS 118 ? 1_555 88.8  ? 
19 NE2 ? A HIS 72  ? A HIS 78  ? 1_555 FE1 ? B FEO . ? A FEO 137 ? 1_555 NE2 ? A HIS 112 ? A HIS 118 ? 1_555 95.0  ? 
20 NE2 ? A HIS 76  ? A HIS 82  ? 1_555 FE1 ? B FEO . ? A FEO 137 ? 1_555 NE2 ? A HIS 112 ? A HIS 118 ? 1_555 91.6  ? 
21 OE1 ? A GLU 57  ? A GLU 63  ? 1_555 FE1 ? B FEO . ? A FEO 137 ? 1_555 OD1 ? A ASP 117 ? A ASP 123 ? 1_555 89.4  ? 
22 O   ? B FEO .   ? A FEO 137 ? 1_555 FE1 ? B FEO . ? A FEO 137 ? 1_555 OD1 ? A ASP 117 ? A ASP 123 ? 1_555 95.2  ? 
23 NE2 ? A HIS 72  ? A HIS 78  ? 1_555 FE1 ? B FEO . ? A FEO 137 ? 1_555 OD1 ? A ASP 117 ? A ASP 123 ? 1_555 86.4  ? 
24 NE2 ? A HIS 76  ? A HIS 82  ? 1_555 FE1 ? B FEO . ? A FEO 137 ? 1_555 OD1 ? A ASP 117 ? A ASP 123 ? 1_555 169.1 ? 
25 NE2 ? A HIS 112 ? A HIS 118 ? 1_555 FE1 ? B FEO . ? A FEO 137 ? 1_555 OD1 ? A ASP 117 ? A ASP 123 ? 1_555 93.4  ? 
# 
_struct_site.id                   AC1 
_struct_site.pdbx_evidence_code   Software 
_struct_site.pdbx_auth_asym_id    A 
_struct_site.pdbx_auth_comp_id    FEO 
_struct_site.pdbx_auth_seq_id     137 
_struct_site.pdbx_auth_ins_code   ? 
_struct_site.pdbx_num_residues    7 
_struct_site.details              'BINDING SITE FOR RESIDUE FEO A 137' 
# 
loop_
_struct_site_gen.id 
_struct_site_gen.site_id 
_struct_site_gen.pdbx_num_res 
_struct_site_gen.label_comp_id 
_struct_site_gen.label_asym_id 
_struct_site_gen.label_seq_id 
_struct_site_gen.pdbx_auth_ins_code 
_struct_site_gen.auth_comp_id 
_struct_site_gen.auth_asym_id 
_struct_site_gen.auth_seq_id 
_struct_site_gen.label_atom_id 
_struct_site_gen.label_alt_id 
_struct_site_gen.symmetry 
_struct_site_gen.details 
1 AC1 7 HIS A 17  ? HIS A 23  . ? 1_555 ? 
2 AC1 7 HIS A 53  ? HIS A 59  . ? 1_555 ? 
3 AC1 7 GLU A 57  ? GLU A 63  . ? 1_555 ? 
4 AC1 7 HIS A 72  ? HIS A 78  . ? 1_555 ? 
5 AC1 7 HIS A 76  ? HIS A 82  . ? 1_555 ? 
6 AC1 7 HIS A 112 ? HIS A 118 . ? 1_555 ? 
7 AC1 7 ASP A 117 ? ASP A 123 . ? 1_555 ? 
# 
loop_
_pdbx_validate_torsion.id 
_pdbx_validate_torsion.PDB_model_num 
_pdbx_validate_torsion.auth_comp_id 
_pdbx_validate_torsion.auth_asym_id 
_pdbx_validate_torsion.auth_seq_id 
_pdbx_validate_torsion.PDB_ins_code 
_pdbx_validate_torsion.label_alt_id 
_pdbx_validate_torsion.phi 
_pdbx_validate_torsion.psi 
1 1 LYS A 8  ? A -57.45  173.97  
2 1 SER A 10 ? A -58.74  -179.74 
3 1 ALA A 14 ? A -46.66  160.42  
4 1 ASN A 15 ? A -174.10 -153.09 
5 1 ASN A 15 ? B -146.70 -157.56 
# 
loop_
_chem_comp_atom.comp_id 
_chem_comp_atom.atom_id 
_chem_comp_atom.type_symbol 
_chem_comp_atom.pdbx_aromatic_flag 
_chem_comp_atom.pdbx_stereo_config 
_chem_comp_atom.pdbx_ordinal 
ALA N    N  N N 1   
ALA CA   C  N S 2   
ALA C    C  N N 3   
ALA O    O  N N 4   
ALA CB   C  N N 5   
ALA OXT  O  N N 6   
ALA H    H  N N 7   
ALA H2   H  N N 8   
ALA HA   H  N N 9   
ALA HB1  H  N N 10  
ALA HB2  H  N N 11  
ALA HB3  H  N N 12  
ALA HXT  H  N N 13  
ARG N    N  N N 14  
ARG CA   C  N S 15  
ARG C    C  N N 16  
ARG O    O  N N 17  
ARG CB   C  N N 18  
ARG CG   C  N N 19  
ARG CD   C  N N 20  
ARG NE   N  N N 21  
ARG CZ   C  N N 22  
ARG NH1  N  N N 23  
ARG NH2  N  N N 24  
ARG OXT  O  N N 25  
ARG H    H  N N 26  
ARG H2   H  N N 27  
ARG HA   H  N N 28  
ARG HB2  H  N N 29  
ARG HB3  H  N N 30  
ARG HG2  H  N N 31  
ARG HG3  H  N N 32  
ARG HD2  H  N N 33  
ARG HD3  H  N N 34  
ARG HE   H  N N 35  
ARG HH11 H  N N 36  
ARG HH12 H  N N 37  
ARG HH21 H  N N 38  
ARG HH22 H  N N 39  
ARG HXT  H  N N 40  
ASN N    N  N N 41  
ASN CA   C  N S 42  
ASN C    C  N N 43  
ASN O    O  N N 44  
ASN CB   C  N N 45  
ASN CG   C  N N 46  
ASN OD1  O  N N 47  
ASN ND2  N  N N 48  
ASN OXT  O  N N 49  
ASN H    H  N N 50  
ASN H2   H  N N 51  
ASN HA   H  N N 52  
ASN HB2  H  N N 53  
ASN HB3  H  N N 54  
ASN HD21 H  N N 55  
ASN HD22 H  N N 56  
ASN HXT  H  N N 57  
ASP N    N  N N 58  
ASP CA   C  N S 59  
ASP C    C  N N 60  
ASP O    O  N N 61  
ASP CB   C  N N 62  
ASP CG   C  N N 63  
ASP OD1  O  N N 64  
ASP OD2  O  N N 65  
ASP OXT  O  N N 66  
ASP H    H  N N 67  
ASP H2   H  N N 68  
ASP HA   H  N N 69  
ASP HB2  H  N N 70  
ASP HB3  H  N N 71  
ASP HD2  H  N N 72  
ASP HXT  H  N N 73  
FEO FE1  FE N N 74  
FEO FE2  FE N N 75  
FEO O    O  N N 76  
GLN N    N  N N 77  
GLN CA   C  N S 78  
GLN C    C  N N 79  
GLN O    O  N N 80  
GLN CB   C  N N 81  
GLN CG   C  N N 82  
GLN CD   C  N N 83  
GLN OE1  O  N N 84  
GLN NE2  N  N N 85  
GLN OXT  O  N N 86  
GLN H    H  N N 87  
GLN H2   H  N N 88  
GLN HA   H  N N 89  
GLN HB2  H  N N 90  
GLN HB3  H  N N 91  
GLN HG2  H  N N 92  
GLN HG3  H  N N 93  
GLN HE21 H  N N 94  
GLN HE22 H  N N 95  
GLN HXT  H  N N 96  
GLU N    N  N N 97  
GLU CA   C  N S 98  
GLU C    C  N N 99  
GLU O    O  N N 100 
GLU CB   C  N N 101 
GLU CG   C  N N 102 
GLU CD   C  N N 103 
GLU OE1  O  N N 104 
GLU OE2  O  N N 105 
GLU OXT  O  N N 106 
GLU H    H  N N 107 
GLU H2   H  N N 108 
GLU HA   H  N N 109 
GLU HB2  H  N N 110 
GLU HB3  H  N N 111 
GLU HG2  H  N N 112 
GLU HG3  H  N N 113 
GLU HE2  H  N N 114 
GLU HXT  H  N N 115 
GLY N    N  N N 116 
GLY CA   C  N N 117 
GLY C    C  N N 118 
GLY O    O  N N 119 
GLY OXT  O  N N 120 
GLY H    H  N N 121 
GLY H2   H  N N 122 
GLY HA2  H  N N 123 
GLY HA3  H  N N 124 
GLY HXT  H  N N 125 
HIS N    N  N N 126 
HIS CA   C  N S 127 
HIS C    C  N N 128 
HIS O    O  N N 129 
HIS CB   C  N N 130 
HIS CG   C  Y N 131 
HIS ND1  N  Y N 132 
HIS CD2  C  Y N 133 
HIS CE1  C  Y N 134 
HIS NE2  N  Y N 135 
HIS OXT  O  N N 136 
HIS H    H  N N 137 
HIS H2   H  N N 138 
HIS HA   H  N N 139 
HIS HB2  H  N N 140 
HIS HB3  H  N N 141 
HIS HD1  H  N N 142 
HIS HD2  H  N N 143 
HIS HE1  H  N N 144 
HIS HE2  H  N N 145 
HIS HXT  H  N N 146 
HOH O    O  N N 147 
HOH H1   H  N N 148 
HOH H2   H  N N 149 
ILE N    N  N N 150 
ILE CA   C  N S 151 
ILE C    C  N N 152 
ILE O    O  N N 153 
ILE CB   C  N S 154 
ILE CG1  C  N N 155 
ILE CG2  C  N N 156 
ILE CD1  C  N N 157 
ILE OXT  O  N N 158 
ILE H    H  N N 159 
ILE H2   H  N N 160 
ILE HA   H  N N 161 
ILE HB   H  N N 162 
ILE HG12 H  N N 163 
ILE HG13 H  N N 164 
ILE HG21 H  N N 165 
ILE HG22 H  N N 166 
ILE HG23 H  N N 167 
ILE HD11 H  N N 168 
ILE HD12 H  N N 169 
ILE HD13 H  N N 170 
ILE HXT  H  N N 171 
LEU N    N  N N 172 
LEU CA   C  N S 173 
LEU C    C  N N 174 
LEU O    O  N N 175 
LEU CB   C  N N 176 
LEU CG   C  N N 177 
LEU CD1  C  N N 178 
LEU CD2  C  N N 179 
LEU OXT  O  N N 180 
LEU H    H  N N 181 
LEU H2   H  N N 182 
LEU HA   H  N N 183 
LEU HB2  H  N N 184 
LEU HB3  H  N N 185 
LEU HG   H  N N 186 
LEU HD11 H  N N 187 
LEU HD12 H  N N 188 
LEU HD13 H  N N 189 
LEU HD21 H  N N 190 
LEU HD22 H  N N 191 
LEU HD23 H  N N 192 
LEU HXT  H  N N 193 
LYS N    N  N N 194 
LYS CA   C  N S 195 
LYS C    C  N N 196 
LYS O    O  N N 197 
LYS CB   C  N N 198 
LYS CG   C  N N 199 
LYS CD   C  N N 200 
LYS CE   C  N N 201 
LYS NZ   N  N N 202 
LYS OXT  O  N N 203 
LYS H    H  N N 204 
LYS H2   H  N N 205 
LYS HA   H  N N 206 
LYS HB2  H  N N 207 
LYS HB3  H  N N 208 
LYS HG2  H  N N 209 
LYS HG3  H  N N 210 
LYS HD2  H  N N 211 
LYS HD3  H  N N 212 
LYS HE2  H  N N 213 
LYS HE3  H  N N 214 
LYS HZ1  H  N N 215 
LYS HZ2  H  N N 216 
LYS HZ3  H  N N 217 
LYS HXT  H  N N 218 
MET N    N  N N 219 
MET CA   C  N S 220 
MET C    C  N N 221 
MET O    O  N N 222 
MET CB   C  N N 223 
MET CG   C  N N 224 
MET SD   S  N N 225 
MET CE   C  N N 226 
MET OXT  O  N N 227 
MET H    H  N N 228 
MET H2   H  N N 229 
MET HA   H  N N 230 
MET HB2  H  N N 231 
MET HB3  H  N N 232 
MET HG2  H  N N 233 
MET HG3  H  N N 234 
MET HE1  H  N N 235 
MET HE2  H  N N 236 
MET HE3  H  N N 237 
MET HXT  H  N N 238 
PHE N    N  N N 239 
PHE CA   C  N S 240 
PHE C    C  N N 241 
PHE O    O  N N 242 
PHE CB   C  N N 243 
PHE CG   C  Y N 244 
PHE CD1  C  Y N 245 
PHE CD2  C  Y N 246 
PHE CE1  C  Y N 247 
PHE CE2  C  Y N 248 
PHE CZ   C  Y N 249 
PHE OXT  O  N N 250 
PHE H    H  N N 251 
PHE H2   H  N N 252 
PHE HA   H  N N 253 
PHE HB2  H  N N 254 
PHE HB3  H  N N 255 
PHE HD1  H  N N 256 
PHE HD2  H  N N 257 
PHE HE1  H  N N 258 
PHE HE2  H  N N 259 
PHE HZ   H  N N 260 
PHE HXT  H  N N 261 
PRO N    N  N N 262 
PRO CA   C  N S 263 
PRO C    C  N N 264 
PRO O    O  N N 265 
PRO CB   C  N N 266 
PRO CG   C  N N 267 
PRO CD   C  N N 268 
PRO OXT  O  N N 269 
PRO H    H  N N 270 
PRO HA   H  N N 271 
PRO HB2  H  N N 272 
PRO HB3  H  N N 273 
PRO HG2  H  N N 274 
PRO HG3  H  N N 275 
PRO HD2  H  N N 276 
PRO HD3  H  N N 277 
PRO HXT  H  N N 278 
SER N    N  N N 279 
SER CA   C  N S 280 
SER C    C  N N 281 
SER O    O  N N 282 
SER CB   C  N N 283 
SER OG   O  N N 284 
SER OXT  O  N N 285 
SER H    H  N N 286 
SER H2   H  N N 287 
SER HA   H  N N 288 
SER HB2  H  N N 289 
SER HB3  H  N N 290 
SER HG   H  N N 291 
SER HXT  H  N N 292 
THR N    N  N N 293 
THR CA   C  N S 294 
THR C    C  N N 295 
THR O    O  N N 296 
THR CB   C  N R 297 
THR OG1  O  N N 298 
THR CG2  C  N N 299 
THR OXT  O  N N 300 
THR H    H  N N 301 
THR H2   H  N N 302 
THR HA   H  N N 303 
THR HB   H  N N 304 
THR HG1  H  N N 305 
THR HG21 H  N N 306 
THR HG22 H  N N 307 
THR HG23 H  N N 308 
THR HXT  H  N N 309 
TRP N    N  N N 310 
TRP CA   C  N S 311 
TRP C    C  N N 312 
TRP O    O  N N 313 
TRP CB   C  N N 314 
TRP CG   C  Y N 315 
TRP CD1  C  Y N 316 
TRP CD2  C  Y N 317 
TRP NE1  N  Y N 318 
TRP CE2  C  Y N 319 
TRP CE3  C  Y N 320 
TRP CZ2  C  Y N 321 
TRP CZ3  C  Y N 322 
TRP CH2  C  Y N 323 
TRP OXT  O  N N 324 
TRP H    H  N N 325 
TRP H2   H  N N 326 
TRP HA   H  N N 327 
TRP HB2  H  N N 328 
TRP HB3  H  N N 329 
TRP HD1  H  N N 330 
TRP HE1  H  N N 331 
TRP HE3  H  N N 332 
TRP HZ2  H  N N 333 
TRP HZ3  H  N N 334 
TRP HH2  H  N N 335 
TRP HXT  H  N N 336 
TYR N    N  N N 337 
TYR CA   C  N S 338 
TYR C    C  N N 339 
TYR O    O  N N 340 
TYR CB   C  N N 341 
TYR CG   C  Y N 342 
TYR CD1  C  Y N 343 
TYR CD2  C  Y N 344 
TYR CE1  C  Y N 345 
TYR CE2  C  Y N 346 
TYR CZ   C  Y N 347 
TYR OH   O  N N 348 
TYR OXT  O  N N 349 
TYR H    H  N N 350 
TYR H2   H  N N 351 
TYR HA   H  N N 352 
TYR HB2  H  N N 353 
TYR HB3  H  N N 354 
TYR HD1  H  N N 355 
TYR HD2  H  N N 356 
TYR HE1  H  N N 357 
TYR HE2  H  N N 358 
TYR HH   H  N N 359 
TYR HXT  H  N N 360 
VAL N    N  N N 361 
VAL CA   C  N S 362 
VAL C    C  N N 363 
VAL O    O  N N 364 
VAL CB   C  N N 365 
VAL CG1  C  N N 366 
VAL CG2  C  N N 367 
VAL OXT  O  N N 368 
VAL H    H  N N 369 
VAL H2   H  N N 370 
VAL HA   H  N N 371 
VAL HB   H  N N 372 
VAL HG11 H  N N 373 
VAL HG12 H  N N 374 
VAL HG13 H  N N 375 
VAL HG21 H  N N 376 
VAL HG22 H  N N 377 
VAL HG23 H  N N 378 
VAL HXT  H  N N 379 
# 
loop_
_chem_comp_bond.comp_id 
_chem_comp_bond.atom_id_1 
_chem_comp_bond.atom_id_2 
_chem_comp_bond.value_order 
_chem_comp_bond.pdbx_aromatic_flag 
_chem_comp_bond.pdbx_stereo_config 
_chem_comp_bond.pdbx_ordinal 
ALA N   CA   sing N N 1   
ALA N   H    sing N N 2   
ALA N   H2   sing N N 3   
ALA CA  C    sing N N 4   
ALA CA  CB   sing N N 5   
ALA CA  HA   sing N N 6   
ALA C   O    doub N N 7   
ALA C   OXT  sing N N 8   
ALA CB  HB1  sing N N 9   
ALA CB  HB2  sing N N 10  
ALA CB  HB3  sing N N 11  
ALA OXT HXT  sing N N 12  
ARG N   CA   sing N N 13  
ARG N   H    sing N N 14  
ARG N   H2   sing N N 15  
ARG CA  C    sing N N 16  
ARG CA  CB   sing N N 17  
ARG CA  HA   sing N N 18  
ARG C   O    doub N N 19  
ARG C   OXT  sing N N 20  
ARG CB  CG   sing N N 21  
ARG CB  HB2  sing N N 22  
ARG CB  HB3  sing N N 23  
ARG CG  CD   sing N N 24  
ARG CG  HG2  sing N N 25  
ARG CG  HG3  sing N N 26  
ARG CD  NE   sing N N 27  
ARG CD  HD2  sing N N 28  
ARG CD  HD3  sing N N 29  
ARG NE  CZ   sing N N 30  
ARG NE  HE   sing N N 31  
ARG CZ  NH1  sing N N 32  
ARG CZ  NH2  doub N N 33  
ARG NH1 HH11 sing N N 34  
ARG NH1 HH12 sing N N 35  
ARG NH2 HH21 sing N N 36  
ARG NH2 HH22 sing N N 37  
ARG OXT HXT  sing N N 38  
ASN N   CA   sing N N 39  
ASN N   H    sing N N 40  
ASN N   H2   sing N N 41  
ASN CA  C    sing N N 42  
ASN CA  CB   sing N N 43  
ASN CA  HA   sing N N 44  
ASN C   O    doub N N 45  
ASN C   OXT  sing N N 46  
ASN CB  CG   sing N N 47  
ASN CB  HB2  sing N N 48  
ASN CB  HB3  sing N N 49  
ASN CG  OD1  doub N N 50  
ASN CG  ND2  sing N N 51  
ASN ND2 HD21 sing N N 52  
ASN ND2 HD22 sing N N 53  
ASN OXT HXT  sing N N 54  
ASP N   CA   sing N N 55  
ASP N   H    sing N N 56  
ASP N   H2   sing N N 57  
ASP CA  C    sing N N 58  
ASP CA  CB   sing N N 59  
ASP CA  HA   sing N N 60  
ASP C   O    doub N N 61  
ASP C   OXT  sing N N 62  
ASP CB  CG   sing N N 63  
ASP CB  HB2  sing N N 64  
ASP CB  HB3  sing N N 65  
ASP CG  OD1  doub N N 66  
ASP CG  OD2  sing N N 67  
ASP OD2 HD2  sing N N 68  
ASP OXT HXT  sing N N 69  
FEO FE1 O    sing N N 70  
FEO FE2 O    sing N N 71  
GLN N   CA   sing N N 72  
GLN N   H    sing N N 73  
GLN N   H2   sing N N 74  
GLN CA  C    sing N N 75  
GLN CA  CB   sing N N 76  
GLN CA  HA   sing N N 77  
GLN C   O    doub N N 78  
GLN C   OXT  sing N N 79  
GLN CB  CG   sing N N 80  
GLN CB  HB2  sing N N 81  
GLN CB  HB3  sing N N 82  
GLN CG  CD   sing N N 83  
GLN CG  HG2  sing N N 84  
GLN CG  HG3  sing N N 85  
GLN CD  OE1  doub N N 86  
GLN CD  NE2  sing N N 87  
GLN NE2 HE21 sing N N 88  
GLN NE2 HE22 sing N N 89  
GLN OXT HXT  sing N N 90  
GLU N   CA   sing N N 91  
GLU N   H    sing N N 92  
GLU N   H2   sing N N 93  
GLU CA  C    sing N N 94  
GLU CA  CB   sing N N 95  
GLU CA  HA   sing N N 96  
GLU C   O    doub N N 97  
GLU C   OXT  sing N N 98  
GLU CB  CG   sing N N 99  
GLU CB  HB2  sing N N 100 
GLU CB  HB3  sing N N 101 
GLU CG  CD   sing N N 102 
GLU CG  HG2  sing N N 103 
GLU CG  HG3  sing N N 104 
GLU CD  OE1  doub N N 105 
GLU CD  OE2  sing N N 106 
GLU OE2 HE2  sing N N 107 
GLU OXT HXT  sing N N 108 
GLY N   CA   sing N N 109 
GLY N   H    sing N N 110 
GLY N   H2   sing N N 111 
GLY CA  C    sing N N 112 
GLY CA  HA2  sing N N 113 
GLY CA  HA3  sing N N 114 
GLY C   O    doub N N 115 
GLY C   OXT  sing N N 116 
GLY OXT HXT  sing N N 117 
HIS N   CA   sing N N 118 
HIS N   H    sing N N 119 
HIS N   H2   sing N N 120 
HIS CA  C    sing N N 121 
HIS CA  CB   sing N N 122 
HIS CA  HA   sing N N 123 
HIS C   O    doub N N 124 
HIS C   OXT  sing N N 125 
HIS CB  CG   sing N N 126 
HIS CB  HB2  sing N N 127 
HIS CB  HB3  sing N N 128 
HIS CG  ND1  sing Y N 129 
HIS CG  CD2  doub Y N 130 
HIS ND1 CE1  doub Y N 131 
HIS ND1 HD1  sing N N 132 
HIS CD2 NE2  sing Y N 133 
HIS CD2 HD2  sing N N 134 
HIS CE1 NE2  sing Y N 135 
HIS CE1 HE1  sing N N 136 
HIS NE2 HE2  sing N N 137 
HIS OXT HXT  sing N N 138 
HOH O   H1   sing N N 139 
HOH O   H2   sing N N 140 
ILE N   CA   sing N N 141 
ILE N   H    sing N N 142 
ILE N   H2   sing N N 143 
ILE CA  C    sing N N 144 
ILE CA  CB   sing N N 145 
ILE CA  HA   sing N N 146 
ILE C   O    doub N N 147 
ILE C   OXT  sing N N 148 
ILE CB  CG1  sing N N 149 
ILE CB  CG2  sing N N 150 
ILE CB  HB   sing N N 151 
ILE CG1 CD1  sing N N 152 
ILE CG1 HG12 sing N N 153 
ILE CG1 HG13 sing N N 154 
ILE CG2 HG21 sing N N 155 
ILE CG2 HG22 sing N N 156 
ILE CG2 HG23 sing N N 157 
ILE CD1 HD11 sing N N 158 
ILE CD1 HD12 sing N N 159 
ILE CD1 HD13 sing N N 160 
ILE OXT HXT  sing N N 161 
LEU N   CA   sing N N 162 
LEU N   H    sing N N 163 
LEU N   H2   sing N N 164 
LEU CA  C    sing N N 165 
LEU CA  CB   sing N N 166 
LEU CA  HA   sing N N 167 
LEU C   O    doub N N 168 
LEU C   OXT  sing N N 169 
LEU CB  CG   sing N N 170 
LEU CB  HB2  sing N N 171 
LEU CB  HB3  sing N N 172 
LEU CG  CD1  sing N N 173 
LEU CG  CD2  sing N N 174 
LEU CG  HG   sing N N 175 
LEU CD1 HD11 sing N N 176 
LEU CD1 HD12 sing N N 177 
LEU CD1 HD13 sing N N 178 
LEU CD2 HD21 sing N N 179 
LEU CD2 HD22 sing N N 180 
LEU CD2 HD23 sing N N 181 
LEU OXT HXT  sing N N 182 
LYS N   CA   sing N N 183 
LYS N   H    sing N N 184 
LYS N   H2   sing N N 185 
LYS CA  C    sing N N 186 
LYS CA  CB   sing N N 187 
LYS CA  HA   sing N N 188 
LYS C   O    doub N N 189 
LYS C   OXT  sing N N 190 
LYS CB  CG   sing N N 191 
LYS CB  HB2  sing N N 192 
LYS CB  HB3  sing N N 193 
LYS CG  CD   sing N N 194 
LYS CG  HG2  sing N N 195 
LYS CG  HG3  sing N N 196 
LYS CD  CE   sing N N 197 
LYS CD  HD2  sing N N 198 
LYS CD  HD3  sing N N 199 
LYS CE  NZ   sing N N 200 
LYS CE  HE2  sing N N 201 
LYS CE  HE3  sing N N 202 
LYS NZ  HZ1  sing N N 203 
LYS NZ  HZ2  sing N N 204 
LYS NZ  HZ3  sing N N 205 
LYS OXT HXT  sing N N 206 
MET N   CA   sing N N 207 
MET N   H    sing N N 208 
MET N   H2   sing N N 209 
MET CA  C    sing N N 210 
MET CA  CB   sing N N 211 
MET CA  HA   sing N N 212 
MET C   O    doub N N 213 
MET C   OXT  sing N N 214 
MET CB  CG   sing N N 215 
MET CB  HB2  sing N N 216 
MET CB  HB3  sing N N 217 
MET CG  SD   sing N N 218 
MET CG  HG2  sing N N 219 
MET CG  HG3  sing N N 220 
MET SD  CE   sing N N 221 
MET CE  HE1  sing N N 222 
MET CE  HE2  sing N N 223 
MET CE  HE3  sing N N 224 
MET OXT HXT  sing N N 225 
PHE N   CA   sing N N 226 
PHE N   H    sing N N 227 
PHE N   H2   sing N N 228 
PHE CA  C    sing N N 229 
PHE CA  CB   sing N N 230 
PHE CA  HA   sing N N 231 
PHE C   O    doub N N 232 
PHE C   OXT  sing N N 233 
PHE CB  CG   sing N N 234 
PHE CB  HB2  sing N N 235 
PHE CB  HB3  sing N N 236 
PHE CG  CD1  doub Y N 237 
PHE CG  CD2  sing Y N 238 
PHE CD1 CE1  sing Y N 239 
PHE CD1 HD1  sing N N 240 
PHE CD2 CE2  doub Y N 241 
PHE CD2 HD2  sing N N 242 
PHE CE1 CZ   doub Y N 243 
PHE CE1 HE1  sing N N 244 
PHE CE2 CZ   sing Y N 245 
PHE CE2 HE2  sing N N 246 
PHE CZ  HZ   sing N N 247 
PHE OXT HXT  sing N N 248 
PRO N   CA   sing N N 249 
PRO N   CD   sing N N 250 
PRO N   H    sing N N 251 
PRO CA  C    sing N N 252 
PRO CA  CB   sing N N 253 
PRO CA  HA   sing N N 254 
PRO C   O    doub N N 255 
PRO C   OXT  sing N N 256 
PRO CB  CG   sing N N 257 
PRO CB  HB2  sing N N 258 
PRO CB  HB3  sing N N 259 
PRO CG  CD   sing N N 260 
PRO CG  HG2  sing N N 261 
PRO CG  HG3  sing N N 262 
PRO CD  HD2  sing N N 263 
PRO CD  HD3  sing N N 264 
PRO OXT HXT  sing N N 265 
SER N   CA   sing N N 266 
SER N   H    sing N N 267 
SER N   H2   sing N N 268 
SER CA  C    sing N N 269 
SER CA  CB   sing N N 270 
SER CA  HA   sing N N 271 
SER C   O    doub N N 272 
SER C   OXT  sing N N 273 
SER CB  OG   sing N N 274 
SER CB  HB2  sing N N 275 
SER CB  HB3  sing N N 276 
SER OG  HG   sing N N 277 
SER OXT HXT  sing N N 278 
THR N   CA   sing N N 279 
THR N   H    sing N N 280 
THR N   H2   sing N N 281 
THR CA  C    sing N N 282 
THR CA  CB   sing N N 283 
THR CA  HA   sing N N 284 
THR C   O    doub N N 285 
THR C   OXT  sing N N 286 
THR CB  OG1  sing N N 287 
THR CB  CG2  sing N N 288 
THR CB  HB   sing N N 289 
THR OG1 HG1  sing N N 290 
THR CG2 HG21 sing N N 291 
THR CG2 HG22 sing N N 292 
THR CG2 HG23 sing N N 293 
THR OXT HXT  sing N N 294 
TRP N   CA   sing N N 295 
TRP N   H    sing N N 296 
TRP N   H2   sing N N 297 
TRP CA  C    sing N N 298 
TRP CA  CB   sing N N 299 
TRP CA  HA   sing N N 300 
TRP C   O    doub N N 301 
TRP C   OXT  sing N N 302 
TRP CB  CG   sing N N 303 
TRP CB  HB2  sing N N 304 
TRP CB  HB3  sing N N 305 
TRP CG  CD1  doub Y N 306 
TRP CG  CD2  sing Y N 307 
TRP CD1 NE1  sing Y N 308 
TRP CD1 HD1  sing N N 309 
TRP CD2 CE2  doub Y N 310 
TRP CD2 CE3  sing Y N 311 
TRP NE1 CE2  sing Y N 312 
TRP NE1 HE1  sing N N 313 
TRP CE2 CZ2  sing Y N 314 
TRP CE3 CZ3  doub Y N 315 
TRP CE3 HE3  sing N N 316 
TRP CZ2 CH2  doub Y N 317 
TRP CZ2 HZ2  sing N N 318 
TRP CZ3 CH2  sing Y N 319 
TRP CZ3 HZ3  sing N N 320 
TRP CH2 HH2  sing N N 321 
TRP OXT HXT  sing N N 322 
TYR N   CA   sing N N 323 
TYR N   H    sing N N 324 
TYR N   H2   sing N N 325 
TYR CA  C    sing N N 326 
TYR CA  CB   sing N N 327 
TYR CA  HA   sing N N 328 
TYR C   O    doub N N 329 
TYR C   OXT  sing N N 330 
TYR CB  CG   sing N N 331 
TYR CB  HB2  sing N N 332 
TYR CB  HB3  sing N N 333 
TYR CG  CD1  doub Y N 334 
TYR CG  CD2  sing Y N 335 
TYR CD1 CE1  sing Y N 336 
TYR CD1 HD1  sing N N 337 
TYR CD2 CE2  doub Y N 338 
TYR CD2 HD2  sing N N 339 
TYR CE1 CZ   doub Y N 340 
TYR CE1 HE1  sing N N 341 
TYR CE2 CZ   sing Y N 342 
TYR CE2 HE2  sing N N 343 
TYR CZ  OH   sing N N 344 
TYR OH  HH   sing N N 345 
TYR OXT HXT  sing N N 346 
VAL N   CA   sing N N 347 
VAL N   H    sing N N 348 
VAL N   H2   sing N N 349 
VAL CA  C    sing N N 350 
VAL CA  CB   sing N N 351 
VAL CA  HA   sing N N 352 
VAL C   O    doub N N 353 
VAL C   OXT  sing N N 354 
VAL CB  CG1  sing N N 355 
VAL CB  CG2  sing N N 356 
VAL CB  HB   sing N N 357 
VAL CG1 HG11 sing N N 358 
VAL CG1 HG12 sing N N 359 
VAL CG1 HG13 sing N N 360 
VAL CG2 HG21 sing N N 361 
VAL CG2 HG22 sing N N 362 
VAL CG2 HG23 sing N N 363 
VAL OXT HXT  sing N N 364 
# 
_atom_sites.entry_id                    2AWC 
_atom_sites.fract_transf_matrix[1][1]   -0.01172204 
_atom_sites.fract_transf_matrix[1][2]   0.00346969 
_atom_sites.fract_transf_matrix[1][3]   0.01932154 
_atom_sites.fract_transf_matrix[2][1]   -0.01042703 
_atom_sites.fract_transf_matrix[2][2]   -0.02830814 
_atom_sites.fract_transf_matrix[2][3]   -0.00124243 
_atom_sites.fract_transf_matrix[3][1]   0.01637535 
_atom_sites.fract_transf_matrix[3][2]   -0.00664262 
_atom_sites.fract_transf_matrix[3][3]   0.01391935 
_atom_sites.fract_transf_vector[1]      -0.269856 
_atom_sites.fract_transf_vector[2]      -0.201248 
_atom_sites.fract_transf_vector[3]      -0.228017 
# 
loop_
_atom_type.symbol 
C  
FE 
N  
O  
S  
# 
loop_
_atom_site.group_PDB 
_atom_site.id 
_atom_site.type_symbol 
_atom_site.label_atom_id 
_atom_site.label_alt_id 
_atom_site.label_comp_id 
_atom_site.label_asym_id 
_atom_site.label_entity_id 
_atom_site.label_seq_id 
_atom_site.pdbx_PDB_ins_code 
_atom_site.Cartn_x 
_atom_site.Cartn_y 
_atom_site.Cartn_z 
_atom_site.occupancy 
_atom_site.B_iso_or_equiv 
_atom_site.pdbx_formal_charge 
_atom_site.auth_seq_id 
_atom_site.auth_comp_id 
_atom_site.auth_asym_id 
_atom_site.auth_atom_id 
_atom_site.pdbx_PDB_model_num 
ATOM   1    N  N   A VAL A 1 1   ? -8.852  -6.407  5.754   0.56 53.42 ? 7   VAL A N   1 
ATOM   2    N  N   B VAL A 1 1   ? -5.237  -7.783  8.895   0.44 36.11 ? 7   VAL A N   1 
ATOM   3    C  CA  A VAL A 1 1   ? -9.254  -5.102  6.355   0.56 53.30 ? 7   VAL A CA  1 
ATOM   4    C  CA  B VAL A 1 1   ? -6.195  -6.653  9.047   0.44 36.43 ? 7   VAL A CA  1 
ATOM   5    C  C   A VAL A 1 1   ? -10.508 -4.550  5.684   0.56 53.40 ? 7   VAL A C   1 
ATOM   6    C  C   B VAL A 1 1   ? -7.376  -6.823  8.095   0.44 37.22 ? 7   VAL A C   1 
ATOM   7    O  O   A VAL A 1 1   ? -10.686 -4.684  4.472   0.56 52.63 ? 7   VAL A O   1 
ATOM   8    O  O   B VAL A 1 1   ? -7.228  -7.366  7.000   0.44 37.17 ? 7   VAL A O   1 
ATOM   9    C  CB  A VAL A 1 1   ? -8.119  -4.056  6.228   0.56 53.23 ? 7   VAL A CB  1 
ATOM   10   C  CB  B VAL A 1 1   ? -5.500  -5.304  8.762   0.44 35.81 ? 7   VAL A CB  1 
ATOM   11   C  CG1 A VAL A 1 1   ? -8.602  -2.694  6.704   0.56 53.33 ? 7   VAL A CG1 1 
ATOM   12   C  CG1 B VAL A 1 1   ? -4.244  -5.184  9.610   0.44 34.42 ? 7   VAL A CG1 1 
ATOM   13   C  CG2 A VAL A 1 1   ? -6.912  -4.499  7.047   0.56 53.00 ? 7   VAL A CG2 1 
ATOM   14   C  CG2 B VAL A 1 1   ? -5.157  -5.188  7.287   0.44 34.91 ? 7   VAL A CG2 1 
ATOM   15   N  N   A LYS A 1 2   ? -11.373 -3.932  6.485   0.56 53.78 ? 8   LYS A N   1 
ATOM   16   N  N   B LYS A 1 2   ? -8.550  -6.364  8.520   0.44 38.55 ? 8   LYS A N   1 
ATOM   17   C  CA  A LYS A 1 2   ? -12.619 -3.352  5.993   0.56 53.97 ? 8   LYS A CA  1 
ATOM   18   C  CA  B LYS A 1 2   ? -9.753  -6.472  7.701   0.44 39.53 ? 8   LYS A CA  1 
ATOM   19   C  C   A LYS A 1 2   ? -12.360 -2.319  4.900   0.56 53.81 ? 8   LYS A C   1 
ATOM   20   C  C   B LYS A 1 2   ? -9.895  -5.200  6.868   0.44 40.23 ? 8   LYS A C   1 
ATOM   21   O  O   A LYS A 1 2   ? -11.213 -1.974  4.614   0.56 54.34 ? 8   LYS A O   1 
ATOM   22   O  O   B LYS A 1 2   ? -9.320  -4.166  7.210   0.44 39.94 ? 8   LYS A O   1 
ATOM   23   C  CB  A LYS A 1 2   ? -13.384 -2.684  7.141   0.56 54.13 ? 8   LYS A CB  1 
ATOM   24   C  CB  B LYS A 1 2   ? -10.985 -6.659  8.595   0.44 39.31 ? 8   LYS A CB  1 
ATOM   25   C  CG  A LYS A 1 2   ? -13.796 -3.614  8.267   0.56 54.09 ? 8   LYS A CG  1 
ATOM   26   C  CG  B LYS A 1 2   ? -12.134 -7.423  7.943   0.44 39.28 ? 8   LYS A CG  1 
ATOM   27   C  CD  A LYS A 1 2   ? -14.496 -2.834  9.369   0.56 54.06 ? 8   LYS A CD  1 
ATOM   28   C  CD  B LYS A 1 2   ? -11.769 -8.890  7.731   0.44 38.88 ? 8   LYS A CD  1 
ATOM   29   C  CE  A LYS A 1 2   ? -14.921 -3.736  10.514  0.56 54.23 ? 8   LYS A CE  1 
ATOM   30   C  CE  B LYS A 1 2   ? -12.910 -9.672  7.095   0.44 38.35 ? 8   LYS A CE  1 
ATOM   31   N  NZ  A LYS A 1 2   ? -15.597 -2.966  11.596  0.56 53.93 ? 8   LYS A NZ  1 
ATOM   32   N  NZ  B LYS A 1 2   ? -14.125 -9.728  7.956   0.44 38.36 ? 8   LYS A NZ  1 
ATOM   33   N  N   A TRP A 1 3   ? -13.436 -1.823  4.299   0.56 53.50 ? 9   TRP A N   1 
ATOM   34   N  N   B TRP A 1 3   ? -10.657 -5.276  5.780   0.44 40.87 ? 9   TRP A N   1 
ATOM   35   C  CA  A TRP A 1 3   ? -13.325 -0.828  3.241   0.56 53.41 ? 9   TRP A CA  1 
ATOM   36   C  CA  B TRP A 1 3   ? -10.851 -4.125  4.902   0.44 41.71 ? 9   TRP A CA  1 
ATOM   37   C  C   A TRP A 1 3   ? -14.280 0.337   3.474   0.56 53.30 ? 9   TRP A C   1 
ATOM   38   C  C   B TRP A 1 3   ? -12.153 -3.361  5.150   0.44 42.09 ? 9   TRP A C   1 
ATOM   39   O  O   A TRP A 1 3   ? -15.293 0.469   2.789   0.56 53.74 ? 9   TRP A O   1 
ATOM   40   O  O   B TRP A 1 3   ? -13.245 -3.919  5.038   0.44 42.94 ? 9   TRP A O   1 
ATOM   41   C  CB  A TRP A 1 3   ? -13.611 -1.471  1.885   0.56 52.88 ? 9   TRP A CB  1 
ATOM   42   C  CB  B TRP A 1 3   ? -10.788 -4.572  3.437   0.44 41.76 ? 9   TRP A CB  1 
ATOM   43   C  CG  A TRP A 1 3   ? -12.552 -1.181  0.878   0.56 52.82 ? 9   TRP A CG  1 
ATOM   44   C  CG  B TRP A 1 3   ? -11.137 -3.484  2.469   0.44 42.17 ? 9   TRP A CG  1 
ATOM   45   C  CD1 A TRP A 1 3   ? -12.673 -0.422  -0.250  0.56 52.82 ? 9   TRP A CD1 1 
ATOM   46   C  CD1 B TRP A 1 3   ? -12.390 -3.078  2.106   0.44 42.70 ? 9   TRP A CD1 1 
ATOM   47   C  CD2 A TRP A 1 3   ? -11.188 -1.617  0.925   0.56 52.84 ? 9   TRP A CD2 1 
ATOM   48   C  CD2 B TRP A 1 3   ? -10.222 -2.618  1.788   0.44 42.39 ? 9   TRP A CD2 1 
ATOM   49   N  NE1 A TRP A 1 3   ? -11.468 -0.355  -0.907  0.56 52.52 ? 9   TRP A NE1 1 
ATOM   50   N  NE1 B TRP A 1 3   ? -12.313 -2.012  1.242   0.44 42.80 ? 9   TRP A NE1 1 
ATOM   51   C  CE2 A TRP A 1 3   ? -10.539 -1.080  -0.208  0.56 52.37 ? 9   TRP A CE2 1 
ATOM   52   C  CE2 B TRP A 1 3   ? -10.993 -1.708  1.030   0.44 42.53 ? 9   TRP A CE2 1 
ATOM   53   C  CE3 A TRP A 1 3   ? -10.451 -2.408  1.816   0.56 52.80 ? 9   TRP A CE3 1 
ATOM   54   C  CE3 B TRP A 1 3   ? -8.824  -2.521  1.746   0.44 42.15 ? 9   TRP A CE3 1 
ATOM   55   C  CZ2 A TRP A 1 3   ? -9.186  -1.307  -0.473  0.56 52.54 ? 9   TRP A CZ2 1 
ATOM   56   C  CZ2 B TRP A 1 3   ? -10.412 -0.712  0.237   0.44 41.90 ? 9   TRP A CZ2 1 
ATOM   57   C  CZ3 A TRP A 1 3   ? -9.104  -2.636  1.552   0.56 52.46 ? 9   TRP A CZ3 1 
ATOM   58   C  CZ3 B TRP A 1 3   ? -8.247  -1.529  0.958   0.44 41.89 ? 9   TRP A CZ3 1 
ATOM   59   C  CH2 A TRP A 1 3   ? -8.487  -2.086  0.416   0.56 52.37 ? 9   TRP A CH2 1 
ATOM   60   C  CH2 B TRP A 1 3   ? -9.043  -0.638  0.214   0.44 41.69 ? 9   TRP A CH2 1 
ATOM   61   N  N   A SER A 1 4   ? -13.946 1.182   4.446   0.56 53.00 ? 10  SER A N   1 
ATOM   62   N  N   B SER A 1 4   ? -12.026 -2.075  5.473   0.44 42.49 ? 10  SER A N   1 
ATOM   63   C  CA  A SER A 1 4   ? -14.765 2.339   4.781   0.56 52.11 ? 10  SER A CA  1 
ATOM   64   C  CA  B SER A 1 4   ? -13.184 -1.220  5.731   0.44 42.56 ? 10  SER A CA  1 
ATOM   65   C  C   A SER A 1 4   ? -14.918 3.251   3.567   0.56 51.59 ? 10  SER A C   1 
ATOM   66   C  C   B SER A 1 4   ? -13.598 -0.476  4.467   0.44 42.41 ? 10  SER A C   1 
ATOM   67   O  O   A SER A 1 4   ? -14.391 2.958   2.493   0.56 51.83 ? 10  SER A O   1 
ATOM   68   O  O   B SER A 1 4   ? -12.800 -0.316  3.542   0.44 42.62 ? 10  SER A O   1 
ATOM   69   C  CB  A SER A 1 4   ? -14.129 3.113   5.940   0.56 52.11 ? 10  SER A CB  1 
ATOM   70   C  CB  B SER A 1 4   ? -12.865 -0.211  6.838   0.44 42.31 ? 10  SER A CB  1 
ATOM   71   O  OG  A SER A 1 4   ? -14.952 4.186   6.363   0.56 52.35 ? 10  SER A OG  1 
ATOM   72   O  OG  B SER A 1 4   ? -12.549 -0.866  8.056   0.44 43.24 ? 10  SER A OG  1 
ATOM   73   N  N   A GLU A 1 5   ? -15.642 4.352   3.737   0.56 50.40 ? 11  GLU A N   1 
ATOM   74   N  N   B GLU A 1 5   ? -14.848 -0.017  4.436   0.44 42.05 ? 11  GLU A N   1 
ATOM   75   C  CA  A GLU A 1 5   ? -15.861 5.297   2.648   0.56 49.54 ? 11  GLU A CA  1 
ATOM   76   C  CA  B GLU A 1 5   ? -15.379 0.703   3.282   0.44 40.91 ? 11  GLU A CA  1 
ATOM   77   C  C   A GLU A 1 5   ? -14.592 6.042   2.259   0.56 48.15 ? 11  GLU A C   1 
ATOM   78   C  C   B GLU A 1 5   ? -14.992 2.178   3.215   0.44 40.33 ? 11  GLU A C   1 
ATOM   79   O  O   A GLU A 1 5   ? -14.366 6.316   1.081   0.56 48.11 ? 11  GLU A O   1 
ATOM   80   O  O   B GLU A 1 5   ? -15.384 2.877   2.281   0.44 39.81 ? 11  GLU A O   1 
ATOM   81   C  CB  A GLU A 1 5   ? -16.954 6.297   3.033   0.56 50.69 ? 11  GLU A CB  1 
ATOM   82   C  CB  B GLU A 1 5   ? -16.906 0.581   3.238   0.44 40.41 ? 11  GLU A CB  1 
ATOM   83   C  CG  A GLU A 1 5   ? -18.368 5.751   2.897   0.56 51.96 ? 11  GLU A CG  1 
ATOM   84   C  CG  B GLU A 1 5   ? -17.410 -0.706  2.608   0.44 40.41 ? 11  GLU A CG  1 
ATOM   85   C  CD  A GLU A 1 5   ? -18.518 4.354   3.475   0.56 53.02 ? 11  GLU A CD  1 
ATOM   86   C  CD  B GLU A 1 5   ? -16.988 -0.843  1.155   0.44 40.49 ? 11  GLU A CD  1 
ATOM   87   O  OE1 A GLU A 1 5   ? -18.214 4.165   4.673   0.56 54.38 ? 11  GLU A OE1 1 
ATOM   88   O  OE1 B GLU A 1 5   ? -17.225 0.103   0.377   0.44 40.88 ? 11  GLU A OE1 1 
ATOM   89   O  OE2 A GLU A 1 5   ? -18.939 3.445   2.727   0.56 52.61 ? 11  GLU A OE2 1 
ATOM   90   O  OE2 B GLU A 1 5   ? -16.422 -1.896  0.787   0.44 40.38 ? 11  GLU A OE2 1 
ATOM   91   N  N   A ASP A 1 6   ? -13.761 6.370   3.244   0.56 46.84 ? 12  ASP A N   1 
ATOM   92   N  N   B ASP A 1 6   ? -14.233 2.657   4.196   0.44 39.71 ? 12  ASP A N   1 
ATOM   93   C  CA  A ASP A 1 6   ? -12.519 7.083   2.968   0.56 45.47 ? 12  ASP A CA  1 
ATOM   94   C  CA  B ASP A 1 6   ? -13.816 4.055   4.191   0.44 39.37 ? 12  ASP A CA  1 
ATOM   95   C  C   A ASP A 1 6   ? -11.525 6.203   2.223   0.56 43.81 ? 12  ASP A C   1 
ATOM   96   C  C   B ASP A 1 6   ? -12.536 4.220   3.380   0.44 38.37 ? 12  ASP A C   1 
ATOM   97   O  O   A ASP A 1 6   ? -10.876 6.653   1.281   0.56 43.80 ? 12  ASP A O   1 
ATOM   98   O  O   B ASP A 1 6   ? -11.999 5.321   3.259   0.44 38.42 ? 12  ASP A O   1 
ATOM   99   C  CB  A ASP A 1 6   ? -11.893 7.591   4.268   0.56 46.35 ? 12  ASP A CB  1 
ATOM   100  C  CB  B ASP A 1 6   ? -13.621 4.569   5.623   0.44 40.49 ? 12  ASP A CB  1 
ATOM   101  C  CG  A ASP A 1 6   ? -12.701 8.704   4.904   0.56 48.14 ? 12  ASP A CG  1 
ATOM   102  C  CG  B ASP A 1 6   ? -12.689 3.702   6.439   0.44 42.28 ? 12  ASP A CG  1 
ATOM   103  O  OD1 A ASP A 1 6   ? -13.877 8.462   5.252   0.56 49.30 ? 12  ASP A OD1 1 
ATOM   104  O  OD1 B ASP A 1 6   ? -12.512 3.998   7.642   0.44 41.76 ? 12  ASP A OD1 1 
ATOM   105  O  OD2 A ASP A 1 6   ? -12.161 9.823   5.053   0.56 47.49 ? 12  ASP A OD2 1 
ATOM   106  O  OD2 B ASP A 1 6   ? -12.136 2.726   5.887   0.44 44.45 ? 12  ASP A OD2 1 
ATOM   107  N  N   A LEU A 1 7   ? -11.403 4.950   2.648   0.56 41.89 ? 13  LEU A N   1 
ATOM   108  N  N   B LEU A 1 7   ? -12.064 3.110   2.821   0.44 37.13 ? 13  LEU A N   1 
ATOM   109  C  CA  A LEU A 1 7   ? -10.489 4.021   1.995   0.56 39.60 ? 13  LEU A CA  1 
ATOM   110  C  CA  B LEU A 1 7   ? -10.860 3.089   1.996   0.44 35.77 ? 13  LEU A CA  1 
ATOM   111  C  C   A LEU A 1 7   ? -10.938 3.778   0.558   0.56 37.84 ? 13  LEU A C   1 
ATOM   112  C  C   B LEU A 1 7   ? -11.259 2.833   0.544   0.44 34.49 ? 13  LEU A C   1 
ATOM   113  O  O   A LEU A 1 7   ? -10.114 3.694   -0.353  0.56 38.05 ? 13  LEU A O   1 
ATOM   114  O  O   B LEU A 1 7   ? -10.437 2.407   -0.270  0.44 33.45 ? 13  LEU A O   1 
ATOM   115  C  CB  A LEU A 1 7   ? -10.446 2.682   2.742   0.56 38.81 ? 13  LEU A CB  1 
ATOM   116  C  CB  B LEU A 1 7   ? -9.914  1.979   2.464   0.44 36.67 ? 13  LEU A CB  1 
ATOM   117  C  CG  A LEU A 1 7   ? -9.715  2.589   4.087   0.56 39.50 ? 13  LEU A CG  1 
ATOM   118  C  CG  B LEU A 1 7   ? -9.212  2.138   3.815   0.44 37.81 ? 13  LEU A CG  1 
ATOM   119  C  CD1 A LEU A 1 7   ? -8.255  2.982   3.897   0.56 38.40 ? 13  LEU A CD1 1 
ATOM   120  C  CD1 B LEU A 1 7   ? -8.549  0.827   4.202   0.44 38.34 ? 13  LEU A CD1 1 
ATOM   121  C  CD2 A LEU A 1 7   ? -10.391 3.480   5.117   0.56 37.70 ? 13  LEU A CD2 1 
ATOM   122  C  CD2 B LEU A 1 7   ? -8.185  3.257   3.734   0.44 37.34 ? 13  LEU A CD2 1 
ATOM   123  N  N   A ALA A 1 8   ? -12.252 3.672   0.371   0.56 35.88 ? 14  ALA A N   1 
ATOM   124  N  N   B ALA A 1 8   ? -12.526 3.095   0.232   0.44 32.57 ? 14  ALA A N   1 
ATOM   125  C  CA  A ALA A 1 8   ? -12.845 3.426   -0.941  0.56 33.96 ? 14  ALA A CA  1 
ATOM   126  C  CA  B ALA A 1 8   ? -13.062 2.885   -1.110  0.44 30.89 ? 14  ALA A CA  1 
ATOM   127  C  C   A ALA A 1 8   ? -12.256 4.326   -2.019  0.56 32.59 ? 14  ALA A C   1 
ATOM   128  C  C   B ALA A 1 8   ? -12.652 3.974   -2.097  0.44 29.59 ? 14  ALA A C   1 
ATOM   129  O  O   A ALA A 1 8   ? -11.666 5.364   -1.720  0.56 33.11 ? 14  ALA A O   1 
ATOM   130  O  O   B ALA A 1 8   ? -12.703 5.163   -1.785  0.44 29.32 ? 14  ALA A O   1 
ATOM   131  C  CB  A ALA A 1 8   ? -14.357 3.616   -0.872  0.56 33.30 ? 14  ALA A CB  1 
ATOM   132  C  CB  B ALA A 1 8   ? -14.585 2.789   -1.048  0.44 30.14 ? 14  ALA A CB  1 
ATOM   133  N  N   A ASN A 1 9   ? -12.421 3.921   -3.275  0.56 31.28 ? 15  ASN A N   1 
ATOM   134  N  N   B ASN A 1 9   ? -12.256 3.551   -3.294  0.44 28.79 ? 15  ASN A N   1 
ATOM   135  C  CA  A ASN A 1 9   ? -11.900 4.685   -4.405  0.56 29.12 ? 15  ASN A CA  1 
ATOM   136  C  CA  B ASN A 1 9   ? -11.832 4.466   -4.352  0.44 27.62 ? 15  ASN A CA  1 
ATOM   137  C  C   A ASN A 1 9   ? -12.373 4.045   -5.715  0.56 27.93 ? 15  ASN A C   1 
ATOM   138  C  C   B ASN A 1 9   ? -12.253 3.842   -5.688  0.44 27.15 ? 15  ASN A C   1 
ATOM   139  O  O   A ASN A 1 9   ? -13.417 3.399   -5.753  0.56 27.33 ? 15  ASN A O   1 
ATOM   140  O  O   B ASN A 1 9   ? -13.165 3.018   -5.720  0.44 26.67 ? 15  ASN A O   1 
ATOM   141  C  CB  A ASN A 1 9   ? -10.368 4.702   -4.345  0.56 28.13 ? 15  ASN A CB  1 
ATOM   142  C  CB  B ASN A 1 9   ? -10.310 4.641   -4.299  0.44 26.47 ? 15  ASN A CB  1 
ATOM   143  C  CG  A ASN A 1 9   ? -9.766  5.910   -5.039  0.56 27.91 ? 15  ASN A CG  1 
ATOM   144  C  CG  B ASN A 1 9   ? -9.837  5.898   -5.007  0.44 26.15 ? 15  ASN A CG  1 
ATOM   145  O  OD1 A ASN A 1 9   ? -9.866  6.059   -6.260  0.56 27.06 ? 15  ASN A OD1 1 
ATOM   146  O  OD1 B ASN A 1 9   ? -9.985  6.038   -6.224  0.44 25.24 ? 15  ASN A OD1 1 
ATOM   147  N  ND2 A ASN A 1 9   ? -9.137  6.786   -4.257  0.56 25.10 ? 15  ASN A ND2 1 
ATOM   148  N  ND2 B ASN A 1 9   ? -9.262  6.824   -4.242  0.44 23.72 ? 15  ASN A ND2 1 
ATOM   149  N  N   . LEU A 1 10  ? -11.604 4.228   -6.785  1.00 26.63 ? 16  LEU A N   1 
ATOM   150  C  CA  . LEU A 1 10  ? -11.940 3.654   -8.086  1.00 26.24 ? 16  LEU A CA  1 
ATOM   151  C  C   . LEU A 1 10  ? -11.825 2.132   -7.948  1.00 26.02 ? 16  LEU A C   1 
ATOM   152  O  O   . LEU A 1 10  ? -10.953 1.634   -7.237  1.00 28.07 ? 16  LEU A O   1 
ATOM   153  C  CB  . LEU A 1 10  ? -10.960 4.123   -9.163  1.00 27.00 ? 16  LEU A CB  1 
ATOM   154  C  CG  . LEU A 1 10  ? -10.807 5.605   -9.514  1.00 29.07 ? 16  LEU A CG  1 
ATOM   155  C  CD1 . LEU A 1 10  ? -9.560  5.775   -10.378 1.00 29.83 ? 16  LEU A CD1 1 
ATOM   156  C  CD2 . LEU A 1 10  ? -12.040 6.110   -10.244 1.00 27.68 ? 16  LEU A CD2 1 
ATOM   157  N  N   . PRO A 1 11  ? -12.701 1.374   -8.624  1.00 25.88 ? 17  PRO A N   1 
ATOM   158  C  CA  . PRO A 1 11  ? -12.668 -0.092  -8.551  1.00 25.89 ? 17  PRO A CA  1 
ATOM   159  C  C   . PRO A 1 11  ? -11.284 -0.726  -8.767  1.00 26.40 ? 17  PRO A C   1 
ATOM   160  O  O   . PRO A 1 11  ? -10.835 -1.542  -7.956  1.00 26.54 ? 17  PRO A O   1 
ATOM   161  C  CB  . PRO A 1 11  ? -13.672 -0.511  -9.620  1.00 24.90 ? 17  PRO A CB  1 
ATOM   162  C  CG  . PRO A 1 11  ? -14.701 0.593   -9.540  1.00 27.09 ? 17  PRO A CG  1 
ATOM   163  C  CD  . PRO A 1 11  ? -13.836 1.839   -9.445  1.00 25.90 ? 17  PRO A CD  1 
ATOM   164  N  N   . SER A 1 12  ? -10.613 -0.357  -9.853  1.00 24.75 ? 18  SER A N   1 
ATOM   165  C  CA  . SER A 1 12  ? -9.297  -0.908  -10.141 1.00 24.86 ? 18  SER A CA  1 
ATOM   166  C  C   . SER A 1 12  ? -8.270  -0.554  -9.047  1.00 25.03 ? 18  SER A C   1 
ATOM   167  O  O   . SER A 1 12  ? -7.295  -1.285  -8.836  1.00 22.48 ? 18  SER A O   1 
ATOM   168  C  CB  . SER A 1 12  ? -8.814  -0.428  -11.517 1.00 25.63 ? 18  SER A CB  1 
ATOM   169  O  OG  . SER A 1 12  ? -8.618  0.972   -11.540 1.00 31.71 ? 18  SER A OG  1 
ATOM   170  N  N   . ILE A 1 13  ? -8.495  0.553   -8.346  1.00 23.99 ? 19  ILE A N   1 
ATOM   171  C  CA  . ILE A 1 13  ? -7.596  0.967   -7.270  1.00 24.05 ? 19  ILE A CA  1 
ATOM   172  C  C   . ILE A 1 13  ? -7.920  0.171   -6.012  1.00 24.95 ? 19  ILE A C   1 
ATOM   173  O  O   . ILE A 1 13  ? -7.021  -0.206  -5.260  1.00 23.75 ? 19  ILE A O   1 
ATOM   174  C  CB  . ILE A 1 13  ? -7.733  2.468   -6.945  1.00 24.20 ? 19  ILE A CB  1 
ATOM   175  C  CG1 . ILE A 1 13  ? -7.232  3.310   -8.119  1.00 22.02 ? 19  ILE A CG1 1 
ATOM   176  C  CG2 . ILE A 1 13  ? -6.947  2.799   -5.673  1.00 22.35 ? 19  ILE A CG2 1 
ATOM   177  C  CD1 . ILE A 1 13  ? -5.783  3.078   -8.465  1.00 21.58 ? 19  ILE A CD1 1 
ATOM   178  N  N   . ASP A 1 14  ? -9.208  -0.073  -5.780  1.00 25.65 ? 20  ASP A N   1 
ATOM   179  C  CA  . ASP A 1 14  ? -9.632  -0.859  -4.623  1.00 27.59 ? 20  ASP A CA  1 
ATOM   180  C  C   . ASP A 1 14  ? -9.018  -2.257  -4.735  1.00 27.54 ? 20  ASP A C   1 
ATOM   181  O  O   . ASP A 1 14  ? -8.617  -2.856  -3.739  1.00 28.33 ? 20  ASP A O   1 
ATOM   182  C  CB  . ASP A 1 14  ? -11.164 -0.989  -4.580  1.00 27.59 ? 20  ASP A CB  1 
ATOM   183  C  CG  . ASP A 1 14  ? -11.848 0.235   -3.992  1.00 30.53 ? 20  ASP A CG  1 
ATOM   184  O  OD1 . ASP A 1 14  ? -11.154 1.193   -3.568  1.00 28.91 ? 20  ASP A OD1 1 
ATOM   185  O  OD2 . ASP A 1 14  ? -13.096 0.232   -3.948  1.00 31.05 ? 20  ASP A OD2 1 
ATOM   186  N  N   . THR A 1 15  ? -8.953  -2.765  -5.965  1.00 27.22 ? 21  THR A N   1 
ATOM   187  C  CA  . THR A 1 15  ? -8.404  -4.088  -6.235  1.00 26.66 ? 21  THR A CA  1 
ATOM   188  C  C   . THR A 1 15  ? -6.941  -4.214  -5.831  1.00 24.06 ? 21  THR A C   1 
ATOM   189  O  O   . THR A 1 15  ? -6.538  -5.222  -5.257  1.00 26.51 ? 21  THR A O   1 
ATOM   190  C  CB  . THR A 1 15  ? -8.515  -4.445  -7.732  1.00 26.64 ? 21  THR A CB  1 
ATOM   191  O  OG1 . THR A 1 15  ? -9.877  -4.315  -8.161  1.00 30.01 ? 21  THR A OG1 1 
ATOM   192  C  CG2 . THR A 1 15  ? -8.076  -5.875  -7.959  1.00 26.81 ? 21  THR A CG2 1 
ATOM   193  N  N   . GLN A 1 16  ? -6.151  -3.187  -6.130  1.00 21.52 ? 22  GLN A N   1 
ATOM   194  C  CA  . GLN A 1 16  ? -4.730  -3.201  -5.809  1.00 19.97 ? 22  GLN A CA  1 
ATOM   195  C  C   . GLN A 1 16  ? -4.470  -2.936  -4.325  1.00 19.97 ? 22  GLN A C   1 
ATOM   196  O  O   . GLN A 1 16  ? -3.547  -3.504  -3.737  1.00 19.83 ? 22  GLN A O   1 
ATOM   197  C  CB  . GLN A 1 16  ? -3.998  -2.179  -6.684  1.00 20.99 ? 22  GLN A CB  1 
ATOM   198  C  CG  . GLN A 1 16  ? -4.326  -2.328  -8.176  1.00 19.42 ? 22  GLN A CG  1 
ATOM   199  C  CD  . GLN A 1 16  ? -3.615  -1.316  -9.038  1.00 17.91 ? 22  GLN A CD  1 
ATOM   200  O  OE1 . GLN A 1 16  ? -3.005  -0.372  -8.533  1.00 20.93 ? 22  GLN A OE1 1 
ATOM   201  N  NE2 . GLN A 1 16  ? -3.697  -1.497  -10.354 1.00 21.71 ? 22  GLN A NE2 1 
ATOM   202  N  N   . HIS A 1 17  ? -5.275  -2.080  -3.711  1.00 19.93 ? 23  HIS A N   1 
ATOM   203  C  CA  . HIS A 1 17  ? -5.101  -1.815  -2.286  1.00 22.20 ? 23  HIS A CA  1 
ATOM   204  C  C   . HIS A 1 17  ? -5.438  -3.094  -1.498  1.00 23.23 ? 23  HIS A C   1 
ATOM   205  O  O   . HIS A 1 17  ? -4.757  -3.437  -0.529  1.00 20.20 ? 23  HIS A O   1 
ATOM   206  C  CB  . HIS A 1 17  ? -6.008  -0.662  -1.843  1.00 20.01 ? 23  HIS A CB  1 
ATOM   207  C  CG  . HIS A 1 17  ? -5.535  0.691   -2.289  1.00 20.32 ? 23  HIS A CG  1 
ATOM   208  N  ND1 . HIS A 1 17  ? -6.342  1.804   -2.367  1.00 17.90 ? 23  HIS A ND1 1 
ATOM   209  C  CD2 . HIS A 1 17  ? -4.295  1.113   -2.644  1.00 21.12 ? 23  HIS A CD2 1 
ATOM   210  C  CE1 . HIS A 1 17  ? -5.588  2.840   -2.756  1.00 19.21 ? 23  HIS A CE1 1 
ATOM   211  N  NE2 . HIS A 1 17  ? -4.335  2.474   -2.941  1.00 20.87 ? 23  HIS A NE2 1 
ATOM   212  N  N   . LYS A 1 18  ? -6.487  -3.797  -1.924  1.00 24.08 ? 24  LYS A N   1 
ATOM   213  C  CA  . LYS A 1 18  ? -6.894  -5.030  -1.257  1.00 25.56 ? 24  LYS A CA  1 
ATOM   214  C  C   . LYS A 1 18  ? -5.814  -6.088  -1.395  1.00 26.04 ? 24  LYS A C   1 
ATOM   215  O  O   . LYS A 1 18  ? -5.659  -6.934  -0.518  1.00 26.93 ? 24  LYS A O   1 
ATOM   216  C  CB  . LYS A 1 18  ? -8.203  -5.554  -1.840  1.00 25.87 ? 24  LYS A CB  1 
ATOM   217  C  CG  . LYS A 1 18  ? -9.417  -4.703  -1.509  1.00 28.35 ? 24  LYS A CG  1 
ATOM   218  C  CD  . LYS A 1 18  ? -10.671 -5.292  -2.149  1.00 28.48 ? 24  LYS A CD  1 
ATOM   219  C  CE  . LYS A 1 18  ? -11.911 -4.514  -1.789  1.00 31.71 ? 24  LYS A CE  1 
ATOM   220  N  NZ  . LYS A 1 18  ? -13.111 -5.117  -2.437  1.00 36.03 ? 24  LYS A NZ  1 
ATOM   221  N  N   . ARG A 1 19  ? -5.077  -6.042  -2.501  1.00 26.32 ? 25  ARG A N   1 
ATOM   222  C  CA  . ARG A 1 19  ? -3.991  -6.984  -2.715  1.00 28.00 ? 25  ARG A CA  1 
ATOM   223  C  C   . ARG A 1 19  ? -2.836  -6.652  -1.764  1.00 26.98 ? 25  ARG A C   1 
ATOM   224  O  O   . ARG A 1 19  ? -2.103  -7.540  -1.329  1.00 26.27 ? 25  ARG A O   1 
ATOM   225  C  CB  . ARG A 1 19  ? -3.502  -6.935  -4.165  1.00 30.71 ? 25  ARG A CB  1 
ATOM   226  C  CG  . ARG A 1 19  ? -4.404  -7.650  -5.168  1.00 36.72 ? 25  ARG A CG  1 
ATOM   227  C  CD  . ARG A 1 19  ? -3.583  -8.123  -6.374  1.00 40.19 ? 25  ARG A CD  1 
ATOM   228  N  NE  . ARG A 1 19  ? -2.390  -8.865  -5.951  1.00 44.30 ? 25  ARG A NE  1 
ATOM   229  C  CZ  . ARG A 1 19  ? -1.417  -9.265  -6.767  1.00 45.01 ? 25  ARG A CZ  1 
ATOM   230  N  NH1 . ARG A 1 19  ? -1.482  -9.004  -8.062  1.00 46.43 ? 25  ARG A NH1 1 
ATOM   231  N  NH2 . ARG A 1 19  ? -0.366  -9.916  -6.285  1.00 47.13 ? 25  ARG A NH2 1 
ATOM   232  N  N   . LEU A 1 20  ? -2.670  -5.370  -1.451  1.00 26.66 ? 26  LEU A N   1 
ATOM   233  C  CA  . LEU A 1 20  ? -1.623  -4.943  -0.522  1.00 27.80 ? 26  LEU A CA  1 
ATOM   234  C  C   . LEU A 1 20  ? -2.022  -5.439  0.860   1.00 27.30 ? 26  LEU A C   1 
ATOM   235  O  O   . LEU A 1 20  ? -1.177  -5.791  1.683   1.00 24.90 ? 26  LEU A O   1 
ATOM   236  C  CB  . LEU A 1 20  ? -1.492  -3.414  -0.500  1.00 27.49 ? 26  LEU A CB  1 
ATOM   237  C  CG  . LEU A 1 20  ? -0.723  -2.776  -1.659  1.00 31.07 ? 26  LEU A CG  1 
ATOM   238  C  CD1 . LEU A 1 20  ? -0.890  -1.253  -1.632  1.00 32.44 ? 26  LEU A CD1 1 
ATOM   239  C  CD2 . LEU A 1 20  ? 0.746   -3.158  -1.551  1.00 31.96 ? 26  LEU A CD2 1 
ATOM   240  N  N   . VAL A 1 21  ? -3.326  -5.464  1.105   1.00 29.04 ? 27  VAL A N   1 
ATOM   241  C  CA  . VAL A 1 21  ? -3.840  -5.942  2.378   1.00 30.94 ? 27  VAL A CA  1 
ATOM   242  C  C   . VAL A 1 21  ? -3.609  -7.444  2.473   1.00 30.64 ? 27  VAL A C   1 
ATOM   243  O  O   . VAL A 1 21  ? -3.322  -7.954  3.552   1.00 32.72 ? 27  VAL A O   1 
ATOM   244  C  CB  . VAL A 1 21  ? -5.347  -5.649  2.530   1.00 30.89 ? 27  VAL A CB  1 
ATOM   245  C  CG1 . VAL A 1 21  ? -5.850  -6.185  3.860   1.00 29.24 ? 27  VAL A CG1 1 
ATOM   246  C  CG2 . VAL A 1 21  ? -5.587  -4.148  2.453   1.00 30.52 ? 27  VAL A CG2 1 
ATOM   247  N  N   . ASP A 1 22  ? -3.731  -8.151  1.348   1.00 30.35 ? 28  ASP A N   1 
ATOM   248  C  CA  . ASP A 1 22  ? -3.510  -9.598  1.345   1.00 29.05 ? 28  ASP A CA  1 
ATOM   249  C  C   . ASP A 1 22  ? -2.055  -9.895  1.696   1.00 28.93 ? 28  ASP A C   1 
ATOM   250  O  O   . ASP A 1 22  ? -1.774  -10.769 2.509   1.00 27.76 ? 28  ASP A O   1 
ATOM   251  C  CB  . ASP A 1 22  ? -3.831  -10.210 -0.026  1.00 29.93 ? 28  ASP A CB  1 
ATOM   252  C  CG  . ASP A 1 22  ? -5.311  -10.148 -0.367  1.00 32.00 ? 28  ASP A CG  1 
ATOM   253  O  OD1 . ASP A 1 22  ? -6.143  -10.260 0.558   1.00 32.76 ? 28  ASP A OD1 1 
ATOM   254  O  OD2 . ASP A 1 22  ? -5.644  -10.001 -1.562  1.00 32.20 ? 28  ASP A OD2 1 
ATOM   255  N  N   . TYR A 1 23  ? -1.130  -9.174  1.066   1.00 29.19 ? 29  TYR A N   1 
ATOM   256  C  CA  . TYR A 1 23  ? 0.293   -9.356  1.335   1.00 28.31 ? 29  TYR A CA  1 
ATOM   257  C  C   . TYR A 1 23  ? 0.580   -9.046  2.796   1.00 27.05 ? 29  TYR A C   1 
ATOM   258  O  O   . TYR A 1 23  ? 1.395   -9.711  3.430   1.00 25.63 ? 29  TYR A O   1 
ATOM   259  C  CB  . TYR A 1 23  ? 1.137   -8.438  0.444   1.00 29.23 ? 29  TYR A CB  1 
ATOM   260  C  CG  . TYR A 1 23  ? 1.314   -8.946  -0.973  1.00 33.65 ? 29  TYR A CG  1 
ATOM   261  C  CD1 . TYR A 1 23  ? 1.097   -8.108  -2.066  1.00 34.35 ? 29  TYR A CD1 1 
ATOM   262  C  CD2 . TYR A 1 23  ? 1.720   -10.259 -1.220  1.00 35.55 ? 29  TYR A CD2 1 
ATOM   263  C  CE1 . TYR A 1 23  ? 1.280   -8.564  -3.372  1.00 37.29 ? 29  TYR A CE1 1 
ATOM   264  C  CE2 . TYR A 1 23  ? 1.907   -10.726 -2.525  1.00 36.63 ? 29  TYR A CE2 1 
ATOM   265  C  CZ  . TYR A 1 23  ? 1.685   -9.873  -3.595  1.00 37.63 ? 29  TYR A CZ  1 
ATOM   266  O  OH  . TYR A 1 23  ? 1.861   -10.325 -4.886  1.00 39.00 ? 29  TYR A OH  1 
ATOM   267  N  N   . ILE A 1 24  ? -0.089  -8.029  3.328   1.00 27.23 ? 30  ILE A N   1 
ATOM   268  C  CA  . ILE A 1 24  ? 0.110   -7.656  4.720   1.00 29.28 ? 30  ILE A CA  1 
ATOM   269  C  C   . ILE A 1 24  ? -0.336  -8.816  5.615   1.00 30.42 ? 30  ILE A C   1 
ATOM   270  O  O   . ILE A 1 24  ? 0.335   -9.157  6.597   1.00 28.36 ? 30  ILE A O   1 
ATOM   271  C  CB  . ILE A 1 24  ? -0.676  -6.376  5.067   1.00 28.63 ? 30  ILE A CB  1 
ATOM   272  C  CG1 . ILE A 1 24  ? 0.010   -5.170  4.418   1.00 29.00 ? 30  ILE A CG1 1 
ATOM   273  C  CG2 . ILE A 1 24  ? -0.757  -6.202  6.574   1.00 29.19 ? 30  ILE A CG2 1 
ATOM   274  C  CD1 . ILE A 1 24  ? -0.713  -3.851  4.632   1.00 27.94 ? 30  ILE A CD1 1 
ATOM   275  N  N   . ASN A 1 25  ? -1.461  -9.430  5.259   1.00 29.49 ? 31  ASN A N   1 
ATOM   276  C  CA  . ASN A 1 25  ? -1.963  -10.564 6.022   1.00 30.61 ? 31  ASN A CA  1 
ATOM   277  C  C   . ASN A 1 25  ? -0.999  -11.736 5.900   1.00 30.14 ? 31  ASN A C   1 
ATOM   278  O  O   . ASN A 1 25  ? -0.736  -12.423 6.884   1.00 32.41 ? 31  ASN A O   1 
ATOM   279  C  CB  . ASN A 1 25  ? -3.365  -10.952 5.538   1.00 31.63 ? 31  ASN A CB  1 
ATOM   280  C  CG  . ASN A 1 25  ? -4.436  -9.960  5.995   1.00 35.27 ? 31  ASN A CG  1 
ATOM   281  O  OD1 . ASN A 1 25  ? -5.506  -9.853  5.388   1.00 37.27 ? 31  ASN A OD1 1 
ATOM   282  N  ND2 . ASN A 1 25  ? -4.154  -9.241  7.077   1.00 31.82 ? 31  ASN A ND2 1 
ATOM   283  N  N   . ASP A 1 26  ? -0.460  -11.963 4.703   1.00 29.46 ? 32  ASP A N   1 
ATOM   284  C  CA  . ASP A 1 26  ? 0.491   -13.056 4.508   1.00 28.50 ? 32  ASP A CA  1 
ATOM   285  C  C   . ASP A 1 26  ? 1.727   -12.841 5.394   1.00 28.42 ? 32  ASP A C   1 
ATOM   286  O  O   . ASP A 1 26  ? 2.281   -13.791 5.942   1.00 29.96 ? 32  ASP A O   1 
ATOM   287  C  CB  . ASP A 1 26  ? 0.947   -13.158 3.039   1.00 28.04 ? 32  ASP A CB  1 
ATOM   288  C  CG  . ASP A 1 26  ? -0.156  -13.650 2.092   1.00 32.34 ? 32  ASP A CG  1 
ATOM   289  O  OD1 . ASP A 1 26  ? -1.152  -14.249 2.557   1.00 30.82 ? 32  ASP A OD1 1 
ATOM   290  O  OD2 . ASP A 1 26  ? -0.015  -13.448 0.861   1.00 32.38 ? 32  ASP A OD2 1 
ATOM   291  N  N   . LEU A 1 27  ? 2.154   -11.588 5.526   1.00 26.16 ? 33  LEU A N   1 
ATOM   292  C  CA  . LEU A 1 27  ? 3.328   -11.252 6.320   1.00 26.24 ? 33  LEU A CA  1 
ATOM   293  C  C   . LEU A 1 27  ? 3.100   -11.542 7.796   1.00 27.53 ? 33  LEU A C   1 
ATOM   294  O  O   . LEU A 1 27  ? 4.014   -11.951 8.518   1.00 26.40 ? 33  LEU A O   1 
ATOM   295  C  CB  . LEU A 1 27  ? 3.692   -9.778  6.128   1.00 25.42 ? 33  LEU A CB  1 
ATOM   296  C  CG  . LEU A 1 27  ? 4.968   -9.314  6.830   1.00 26.97 ? 33  LEU A CG  1 
ATOM   297  C  CD1 . LEU A 1 27  ? 6.125   -10.164 6.374   1.00 25.16 ? 33  LEU A CD1 1 
ATOM   298  C  CD2 . LEU A 1 27  ? 5.227   -7.838  6.525   1.00 25.41 ? 33  LEU A CD2 1 
ATOM   299  N  N   . TYR A 1 28  ? 1.872   -11.320 8.238   1.00 27.94 ? 34  TYR A N   1 
ATOM   300  C  CA  . TYR A 1 28  ? 1.510   -11.579 9.615   1.00 30.76 ? 34  TYR A CA  1 
ATOM   301  C  C   . TYR A 1 28  ? 1.467   -13.098 9.821   1.00 31.88 ? 34  TYR A C   1 
ATOM   302  O  O   . TYR A 1 28  ? 1.818   -13.590 10.891  1.00 30.41 ? 34  TYR A O   1 
ATOM   303  C  CB  . TYR A 1 28  ? 0.147   -10.949 9.912   1.00 32.43 ? 34  TYR A CB  1 
ATOM   304  C  CG  . TYR A 1 28  ? -0.663  -11.668 10.958  1.00 33.91 ? 34  TYR A CG  1 
ATOM   305  C  CD1 . TYR A 1 28  ? -0.447  -11.451 12.320  1.00 34.51 ? 34  TYR A CD1 1 
ATOM   306  C  CD2 . TYR A 1 28  ? -1.637  -12.595 10.581  1.00 35.59 ? 34  TYR A CD2 1 
ATOM   307  C  CE1 . TYR A 1 28  ? -1.184  -12.145 13.283  1.00 35.61 ? 34  TYR A CE1 1 
ATOM   308  C  CE2 . TYR A 1 28  ? -2.375  -13.291 11.527  1.00 37.05 ? 34  TYR A CE2 1 
ATOM   309  C  CZ  . TYR A 1 28  ? -2.147  -13.066 12.874  1.00 36.80 ? 34  TYR A CZ  1 
ATOM   310  O  OH  . TYR A 1 28  ? -2.885  -13.777 13.796  1.00 38.32 ? 34  TYR A OH  1 
ATOM   311  N  N   . ARG A 1 29  ? 1.054   -13.833 8.789   1.00 32.33 ? 35  ARG A N   1 
ATOM   312  C  CA  . ARG A 1 29  ? 0.968   -15.294 8.867   1.00 33.41 ? 35  ARG A CA  1 
ATOM   313  C  C   . ARG A 1 29  ? 2.346   -15.909 9.069   1.00 33.46 ? 35  ARG A C   1 
ATOM   314  O  O   . ARG A 1 29  ? 2.520   -16.833 9.867   1.00 32.51 ? 35  ARG A O   1 
ATOM   315  C  CB  . ARG A 1 29  ? 0.364   -15.870 7.585   1.00 37.65 ? 35  ARG A CB  1 
ATOM   316  C  CG  . ARG A 1 29  ? -0.793  -16.823 7.813   1.00 42.44 ? 35  ARG A CG  1 
ATOM   317  C  CD  . ARG A 1 29  ? -2.124  -16.093 7.718   1.00 45.65 ? 35  ARG A CD  1 
ATOM   318  N  NE  . ARG A 1 29  ? -2.461  -15.770 6.334   1.00 47.87 ? 35  ARG A NE  1 
ATOM   319  C  CZ  . ARG A 1 29  ? -3.451  -14.958 5.970   1.00 49.42 ? 35  ARG A CZ  1 
ATOM   320  N  NH1 . ARG A 1 29  ? -4.215  -14.376 6.886   1.00 50.17 ? 35  ARG A NH1 1 
ATOM   321  N  NH2 . ARG A 1 29  ? -3.675  -14.724 4.687   1.00 47.70 ? 35  ARG A NH2 1 
ATOM   322  N  N   . ALA A 1 30  ? 3.324   -15.399 8.330   1.00 31.18 ? 36  ALA A N   1 
ATOM   323  C  CA  . ALA A 1 30  ? 4.689   -15.900 8.429   1.00 31.76 ? 36  ALA A CA  1 
ATOM   324  C  C   . ALA A 1 30  ? 5.260   -15.688 9.826   1.00 31.29 ? 36  ALA A C   1 
ATOM   325  O  O   . ALA A 1 30  ? 5.843   -16.600 10.411  1.00 31.83 ? 36  ALA A O   1 
ATOM   326  C  CB  . ALA A 1 30  ? 5.573   -15.215 7.401   1.00 31.00 ? 36  ALA A CB  1 
ATOM   327  N  N   . ALA A 1 31  ? 5.096   -14.479 10.349  1.00 30.21 ? 37  ALA A N   1 
ATOM   328  C  CA  . ALA A 1 31  ? 5.601   -14.141 11.672  1.00 32.12 ? 37  ALA A CA  1 
ATOM   329  C  C   . ALA A 1 31  ? 4.962   -15.059 12.706  1.00 32.41 ? 37  ALA A C   1 
ATOM   330  O  O   . ALA A 1 31  ? 5.634   -15.609 13.576  1.00 32.01 ? 37  ALA A O   1 
ATOM   331  C  CB  . ALA A 1 31  ? 5.280   -12.681 11.990  1.00 30.35 ? 37  ALA A CB  1 
ATOM   332  N  N   . ARG A 1 32  ? 3.653   -15.212 12.582  1.00 34.23 ? 38  ARG A N   1 
ATOM   333  C  CA  . ARG A 1 32  ? 2.848   -16.052 13.457  1.00 36.11 ? 38  ARG A CA  1 
ATOM   334  C  C   . ARG A 1 32  ? 3.433   -17.458 13.534  1.00 36.45 ? 38  ARG A C   1 
ATOM   335  O  O   . ARG A 1 32  ? 3.581   -18.024 14.615  1.00 35.85 ? 38  ARG A O   1 
ATOM   336  C  CB  . ARG A 1 32  ? 1.423   -16.106 12.907  1.00 37.41 ? 38  ARG A CB  1 
ATOM   337  C  CG  . ARG A 1 32  ? 0.397   -16.699 13.828  1.00 40.81 ? 38  ARG A CG  1 
ATOM   338  C  CD  . ARG A 1 32  ? -0.997  -16.467 13.277  1.00 41.92 ? 38  ARG A CD  1 
ATOM   339  N  NE  . ARG A 1 32  ? -2.018  -16.804 14.262  1.00 45.61 ? 38  ARG A NE  1 
ATOM   340  C  CZ  . ARG A 1 32  ? -2.187  -18.018 14.777  1.00 47.58 ? 38  ARG A CZ  1 
ATOM   341  N  NH1 . ARG A 1 32  ? -1.404  -19.016 14.397  1.00 49.71 ? 38  ARG A NH1 1 
ATOM   342  N  NH2 . ARG A 1 32  ? -3.131  -18.234 15.682  1.00 49.31 ? 38  ARG A NH2 1 
ATOM   343  N  N   . ARG A 1 33  ? 3.765   -18.014 12.375  1.00 37.31 ? 39  ARG A N   1 
ATOM   344  C  CA  . ARG A 1 33  ? 4.326   -19.357 12.296  1.00 38.67 ? 39  ARG A CA  1 
ATOM   345  C  C   . ARG A 1 33  ? 5.832   -19.322 12.516  1.00 38.76 ? 39  ARG A C   1 
ATOM   346  O  O   . ARG A 1 33  ? 6.528   -20.315 12.295  1.00 38.39 ? 39  ARG A O   1 
ATOM   347  C  CB  . ARG A 1 33  ? 3.993   -19.981 10.937  1.00 40.55 ? 39  ARG A CB  1 
ATOM   348  C  CG  . ARG A 1 33  ? 2.490   -20.102 10.685  1.00 42.46 ? 39  ARG A CG  1 
ATOM   349  C  CD  . ARG A 1 33  ? 2.171   -20.440 9.232   1.00 47.22 ? 39  ARG A CD  1 
ATOM   350  N  NE  . ARG A 1 33  ? 0.737   -20.334 8.952   1.00 50.57 ? 39  ARG A NE  1 
ATOM   351  C  CZ  . ARG A 1 33  ? 0.190   -20.501 7.750   1.00 51.55 ? 39  ARG A CZ  1 
ATOM   352  N  NH1 . ARG A 1 33  ? 0.950   -20.787 6.700   1.00 51.89 ? 39  ARG A NH1 1 
ATOM   353  N  NH2 . ARG A 1 33  ? -1.123  -20.370 7.595   1.00 52.11 ? 39  ARG A NH2 1 
ATOM   354  N  N   . ARG A 1 34  ? 6.320   -18.162 12.946  1.00 38.46 ? 40  ARG A N   1 
ATOM   355  C  CA  . ARG A 1 34  ? 7.735   -17.951 13.240  1.00 39.27 ? 40  ARG A CA  1 
ATOM   356  C  C   . ARG A 1 34  ? 8.662   -18.327 12.085  1.00 36.54 ? 40  ARG A C   1 
ATOM   357  O  O   . ARG A 1 34  ? 9.783   -18.778 12.306  1.00 37.28 ? 40  ARG A O   1 
ATOM   358  C  CB  . ARG A 1 34  ? 8.129   -18.752 14.490  1.00 41.55 ? 40  ARG A CB  1 
ATOM   359  C  CG  . ARG A 1 34  ? 7.121   -18.672 15.641  1.00 45.74 ? 40  ARG A CG  1 
ATOM   360  C  CD  . ARG A 1 34  ? 7.009   -17.265 16.223  1.00 49.51 ? 40  ARG A CD  1 
ATOM   361  N  NE  . ARG A 1 34  ? 5.866   -17.141 17.130  1.00 53.04 ? 40  ARG A NE  1 
ATOM   362  C  CZ  . ARG A 1 34  ? 5.544   -16.035 17.796  1.00 52.21 ? 40  ARG A CZ  1 
ATOM   363  N  NH1 . ARG A 1 34  ? 6.279   -14.943 17.667  1.00 53.54 ? 40  ARG A NH1 1 
ATOM   364  N  NH2 . ARG A 1 34  ? 4.471   -16.016 18.580  1.00 53.48 ? 40  ARG A NH2 1 
ATOM   365  N  N   . ASP A 1 35  ? 8.200   -18.135 10.857  1.00 34.16 ? 41  ASP A N   1 
ATOM   366  C  CA  . ASP A 1 35  ? 9.005   -18.466 9.684   1.00 32.01 ? 41  ASP A CA  1 
ATOM   367  C  C   . ASP A 1 35  ? 9.599   -17.191 9.071   1.00 30.63 ? 41  ASP A C   1 
ATOM   368  O  O   . ASP A 1 35  ? 8.949   -16.512 8.265   1.00 26.79 ? 41  ASP A O   1 
ATOM   369  C  CB  . ASP A 1 35  ? 8.131   -19.208 8.669   1.00 33.71 ? 41  ASP A CB  1 
ATOM   370  C  CG  . ASP A 1 35  ? 8.912   -19.708 7.475   1.00 33.83 ? 41  ASP A CG  1 
ATOM   371  O  OD1 . ASP A 1 35  ? 8.357   -20.532 6.722   1.00 35.98 ? 41  ASP A OD1 1 
ATOM   372  O  OD2 . ASP A 1 35  ? 10.068  -19.281 7.281   1.00 33.77 ? 41  ASP A OD2 1 
ATOM   373  N  N   . MET A 1 36  ? 10.838  -16.880 9.454   1.00 28.42 ? 42  MET A N   1 
ATOM   374  C  CA  . MET A 1 36  ? 11.517  -15.674 8.986   1.00 27.75 ? 42  MET A CA  1 
ATOM   375  C  C   . MET A 1 36  ? 11.904  -15.652 7.505   1.00 28.56 ? 42  MET A C   1 
ATOM   376  O  O   . MET A 1 36  ? 11.954  -14.584 6.891   1.00 26.23 ? 42  MET A O   1 
ATOM   377  C  CB  . MET A 1 36  ? 12.745  -15.393 9.855   1.00 26.35 ? 42  MET A CB  1 
ATOM   378  C  CG  . MET A 1 36  ? 12.407  -14.893 11.259  1.00 25.73 ? 42  MET A CG  1 
ATOM   379  S  SD  . MET A 1 36  ? 11.272  -13.470 11.227  1.00 33.10 ? 42  MET A SD  1 
ATOM   380  C  CE  . MET A 1 36  ? 12.389  -12.181 10.584  1.00 29.43 ? 42  MET A CE  1 
ATOM   381  N  N   . ASP A 1 37  ? 12.189  -16.818 6.935   1.00 28.38 ? 43  ASP A N   1 
ATOM   382  C  CA  . ASP A 1 37  ? 12.537  -16.887 5.519   1.00 30.46 ? 43  ASP A CA  1 
ATOM   383  C  C   . ASP A 1 37  ? 11.280  -16.592 4.687   1.00 30.28 ? 43  ASP A C   1 
ATOM   384  O  O   . ASP A 1 37  ? 11.358  -15.992 3.617   1.00 29.33 ? 43  ASP A O   1 
ATOM   385  C  CB  . ASP A 1 37  ? 13.079  -18.277 5.157   1.00 33.35 ? 43  ASP A CB  1 
ATOM   386  C  CG  . ASP A 1 37  ? 14.532  -18.492 5.600   1.00 37.19 ? 43  ASP A CG  1 
ATOM   387  O  OD1 . ASP A 1 37  ? 15.035  -19.625 5.444   1.00 38.73 ? 43  ASP A OD1 1 
ATOM   388  O  OD2 . ASP A 1 37  ? 15.178  -17.543 6.093   1.00 38.77 ? 43  ASP A OD2 1 
ATOM   389  N  N   . LYS A 1 38  ? 10.125  -17.017 5.185   1.00 27.80 ? 44  LYS A N   1 
ATOM   390  C  CA  . LYS A 1 38  ? 8.871   -16.792 4.482   1.00 30.93 ? 44  LYS A CA  1 
ATOM   391  C  C   . LYS A 1 38  ? 8.475   -15.324 4.633   1.00 29.99 ? 44  LYS A C   1 
ATOM   392  O  O   . LYS A 1 38  ? 7.962   -14.702 3.701   1.00 28.72 ? 44  LYS A O   1 
ATOM   393  C  CB  . LYS A 1 38  ? 7.772   -17.689 5.056   1.00 31.08 ? 44  LYS A CB  1 
ATOM   394  C  CG  . LYS A 1 38  ? 6.439   -17.579 4.336   1.00 34.25 ? 44  LYS A CG  1 
ATOM   395  C  CD  . LYS A 1 38  ? 6.552   -18.063 2.899   1.00 37.02 ? 44  LYS A CD  1 
ATOM   396  C  CE  . LYS A 1 38  ? 5.192   -18.110 2.222   1.00 36.85 ? 44  LYS A CE  1 
ATOM   397  N  NZ  . LYS A 1 38  ? 5.295   -18.556 0.800   1.00 38.94 ? 44  LYS A NZ  1 
ATOM   398  N  N   . ALA A 1 39  ? 8.723   -14.781 5.819   1.00 28.70 ? 45  ALA A N   1 
ATOM   399  C  CA  . ALA A 1 39  ? 8.413   -13.394 6.091   1.00 28.19 ? 45  ALA A CA  1 
ATOM   400  C  C   . ALA A 1 39  ? 9.222   -12.501 5.150   1.00 28.30 ? 45  ALA A C   1 
ATOM   401  O  O   . ALA A 1 39  ? 8.695   -11.530 4.598   1.00 27.51 ? 45  ALA A O   1 
ATOM   402  C  CB  . ALA A 1 39  ? 8.735   -13.060 7.541   1.00 25.94 ? 45  ALA A CB  1 
ATOM   403  N  N   . ARG A 1 40  ? 10.498  -12.827 4.970   1.00 26.36 ? 46  ARG A N   1 
ATOM   404  C  CA  . ARG A 1 40  ? 11.350  -12.032 4.094   1.00 28.62 ? 46  ARG A CA  1 
ATOM   405  C  C   . ARG A 1 40  ? 10.915  -12.194 2.643   1.00 28.57 ? 46  ARG A C   1 
ATOM   406  O  O   . ARG A 1 40  ? 11.035  -11.269 1.839   1.00 27.63 ? 46  ARG A O   1 
ATOM   407  C  CB  . ARG A 1 40  ? 12.815  -12.442 4.243   1.00 27.76 ? 46  ARG A CB  1 
ATOM   408  C  CG  . ARG A 1 40  ? 13.485  -11.901 5.500   1.00 28.93 ? 46  ARG A CG  1 
ATOM   409  C  CD  . ARG A 1 40  ? 14.952  -12.304 5.546   1.00 28.19 ? 46  ARG A CD  1 
ATOM   410  N  NE  . ARG A 1 40  ? 15.142  -13.715 5.880   1.00 28.58 ? 46  ARG A NE  1 
ATOM   411  C  CZ  . ARG A 1 40  ? 15.230  -14.191 7.124   1.00 29.84 ? 46  ARG A CZ  1 
ATOM   412  N  NH1 . ARG A 1 40  ? 15.144  -13.370 8.165   1.00 27.41 ? 46  ARG A NH1 1 
ATOM   413  N  NH2 . ARG A 1 40  ? 15.419  -15.488 7.330   1.00 25.06 ? 46  ARG A NH2 1 
ATOM   414  N  N   . GLU A 1 41  ? 10.425  -13.382 2.316   1.00 27.67 ? 47  GLU A N   1 
ATOM   415  C  CA  . GLU A 1 41  ? 9.956   -13.665 0.969   1.00 28.46 ? 47  GLU A CA  1 
ATOM   416  C  C   . GLU A 1 41  ? 8.733   -12.795 0.690   1.00 27.24 ? 47  GLU A C   1 
ATOM   417  O  O   . GLU A 1 41  ? 8.682   -12.085 -0.306  1.00 27.74 ? 47  GLU A O   1 
ATOM   418  C  CB  . GLU A 1 41  ? 9.577   -15.144 0.840   1.00 28.06 ? 47  GLU A CB  1 
ATOM   419  C  CG  . GLU A 1 41  ? 8.822   -15.454 -0.439  1.00 32.25 ? 47  GLU A CG  1 
ATOM   420  C  CD  . GLU A 1 41  ? 8.361   -16.897 -0.525  1.00 33.24 ? 47  GLU A CD  1 
ATOM   421  O  OE1 . GLU A 1 41  ? 7.239   -17.122 -1.024  1.00 32.06 ? 47  GLU A OE1 1 
ATOM   422  O  OE2 . GLU A 1 41  ? 9.120   -17.800 -0.112  1.00 33.36 ? 47  GLU A OE2 1 
ATOM   423  N  N   . VAL A 1 42  ? 7.752   -12.856 1.585   1.00 26.43 ? 48  VAL A N   1 
ATOM   424  C  CA  . VAL A 1 42  ? 6.533   -12.076 1.437   1.00 25.94 ? 48  VAL A CA  1 
ATOM   425  C  C   . VAL A 1 42  ? 6.824   -10.574 1.380   1.00 26.98 ? 48  VAL A C   1 
ATOM   426  O  O   . VAL A 1 42  ? 6.280   -9.870  0.526   1.00 26.64 ? 48  VAL A O   1 
ATOM   427  C  CB  . VAL A 1 42  ? 5.549   -12.366 2.594   1.00 25.08 ? 48  VAL A CB  1 
ATOM   428  C  CG1 . VAL A 1 42  ? 4.392   -11.365 2.575   1.00 24.35 ? 48  VAL A CG1 1 
ATOM   429  C  CG2 . VAL A 1 42  ? 5.014   -13.796 2.467   1.00 23.51 ? 48  VAL A CG2 1 
ATOM   430  N  N   . PHE A 1 43  ? 7.681   -10.086 2.275   1.00 24.92 ? 49  PHE A N   1 
ATOM   431  C  CA  . PHE A 1 43  ? 8.001   -8.661  2.302   1.00 25.66 ? 49  PHE A CA  1 
ATOM   432  C  C   . PHE A 1 43  ? 8.549   -8.229  0.942   1.00 25.40 ? 49  PHE A C   1 
ATOM   433  O  O   . PHE A 1 43  ? 8.193   -7.171  0.423   1.00 22.14 ? 49  PHE A O   1 
ATOM   434  C  CB  . PHE A 1 43  ? 9.027   -8.351  3.394   1.00 24.47 ? 49  PHE A CB  1 
ATOM   435  C  CG  . PHE A 1 43  ? 9.226   -6.877  3.632   1.00 26.34 ? 49  PHE A CG  1 
ATOM   436  C  CD1 . PHE A 1 43  ? 8.351   -6.166  4.442   1.00 27.33 ? 49  PHE A CD1 1 
ATOM   437  C  CD2 . PHE A 1 43  ? 10.270  -6.199  3.025   1.00 24.48 ? 49  PHE A CD2 1 
ATOM   438  C  CE1 . PHE A 1 43  ? 8.516   -4.796  4.645   1.00 27.40 ? 49  PHE A CE1 1 
ATOM   439  C  CE2 . PHE A 1 43  ? 10.444  -4.834  3.219   1.00 25.54 ? 49  PHE A CE2 1 
ATOM   440  C  CZ  . PHE A 1 43  ? 9.566   -4.131  4.032   1.00 26.08 ? 49  PHE A CZ  1 
ATOM   441  N  N   . ASP A 1 44  ? 9.416   -9.057  0.368   1.00 24.28 ? 50  ASP A N   1 
ATOM   442  C  CA  . ASP A 1 44  ? 9.980   -8.753  -0.938  1.00 26.48 ? 50  ASP A CA  1 
ATOM   443  C  C   . ASP A 1 44  ? 8.837   -8.556  -1.950  1.00 25.39 ? 50  ASP A C   1 
ATOM   444  O  O   . ASP A 1 44  ? 8.811   -7.566  -2.686  1.00 23.62 ? 50  ASP A O   1 
ATOM   445  C  CB  . ASP A 1 44  ? 10.893  -9.893  -1.401  1.00 28.13 ? 50  ASP A CB  1 
ATOM   446  C  CG  . ASP A 1 44  ? 11.600  -9.581  -2.715  1.00 32.31 ? 50  ASP A CG  1 
ATOM   447  O  OD1 . ASP A 1 44  ? 11.653  -10.468 -3.593  1.00 35.11 ? 50  ASP A OD1 1 
ATOM   448  O  OD2 . ASP A 1 44  ? 12.112  -8.450  -2.869  1.00 35.92 ? 50  ASP A OD2 1 
ATOM   449  N  N   . ALA A 1 45  ? 7.900   -9.506  -1.967  1.00 23.03 ? 51  ALA A N   1 
ATOM   450  C  CA  . ALA A 1 45  ? 6.744   -9.476  -2.864  1.00 21.65 ? 51  ALA A CA  1 
ATOM   451  C  C   . ALA A 1 45  ? 5.835   -8.284  -2.578  1.00 20.55 ? 51  ALA A C   1 
ATOM   452  O  O   . ALA A 1 45  ? 5.311   -7.660  -3.495  1.00 20.61 ? 51  ALA A O   1 
ATOM   453  C  CB  . ALA A 1 45  ? 5.954   -10.776 -2.731  1.00 21.68 ? 51  ALA A CB  1 
ATOM   454  N  N   . LEU A 1 46  ? 5.647   -7.986  -1.297  1.00 19.97 ? 52  LEU A N   1 
ATOM   455  C  CA  . LEU A 1 46  ? 4.824   -6.866  -0.867  1.00 21.68 ? 52  LEU A CA  1 
ATOM   456  C  C   . LEU A 1 46  ? 5.454   -5.572  -1.381  1.00 22.94 ? 52  LEU A C   1 
ATOM   457  O  O   . LEU A 1 46  ? 4.761   -4.636  -1.800  1.00 22.56 ? 52  LEU A O   1 
ATOM   458  C  CB  . LEU A 1 46  ? 4.761   -6.845  0.661   1.00 22.94 ? 52  LEU A CB  1 
ATOM   459  C  CG  . LEU A 1 46  ? 3.920   -5.791  1.383   1.00 23.63 ? 52  LEU A CG  1 
ATOM   460  C  CD1 . LEU A 1 46  ? 3.699   -6.244  2.811   1.00 23.38 ? 52  LEU A CD1 1 
ATOM   461  C  CD2 . LEU A 1 46  ? 4.615   -4.439  1.355   1.00 25.22 ? 52  LEU A CD2 1 
ATOM   462  N  N   . LYS A 1 47  ? 6.779   -5.542  -1.347  1.00 21.65 ? 53  LYS A N   1 
ATOM   463  C  CA  . LYS A 1 47  ? 7.553   -4.396  -1.786  1.00 24.67 ? 53  LYS A CA  1 
ATOM   464  C  C   . LYS A 1 47  ? 7.429   -4.149  -3.290  1.00 24.94 ? 53  LYS A C   1 
ATOM   465  O  O   . LYS A 1 47  ? 7.132   -3.031  -3.727  1.00 24.83 ? 53  LYS A O   1 
ATOM   466  C  CB  . LYS A 1 47  ? 9.033   -4.604  -1.433  1.00 26.29 ? 53  LYS A CB  1 
ATOM   467  C  CG  . LYS A 1 47  ? 9.911   -3.407  -1.755  1.00 28.33 ? 53  LYS A CG  1 
ATOM   468  C  CD  . LYS A 1 47  ? 11.389  -3.687  -1.498  1.00 32.54 ? 53  LYS A CD  1 
ATOM   469  C  CE  . LYS A 1 47  ? 11.955  -4.704  -2.468  1.00 32.66 ? 53  LYS A CE  1 
ATOM   470  N  NZ  . LYS A 1 47  ? 13.448  -4.653  -2.504  1.00 37.21 ? 53  LYS A NZ  1 
ATOM   471  N  N   . ASN A 1 48  ? 7.674   -5.189  -4.083  1.00 23.61 ? 54  ASN A N   1 
ATOM   472  C  CA  . ASN A 1 48  ? 7.603   -5.043  -5.528  1.00 23.97 ? 54  ASN A CA  1 
ATOM   473  C  C   . ASN A 1 48  ? 6.197   -4.660  -5.942  1.00 22.71 ? 54  ASN A C   1 
ATOM   474  O  O   . ASN A 1 48  ? 6.011   -3.823  -6.814  1.00 23.72 ? 54  ASN A O   1 
ATOM   475  C  CB  . ASN A 1 48  ? 8.017   -6.339  -6.228  1.00 24.67 ? 54  ASN A CB  1 
ATOM   476  C  CG  . ASN A 1 48  ? 9.460   -6.725  -5.936  1.00 28.40 ? 54  ASN A CG  1 
ATOM   477  O  OD1 . ASN A 1 48  ? 10.373  -5.890  -5.999  1.00 30.48 ? 54  ASN A OD1 1 
ATOM   478  N  ND2 . ASN A 1 48  ? 9.675   -7.993  -5.628  1.00 23.32 ? 54  ASN A ND2 1 
ATOM   479  N  N   . TYR A 1 49  ? 5.206   -5.264  -5.303  1.00 22.62 ? 55  TYR A N   1 
ATOM   480  C  CA  . TYR A 1 49  ? 3.833   -4.958  -5.639  1.00 21.81 ? 55  TYR A CA  1 
ATOM   481  C  C   . TYR A 1 49  ? 3.472   -3.504  -5.336  1.00 22.44 ? 55  TYR A C   1 
ATOM   482  O  O   . TYR A 1 49  ? 2.775   -2.860  -6.114  1.00 22.89 ? 55  TYR A O   1 
ATOM   483  C  CB  . TYR A 1 49  ? 2.877   -5.888  -4.899  1.00 19.95 ? 55  TYR A CB  1 
ATOM   484  C  CG  . TYR A 1 49  ? 1.488   -5.797  -5.465  1.00 21.24 ? 55  TYR A CG  1 
ATOM   485  C  CD1 . TYR A 1 49  ? 1.195   -6.336  -6.719  1.00 20.38 ? 55  TYR A CD1 1 
ATOM   486  C  CD2 . TYR A 1 49  ? 0.491   -5.086  -4.806  1.00 20.84 ? 55  TYR A CD2 1 
ATOM   487  C  CE1 . TYR A 1 49  ? -0.062  -6.158  -7.303  1.00 20.08 ? 55  TYR A CE1 1 
ATOM   488  C  CE2 . TYR A 1 49  ? -0.769  -4.900  -5.387  1.00 21.89 ? 55  TYR A CE2 1 
ATOM   489  C  CZ  . TYR A 1 49  ? -1.032  -5.437  -6.636  1.00 17.34 ? 55  TYR A CZ  1 
ATOM   490  O  OH  . TYR A 1 49  ? -2.261  -5.234  -7.222  1.00 21.43 ? 55  TYR A OH  1 
ATOM   491  N  N   . ALA A 1 50  ? 3.932   -2.985  -4.201  1.00 23.71 ? 56  ALA A N   1 
ATOM   492  C  CA  . ALA A 1 50  ? 3.628   -1.601  -3.844  1.00 22.50 ? 56  ALA A CA  1 
ATOM   493  C  C   . ALA A 1 50  ? 4.208   -0.666  -4.899  1.00 20.89 ? 56  ALA A C   1 
ATOM   494  O  O   . ALA A 1 50  ? 3.565   0.303   -5.307  1.00 21.45 ? 56  ALA A O   1 
ATOM   495  C  CB  . ALA A 1 50  ? 4.201   -1.263  -2.462  1.00 22.60 ? 56  ALA A CB  1 
ATOM   496  N  N   . VAL A 1 51  ? 5.422   -0.953  -5.346  1.00 18.23 ? 57  VAL A N   1 
ATOM   497  C  CA  . VAL A 1 51  ? 6.042   -0.117  -6.362  1.00 20.00 ? 57  VAL A CA  1 
ATOM   498  C  C   . VAL A 1 51  ? 5.239   -0.136  -7.675  1.00 20.57 ? 57  VAL A C   1 
ATOM   499  O  O   . VAL A 1 51  ? 5.157   0.868   -8.381  1.00 19.57 ? 57  VAL A O   1 
ATOM   500  C  CB  . VAL A 1 51  ? 7.483   -0.574  -6.639  1.00 18.37 ? 57  VAL A CB  1 
ATOM   501  C  CG1 . VAL A 1 51  ? 8.006   0.075   -7.925  1.00 16.92 ? 57  VAL A CG1 1 
ATOM   502  C  CG2 . VAL A 1 51  ? 8.377   -0.192  -5.457  1.00 20.88 ? 57  VAL A CG2 1 
ATOM   503  N  N   . GLU A 1 52  ? 4.650   -1.278  -8.001  1.00 21.05 ? 58  GLU A N   1 
ATOM   504  C  CA  . GLU A 1 52  ? 3.880   -1.370  -9.233  1.00 21.94 ? 58  GLU A CA  1 
ATOM   505  C  C   . GLU A 1 52  ? 2.529   -0.671  -9.104  1.00 19.88 ? 58  GLU A C   1 
ATOM   506  O  O   . GLU A 1 52  ? 2.035   -0.108  -10.073 1.00 17.75 ? 58  GLU A O   1 
ATOM   507  C  CB  . GLU A 1 52  ? 3.716   -2.834  -9.627  1.00 21.57 ? 58  GLU A CB  1 
ATOM   508  C  CG  . GLU A 1 52  ? 5.064   -3.496  -9.803  1.00 25.91 ? 58  GLU A CG  1 
ATOM   509  C  CD  . GLU A 1 52  ? 4.968   -4.939  -10.218 1.00 29.17 ? 58  GLU A CD  1 
ATOM   510  O  OE1 . GLU A 1 52  ? 4.149   -5.669  -9.629  1.00 31.35 ? 58  GLU A OE1 1 
ATOM   511  O  OE2 . GLU A 1 52  ? 5.723   -5.346  -11.121 1.00 31.64 ? 58  GLU A OE2 1 
ATOM   512  N  N   . HIS A 1 53  ? 1.951   -0.700  -7.905  1.00 17.82 ? 59  HIS A N   1 
ATOM   513  C  CA  . HIS A 1 53  ? 0.678   -0.039  -7.645  1.00 18.79 ? 59  HIS A CA  1 
ATOM   514  C  C   . HIS A 1 53  ? 0.905   1.472   -7.677  1.00 21.54 ? 59  HIS A C   1 
ATOM   515  O  O   . HIS A 1 53  ? 0.034   2.239   -8.111  1.00 21.19 ? 59  HIS A O   1 
ATOM   516  C  CB  . HIS A 1 53  ? 0.129   -0.438  -6.273  1.00 18.60 ? 59  HIS A CB  1 
ATOM   517  C  CG  . HIS A 1 53  ? -0.899  0.513   -5.740  1.00 20.07 ? 59  HIS A CG  1 
ATOM   518  N  ND1 . HIS A 1 53  ? -2.136  0.719   -6.314  1.00 19.51 ? 59  HIS A ND1 1 
ATOM   519  C  CD2 . HIS A 1 53  ? -0.838  1.365   -4.683  1.00 18.19 ? 59  HIS A CD2 1 
ATOM   520  C  CE1 . HIS A 1 53  ? -2.768  1.671   -5.611  1.00 18.95 ? 59  HIS A CE1 1 
ATOM   521  N  NE2 . HIS A 1 53  ? -2.021  2.094   -4.609  1.00 19.78 ? 59  HIS A NE2 1 
ATOM   522  N  N   . PHE A 1 54  ? 2.069   1.894   -7.191  1.00 19.47 ? 60  PHE A N   1 
ATOM   523  C  CA  . PHE A 1 54  ? 2.427   3.306   -7.192  1.00 20.46 ? 60  PHE A CA  1 
ATOM   524  C  C   . PHE A 1 54  ? 2.591   3.726   -8.654  1.00 19.10 ? 60  PHE A C   1 
ATOM   525  O  O   . PHE A 1 54  ? 2.089   4.762   -9.069  1.00 18.55 ? 60  PHE A O   1 
ATOM   526  C  CB  . PHE A 1 54  ? 3.738   3.526   -6.426  1.00 19.39 ? 60  PHE A CB  1 
ATOM   527  C  CG  . PHE A 1 54  ? 3.611   3.372   -4.924  1.00 20.14 ? 60  PHE A CG  1 
ATOM   528  C  CD1 . PHE A 1 54  ? 4.748   3.369   -4.117  1.00 19.06 ? 60  PHE A CD1 1 
ATOM   529  C  CD2 . PHE A 1 54  ? 2.363   3.241   -4.317  1.00 16.94 ? 60  PHE A CD2 1 
ATOM   530  C  CE1 . PHE A 1 54  ? 4.645   3.237   -2.723  1.00 19.61 ? 60  PHE A CE1 1 
ATOM   531  C  CE2 . PHE A 1 54  ? 2.248   3.108   -2.931  1.00 18.62 ? 60  PHE A CE2 1 
ATOM   532  C  CZ  . PHE A 1 54  ? 3.393   3.107   -2.133  1.00 17.79 ? 60  PHE A CZ  1 
ATOM   533  N  N   . GLY A 1 55  ? 3.288   2.896   -9.424  1.00 18.91 ? 61  GLY A N   1 
ATOM   534  C  CA  . GLY A 1 55  ? 3.504   3.174   -10.835 1.00 19.55 ? 61  GLY A CA  1 
ATOM   535  C  C   . GLY A 1 55  ? 2.210   3.218   -11.631 1.00 20.06 ? 61  GLY A C   1 
ATOM   536  O  O   . GLY A 1 55  ? 2.105   3.952   -12.611 1.00 18.90 ? 61  GLY A O   1 
ATOM   537  N  N   . TYR A 1 56  ? 1.228   2.424   -11.211 1.00 19.90 ? 62  TYR A N   1 
ATOM   538  C  CA  . TYR A 1 56  ? -0.072  2.375   -11.880 1.00 21.08 ? 62  TYR A CA  1 
ATOM   539  C  C   . TYR A 1 56  ? -0.797  3.697   -11.642 1.00 20.02 ? 62  TYR A C   1 
ATOM   540  O  O   . TYR A 1 56  ? -1.346  4.284   -12.571 1.00 20.53 ? 62  TYR A O   1 
ATOM   541  C  CB  . TYR A 1 56  ? -0.911  1.225   -11.323 1.00 21.58 ? 62  TYR A CB  1 
ATOM   542  C  CG  . TYR A 1 56  ? -2.273  1.069   -11.976 1.00 24.34 ? 62  TYR A CG  1 
ATOM   543  C  CD1 . TYR A 1 56  ? -2.434  0.305   -13.142 1.00 25.01 ? 62  TYR A CD1 1 
ATOM   544  C  CD2 . TYR A 1 56  ? -3.404  1.655   -11.410 1.00 23.21 ? 62  TYR A CD2 1 
ATOM   545  C  CE1 . TYR A 1 56  ? -3.693  0.123   -13.718 1.00 23.26 ? 62  TYR A CE1 1 
ATOM   546  C  CE2 . TYR A 1 56  ? -4.661  1.485   -11.980 1.00 25.14 ? 62  TYR A CE2 1 
ATOM   547  C  CZ  . TYR A 1 56  ? -4.796  0.716   -13.131 1.00 25.66 ? 62  TYR A CZ  1 
ATOM   548  O  OH  . TYR A 1 56  ? -6.042  0.542   -13.673 1.00 28.59 ? 62  TYR A OH  1 
ATOM   549  N  N   . GLU A 1 57  ? -0.810  4.149   -10.391 1.00 19.35 ? 63  GLU A N   1 
ATOM   550  C  CA  . GLU A 1 57  ? -1.441  5.420   -10.057 1.00 20.82 ? 63  GLU A CA  1 
ATOM   551  C  C   . GLU A 1 57  ? -0.733  6.548   -10.809 1.00 18.56 ? 63  GLU A C   1 
ATOM   552  O  O   . GLU A 1 57  ? -1.380  7.415   -11.390 1.00 18.56 ? 63  GLU A O   1 
ATOM   553  C  CB  . GLU A 1 57  ? -1.342  5.716   -8.556  1.00 20.16 ? 63  GLU A CB  1 
ATOM   554  C  CG  . GLU A 1 57  ? -2.085  4.770   -7.638  1.00 21.44 ? 63  GLU A CG  1 
ATOM   555  C  CD  . GLU A 1 57  ? -2.238  5.350   -6.241  1.00 21.96 ? 63  GLU A CD  1 
ATOM   556  O  OE1 . GLU A 1 57  ? -1.447  6.251   -5.876  1.00 24.06 ? 63  GLU A OE1 1 
ATOM   557  O  OE2 . GLU A 1 57  ? -3.143  4.907   -5.507  1.00 20.89 ? 63  GLU A OE2 1 
ATOM   558  N  N   . GLU A 1 58  ? 0.596   6.528   -10.777 1.00 17.54 ? 64  GLU A N   1 
ATOM   559  C  CA  . GLU A 1 58  ? 1.418   7.549   -11.430 1.00 20.11 ? 64  GLU A CA  1 
ATOM   560  C  C   . GLU A 1 58  ? 1.162   7.588   -12.928 1.00 20.37 ? 64  GLU A C   1 
ATOM   561  O  O   . GLU A 1 58  ? 1.210   8.647   -13.546 1.00 20.11 ? 64  GLU A O   1 
ATOM   562  C  CB  . GLU A 1 58  ? 2.909   7.303   -11.128 1.00 18.78 ? 64  GLU A CB  1 
ATOM   563  C  CG  . GLU A 1 58  ? 3.360   7.900   -9.781  1.00 21.73 ? 64  GLU A CG  1 
ATOM   564  C  CD  . GLU A 1 58  ? 4.565   7.190   -9.159  1.00 24.78 ? 64  GLU A CD  1 
ATOM   565  O  OE1 . GLU A 1 58  ? 5.512   6.828   -9.892  1.00 22.55 ? 64  GLU A OE1 1 
ATOM   566  O  OE2 . GLU A 1 58  ? 4.566   7.003   -7.920  1.00 28.43 ? 64  GLU A OE2 1 
ATOM   567  N  N   . ARG A 1 59  ? 0.873   6.430   -13.510 1.00 21.93 ? 65  ARG A N   1 
ATOM   568  C  CA  . ARG A 1 59  ? 0.565   6.378   -14.927 1.00 22.68 ? 65  ARG A CA  1 
ATOM   569  C  C   . ARG A 1 59  ? -0.810  7.044   -15.132 1.00 21.69 ? 65  ARG A C   1 
ATOM   570  O  O   . ARG A 1 59  ? -1.046  7.707   -16.144 1.00 22.68 ? 65  ARG A O   1 
ATOM   571  C  CB  . ARG A 1 59  ? 0.563   4.926   -15.420 1.00 22.51 ? 65  ARG A CB  1 
ATOM   572  C  CG  . ARG A 1 59  ? 0.140   4.758   -16.886 1.00 28.04 ? 65  ARG A CG  1 
ATOM   573  C  CD  . ARG A 1 59  ? 0.914   5.678   -17.834 1.00 29.14 ? 65  ARG A CD  1 
ATOM   574  N  NE  . ARG A 1 59  ? 0.500   5.491   -19.224 1.00 31.15 ? 65  ARG A NE  1 
ATOM   575  C  CZ  . ARG A 1 59  ? 0.993   4.562   -20.043 1.00 32.35 ? 65  ARG A CZ  1 
ATOM   576  N  NH1 . ARG A 1 59  ? 1.934   3.727   -19.616 1.00 31.41 ? 65  ARG A NH1 1 
ATOM   577  N  NH2 . ARG A 1 59  ? 0.538   4.461   -21.289 1.00 32.43 ? 65  ARG A NH2 1 
ATOM   578  N  N   . LEU A 1 60  ? -1.712  6.893   -14.169 1.00 18.01 ? 66  LEU A N   1 
ATOM   579  C  CA  . LEU A 1 60  ? -3.014  7.530   -14.311 1.00 17.97 ? 66  LEU A CA  1 
ATOM   580  C  C   . LEU A 1 60  ? -2.836  9.045   -14.159 1.00 18.55 ? 66  LEU A C   1 
ATOM   581  O  O   . LEU A 1 60  ? -3.506  9.827   -14.832 1.00 18.13 ? 66  LEU A O   1 
ATOM   582  C  CB  . LEU A 1 60  ? -4.002  7.020   -13.259 1.00 14.83 ? 66  LEU A CB  1 
ATOM   583  C  CG  . LEU A 1 60  ? -4.601  5.619   -13.426 1.00 16.60 ? 66  LEU A CG  1 
ATOM   584  C  CD1 . LEU A 1 60  ? -5.481  5.340   -12.233 1.00 15.09 ? 66  LEU A CD1 1 
ATOM   585  C  CD2 . LEU A 1 60  ? -5.411  5.508   -14.721 1.00 14.90 ? 66  LEU A CD2 1 
ATOM   586  N  N   . PHE A 1 61  ? -1.933  9.455   -13.272 1.00 18.21 ? 67  PHE A N   1 
ATOM   587  C  CA  . PHE A 1 61  ? -1.680  10.880  -13.059 1.00 18.65 ? 67  PHE A CA  1 
ATOM   588  C  C   . PHE A 1 61  ? -1.196  11.470  -14.376 1.00 19.85 ? 67  PHE A C   1 
ATOM   589  O  O   . PHE A 1 61  ? -1.610  12.551  -14.783 1.00 20.09 ? 67  PHE A O   1 
ATOM   590  C  CB  . PHE A 1 61  ? -0.605  11.091  -11.990 1.00 17.32 ? 67  PHE A CB  1 
ATOM   591  C  CG  . PHE A 1 61  ? -0.976  10.568  -10.633 1.00 19.18 ? 67  PHE A CG  1 
ATOM   592  C  CD1 . PHE A 1 61  ? -0.009  10.453  -9.637  1.00 22.00 ? 67  PHE A CD1 1 
ATOM   593  C  CD2 . PHE A 1 61  ? -2.284  10.184  -10.341 1.00 18.57 ? 67  PHE A CD2 1 
ATOM   594  C  CE1 . PHE A 1 61  ? -0.338  9.962   -8.368  1.00 21.61 ? 67  PHE A CE1 1 
ATOM   595  C  CE2 . PHE A 1 61  ? -2.617  9.697   -9.081  1.00 21.15 ? 67  PHE A CE2 1 
ATOM   596  C  CZ  . PHE A 1 61  ? -1.640  9.585   -8.092  1.00 20.41 ? 67  PHE A CZ  1 
ATOM   597  N  N   . ALA A 1 62  ? -0.313  10.742  -15.040 1.00 22.24 ? 68  ALA A N   1 
ATOM   598  C  CA  . ALA A 1 62  ? 0.226   11.185  -16.314 1.00 25.08 ? 68  ALA A CA  1 
ATOM   599  C  C   . ALA A 1 62  ? -0.853  11.248  -17.397 1.00 25.05 ? 68  ALA A C   1 
ATOM   600  O  O   . ALA A 1 62  ? -1.041  12.283  -18.043 1.00 24.97 ? 68  ALA A O   1 
ATOM   601  C  CB  . ALA A 1 62  ? 1.350   10.249  -16.749 1.00 24.41 ? 68  ALA A CB  1 
ATOM   602  N  N   . ASP A 1 63  ? -1.559  10.137  -17.578 1.00 25.04 ? 69  ASP A N   1 
ATOM   603  C  CA  . ASP A 1 63  ? -2.602  10.021  -18.597 1.00 24.54 ? 69  ASP A CA  1 
ATOM   604  C  C   . ASP A 1 63  ? -3.670  11.110  -18.524 1.00 24.36 ? 69  ASP A C   1 
ATOM   605  O  O   . ASP A 1 63  ? -4.079  11.661  -19.548 1.00 21.91 ? 69  ASP A O   1 
ATOM   606  C  CB  . ASP A 1 63  ? -3.295  8.654   -18.491 1.00 26.80 ? 69  ASP A CB  1 
ATOM   607  C  CG  . ASP A 1 63  ? -2.430  7.503   -18.979 1.00 29.38 ? 69  ASP A CG  1 
ATOM   608  O  OD1 . ASP A 1 63  ? -2.754  6.342   -18.642 1.00 34.15 ? 69  ASP A OD1 1 
ATOM   609  O  OD2 . ASP A 1 63  ? -1.444  7.741   -19.705 1.00 29.51 ? 69  ASP A OD2 1 
ATOM   610  N  N   . TYR A 1 64  ? -4.112  11.426  -17.313 1.00 21.73 ? 70  TYR A N   1 
ATOM   611  C  CA  . TYR A 1 64  ? -5.166  12.407  -17.149 1.00 22.51 ? 70  TYR A CA  1 
ATOM   612  C  C   . TYR A 1 64  ? -4.774  13.778  -16.621 1.00 20.45 ? 70  TYR A C   1 
ATOM   613  O  O   . TYR A 1 64  ? -5.629  14.558  -16.199 1.00 22.83 ? 70  TYR A O   1 
ATOM   614  C  CB  . TYR A 1 64  ? -6.269  11.793  -16.288 1.00 23.95 ? 70  TYR A CB  1 
ATOM   615  C  CG  . TYR A 1 64  ? -6.895  10.585  -16.951 1.00 23.85 ? 70  TYR A CG  1 
ATOM   616  C  CD1 . TYR A 1 64  ? -6.313  9.319   -16.842 1.00 24.04 ? 70  TYR A CD1 1 
ATOM   617  C  CD2 . TYR A 1 64  ? -8.040  10.720  -17.737 1.00 24.45 ? 70  TYR A CD2 1 
ATOM   618  C  CE1 . TYR A 1 64  ? -6.857  8.220   -17.502 1.00 23.66 ? 70  TYR A CE1 1 
ATOM   619  C  CE2 . TYR A 1 64  ? -8.592  9.633   -18.403 1.00 23.22 ? 70  TYR A CE2 1 
ATOM   620  C  CZ  . TYR A 1 64  ? -7.998  8.385   -18.282 1.00 26.09 ? 70  TYR A CZ  1 
ATOM   621  O  OH  . TYR A 1 64  ? -8.554  7.306   -18.937 1.00 26.24 ? 70  TYR A OH  1 
ATOM   622  N  N   . ALA A 1 65  ? -3.483  14.073  -16.658 1.00 19.15 ? 71  ALA A N   1 
ATOM   623  C  CA  . ALA A 1 65  ? -2.975  15.361  -16.209 1.00 19.59 ? 71  ALA A CA  1 
ATOM   624  C  C   . ALA A 1 65  ? -3.454  15.725  -14.807 1.00 20.89 ? 71  ALA A C   1 
ATOM   625  O  O   . ALA A 1 65  ? -4.004  16.805  -14.598 1.00 22.81 ? 71  ALA A O   1 
ATOM   626  C  CB  . ALA A 1 65  ? -3.384  16.458  -17.207 1.00 14.82 ? 71  ALA A CB  1 
ATOM   627  N  N   . TYR A 1 66  ? -3.247  14.826  -13.853 1.00 20.53 ? 72  TYR A N   1 
ATOM   628  C  CA  . TYR A 1 66  ? -3.655  15.081  -12.476 1.00 23.40 ? 72  TYR A CA  1 
ATOM   629  C  C   . TYR A 1 66  ? -2.801  16.198  -11.889 1.00 23.11 ? 72  TYR A C   1 
ATOM   630  O  O   . TYR A 1 66  ? -1.583  16.062  -11.760 1.00 21.94 ? 72  TYR A O   1 
ATOM   631  C  CB  . TYR A 1 66  ? -3.497  13.814  -11.629 1.00 23.36 ? 72  TYR A CB  1 
ATOM   632  C  CG  . TYR A 1 66  ? -3.917  13.992  -10.190 1.00 22.77 ? 72  TYR A CG  1 
ATOM   633  C  CD1 . TYR A 1 66  ? -5.177  14.514  -9.869  1.00 22.86 ? 72  TYR A CD1 1 
ATOM   634  C  CD2 . TYR A 1 66  ? -3.077  13.605  -9.145  1.00 22.63 ? 72  TYR A CD2 1 
ATOM   635  C  CE1 . TYR A 1 66  ? -5.590  14.639  -8.539  1.00 19.35 ? 72  TYR A CE1 1 
ATOM   636  C  CE2 . TYR A 1 66  ? -3.480  13.727  -7.809  1.00 20.41 ? 72  TYR A CE2 1 
ATOM   637  C  CZ  . TYR A 1 66  ? -4.734  14.242  -7.513  1.00 20.29 ? 72  TYR A CZ  1 
ATOM   638  O  OH  . TYR A 1 66  ? -5.137  14.355  -6.190  1.00 19.50 ? 72  TYR A OH  1 
ATOM   639  N  N   . PRO A 1 67  ? -3.435  17.314  -11.505 1.00 27.08 ? 73  PRO A N   1 
ATOM   640  C  CA  . PRO A 1 67  ? -2.752  18.479  -10.931 1.00 30.39 ? 73  PRO A CA  1 
ATOM   641  C  C   . PRO A 1 67  ? -1.782  18.241  -9.758  1.00 31.59 ? 73  PRO A C   1 
ATOM   642  O  O   . PRO A 1 67  ? -0.724  18.872  -9.695  1.00 31.01 ? 73  PRO A O   1 
ATOM   643  C  CB  . PRO A 1 67  ? -3.911  19.393  -10.534 1.00 31.52 ? 73  PRO A CB  1 
ATOM   644  C  CG  . PRO A 1 67  ? -4.966  19.059  -11.546 1.00 31.25 ? 73  PRO A CG  1 
ATOM   645  C  CD  . PRO A 1 67  ? -4.889  17.550  -11.583 1.00 28.16 ? 73  PRO A CD  1 
ATOM   646  N  N   . GLU A 1 68  ? -2.132  17.346  -8.837  1.00 31.54 ? 74  GLU A N   1 
ATOM   647  C  CA  . GLU A 1 68  ? -1.275  17.097  -7.677  1.00 33.14 ? 74  GLU A CA  1 
ATOM   648  C  C   . GLU A 1 68  ? -0.344  15.902  -7.824  1.00 33.47 ? 74  GLU A C   1 
ATOM   649  O  O   . GLU A 1 68  ? 0.056   15.298  -6.828  1.00 34.63 ? 74  GLU A O   1 
ATOM   650  C  CB  . GLU A 1 68  ? -2.127  16.908  -6.424  1.00 33.69 ? 74  GLU A CB  1 
ATOM   651  C  CG  . GLU A 1 68  ? -3.081  18.056  -6.127  1.00 38.11 ? 74  GLU A CG  1 
ATOM   652  C  CD  . GLU A 1 68  ? -2.394  19.410  -6.098  1.00 40.94 ? 74  GLU A CD  1 
ATOM   653  O  OE1 . GLU A 1 68  ? -1.273  19.501  -5.557  1.00 43.91 ? 74  GLU A OE1 1 
ATOM   654  O  OE2 . GLU A 1 68  ? -2.984  20.390  -6.607  1.00 44.57 ? 74  GLU A OE2 1 
ATOM   655  N  N   . ALA A 1 69  ? 0.011   15.576  -9.061  1.00 31.36 ? 75  ALA A N   1 
ATOM   656  C  CA  . ALA A 1 69  ? 0.882   14.444  -9.347  1.00 32.12 ? 75  ALA A CA  1 
ATOM   657  C  C   . ALA A 1 69  ? 2.260   14.528  -8.678  1.00 31.32 ? 75  ALA A C   1 
ATOM   658  O  O   . ALA A 1 69  ? 2.754   13.536  -8.135  1.00 30.89 ? 75  ALA A O   1 
ATOM   659  C  CB  . ALA A 1 69  ? 1.038   14.290  -10.863 1.00 30.39 ? 75  ALA A CB  1 
ATOM   660  N  N   . THR A 1 70  ? 2.874   15.708  -8.723  1.00 30.43 ? 76  THR A N   1 
ATOM   661  C  CA  . THR A 1 70  ? 4.193   15.923  -8.131  1.00 31.72 ? 76  THR A CA  1 
ATOM   662  C  C   . THR A 1 70  ? 4.299   15.542  -6.653  1.00 30.75 ? 76  THR A C   1 
ATOM   663  O  O   . THR A 1 70  ? 5.159   14.753  -6.274  1.00 31.62 ? 76  THR A O   1 
ATOM   664  C  CB  . THR A 1 70  ? 4.643   17.404  -8.289  1.00 31.63 ? 76  THR A CB  1 
ATOM   665  O  OG1 . THR A 1 70  ? 5.014   17.645  -9.655  1.00 34.82 ? 76  THR A OG1 1 
ATOM   666  C  CG2 . THR A 1 70  ? 5.838   17.715  -7.379  1.00 31.98 ? 76  THR A CG2 1 
ATOM   667  N  N   . ARG A 1 71  ? 3.444   16.117  -5.818  1.00 30.59 ? 77  ARG A N   1 
ATOM   668  C  CA  . ARG A 1 71  ? 3.482   15.818  -4.394  1.00 31.95 ? 77  ARG A CA  1 
ATOM   669  C  C   . ARG A 1 71  ? 3.236   14.335  -4.138  1.00 29.46 ? 77  ARG A C   1 
ATOM   670  O  O   . ARG A 1 71  ? 3.977   13.691  -3.397  1.00 28.86 ? 77  ARG A O   1 
ATOM   671  C  CB  . ARG A 1 71  ? 2.440   16.660  -3.652  1.00 34.41 ? 77  ARG A CB  1 
ATOM   672  C  CG  . ARG A 1 71  ? 2.276   16.308  -2.179  1.00 39.86 ? 77  ARG A CG  1 
ATOM   673  C  CD  . ARG A 1 71  ? 1.565   17.425  -1.412  1.00 44.48 ? 77  ARG A CD  1 
ATOM   674  N  NE  . ARG A 1 71  ? 1.311   17.066  -0.017  1.00 47.25 ? 77  ARG A NE  1 
ATOM   675  C  CZ  . ARG A 1 71  ? 0.340   16.248  0.380   1.00 48.01 ? 77  ARG A CZ  1 
ATOM   676  N  NH1 . ARG A 1 71  ? -0.473  15.708  -0.515  1.00 48.71 ? 77  ARG A NH1 1 
ATOM   677  N  NH2 . ARG A 1 71  ? 0.187   15.961  1.667   1.00 45.93 ? 77  ARG A NH2 1 
ATOM   678  N  N   . HIS A 1 72  ? 2.208   13.797  -4.782  1.00 26.36 ? 78  HIS A N   1 
ATOM   679  C  CA  . HIS A 1 72  ? 1.840   12.400  -4.608  1.00 25.56 ? 78  HIS A CA  1 
ATOM   680  C  C   . HIS A 1 72  ? 2.952   11.411  -4.965  1.00 26.32 ? 78  HIS A C   1 
ATOM   681  O  O   . HIS A 1 72  ? 3.206   10.462  -4.222  1.00 26.50 ? 78  HIS A O   1 
ATOM   682  C  CB  . HIS A 1 72  ? 0.580   12.091  -5.415  1.00 21.23 ? 78  HIS A CB  1 
ATOM   683  C  CG  . HIS A 1 72  ? -0.141  10.867  -4.945  1.00 22.54 ? 78  HIS A CG  1 
ATOM   684  N  ND1 . HIS A 1 72  ? -1.499  10.807  -4.732  1.00 18.73 ? 78  HIS A ND1 1 
ATOM   685  C  CD2 . HIS A 1 72  ? 0.335   9.634   -4.639  1.00 21.73 ? 78  HIS A CD2 1 
ATOM   686  C  CE1 . HIS A 1 72  ? -1.795  9.569   -4.317  1.00 22.07 ? 78  HIS A CE1 1 
ATOM   687  N  NE2 . HIS A 1 72  ? -0.714  8.818   -4.241  1.00 22.15 ? 78  HIS A NE2 1 
ATOM   688  N  N   . LYS A 1 73  ? 3.615   11.628  -6.094  1.00 27.52 ? 79  LYS A N   1 
ATOM   689  C  CA  . LYS A 1 73  ? 4.699   10.744  -6.504  1.00 27.78 ? 79  LYS A CA  1 
ATOM   690  C  C   . LYS A 1 73  ? 5.876   10.809  -5.524  1.00 27.20 ? 79  LYS A C   1 
ATOM   691  O  O   . LYS A 1 73  ? 6.556   9.803   -5.290  1.00 25.96 ? 79  LYS A O   1 
ATOM   692  C  CB  . LYS A 1 73  ? 5.188   11.109  -7.907  1.00 29.46 ? 79  LYS A CB  1 
ATOM   693  C  CG  . LYS A 1 73  ? 6.427   10.327  -8.316  1.00 35.19 ? 79  LYS A CG  1 
ATOM   694  C  CD  . LYS A 1 73  ? 6.935   10.692  -9.698  1.00 37.83 ? 79  LYS A CD  1 
ATOM   695  C  CE  . LYS A 1 73  ? 8.240   9.952   -9.991  1.00 41.32 ? 79  LYS A CE  1 
ATOM   696  N  NZ  . LYS A 1 73  ? 9.298   10.271  -8.969  1.00 43.32 ? 79  LYS A NZ  1 
ATOM   697  N  N   . GLU A 1 74  ? 6.116   11.986  -4.954  1.00 23.29 ? 80  GLU A N   1 
ATOM   698  C  CA  . GLU A 1 74  ? 7.218   12.145  -4.006  1.00 26.07 ? 80  GLU A CA  1 
ATOM   699  C  C   . GLU A 1 74  ? 6.896   11.425  -2.698  1.00 25.00 ? 80  GLU A C   1 
ATOM   700  O  O   . GLU A 1 74  ? 7.786   10.881  -2.043  1.00 26.26 ? 80  GLU A O   1 
ATOM   701  C  CB  . GLU A 1 74  ? 7.502   13.636  -3.759  1.00 23.69 ? 80  GLU A CB  1 
ATOM   702  C  CG  . GLU A 1 74  ? 8.567   13.934  -2.716  1.00 24.12 ? 80  GLU A CG  1 
ATOM   703  C  CD  . GLU A 1 74  ? 9.888   13.208  -2.944  1.00 25.00 ? 80  GLU A CD  1 
ATOM   704  O  OE1 . GLU A 1 74  ? 10.166  12.766  -4.074  1.00 27.94 ? 80  GLU A OE1 1 
ATOM   705  O  OE2 . GLU A 1 74  ? 10.665  13.093  -1.978  1.00 27.80 ? 80  GLU A OE2 1 
ATOM   706  N  N   . ILE A 1 75  ? 5.620   11.426  -2.325  1.00 25.24 ? 81  ILE A N   1 
ATOM   707  C  CA  . ILE A 1 75  ? 5.176   10.726  -1.123  1.00 25.26 ? 81  ILE A CA  1 
ATOM   708  C  C   . ILE A 1 75  ? 5.381   9.231   -1.371  1.00 23.88 ? 81  ILE A C   1 
ATOM   709  O  O   . ILE A 1 75  ? 5.873   8.508   -0.507  1.00 23.10 ? 81  ILE A O   1 
ATOM   710  C  CB  . ILE A 1 75  ? 3.687   11.028  -0.826  1.00 25.26 ? 81  ILE A CB  1 
ATOM   711  C  CG1 . ILE A 1 75  ? 3.572   12.411  -0.169  1.00 28.64 ? 81  ILE A CG1 1 
ATOM   712  C  CG2 . ILE A 1 75  ? 3.087   9.952   0.068   1.00 27.89 ? 81  ILE A CG2 1 
ATOM   713  C  CD1 . ILE A 1 75  ? 2.138   12.871  0.092   1.00 28.62 ? 81  ILE A CD1 1 
ATOM   714  N  N   . HIS A 1 76  ? 5.003   8.773   -2.563  1.00 23.83 ? 82  HIS A N   1 
ATOM   715  C  CA  . HIS A 1 76  ? 5.179   7.373   -2.940  1.00 23.44 ? 82  HIS A CA  1 
ATOM   716  C  C   . HIS A 1 76  ? 6.663   7.019   -2.839  1.00 24.15 ? 82  HIS A C   1 
ATOM   717  O  O   . HIS A 1 76  ? 7.035   6.008   -2.248  1.00 23.45 ? 82  HIS A O   1 
ATOM   718  C  CB  . HIS A 1 76  ? 4.722   7.140   -4.385  1.00 19.58 ? 82  HIS A CB  1 
ATOM   719  C  CG  . HIS A 1 76  ? 3.246   6.919   -4.535  1.00 22.13 ? 82  HIS A CG  1 
ATOM   720  N  ND1 . HIS A 1 76  ? 2.597   6.874   -5.749  1.00 18.12 ? 82  HIS A ND1 1 
ATOM   721  C  CD2 . HIS A 1 76  ? 2.289   6.700   -3.596  1.00 19.44 ? 82  HIS A CD2 1 
ATOM   722  C  CE1 . HIS A 1 76  ? 1.296   6.633   -5.509  1.00 22.24 ? 82  HIS A CE1 1 
ATOM   723  N  NE2 . HIS A 1 76  ? 1.062   6.519   -4.214  1.00 21.14 ? 82  HIS A NE2 1 
ATOM   724  N  N   . ARG A 1 77  ? 7.502   7.865   -3.430  1.00 24.72 ? 83  ARG A N   1 
ATOM   725  C  CA  . ARG A 1 77  ? 8.946   7.652   -3.434  1.00 27.07 ? 83  ARG A CA  1 
ATOM   726  C  C   . ARG A 1 77  ? 9.562   7.555   -2.031  1.00 27.53 ? 83  ARG A C   1 
ATOM   727  O  O   . ARG A 1 77  ? 10.383  6.677   -1.769  1.00 25.51 ? 83  ARG A O   1 
ATOM   728  C  CB  . ARG A 1 77  ? 9.629   8.772   -4.223  1.00 30.60 ? 83  ARG A CB  1 
ATOM   729  C  CG  . ARG A 1 77  ? 11.129  8.597   -4.316  1.00 33.62 ? 83  ARG A CG  1 
ATOM   730  C  CD  . ARG A 1 77  ? 11.832  9.855   -4.770  1.00 36.97 ? 83  ARG A CD  1 
ATOM   731  N  NE  . ARG A 1 77  ? 13.238  9.798   -4.391  1.00 43.22 ? 83  ARG A NE  1 
ATOM   732  C  CZ  . ARG A 1 77  ? 13.670  9.846   -3.134  1.00 44.82 ? 83  ARG A CZ  1 
ATOM   733  N  NH1 . ARG A 1 77  ? 12.802  9.967   -2.137  1.00 44.88 ? 83  ARG A NH1 1 
ATOM   734  N  NH2 . ARG A 1 77  ? 14.966  9.745   -2.870  1.00 47.96 ? 83  ARG A NH2 1 
ATOM   735  N  N   . ARG A 1 78  ? 9.175   8.451   -1.130  1.00 27.26 ? 84  ARG A N   1 
ATOM   736  C  CA  . ARG A 1 78  ? 9.714   8.409   0.224   1.00 27.15 ? 84  ARG A CA  1 
ATOM   737  C  C   . ARG A 1 78  ? 9.368   7.102   0.928   1.00 26.76 ? 84  ARG A C   1 
ATOM   738  O  O   . ARG A 1 78  ? 10.197  6.549   1.651   1.00 25.70 ? 84  ARG A O   1 
ATOM   739  C  CB  . ARG A 1 78  ? 9.214   9.603   1.040   1.00 26.12 ? 84  ARG A CB  1 
ATOM   740  C  CG  . ARG A 1 78  ? 9.777   10.919  0.542   1.00 26.92 ? 84  ARG A CG  1 
ATOM   741  C  CD  . ARG A 1 78  ? 9.409   12.098  1.427   1.00 27.45 ? 84  ARG A CD  1 
ATOM   742  N  NE  . ARG A 1 78  ? 9.932   13.334  0.851   1.00 30.48 ? 84  ARG A NE  1 
ATOM   743  C  CZ  . ARG A 1 78  ? 10.033  14.491  1.499   1.00 27.82 ? 84  ARG A CZ  1 
ATOM   744  N  NH1 . ARG A 1 78  ? 9.645   14.593  2.764   1.00 25.36 ? 84  ARG A NH1 1 
ATOM   745  N  NH2 . ARG A 1 78  ? 10.540  15.543  0.876   1.00 27.41 ? 84  ARG A NH2 1 
ATOM   746  N  N   . PHE A 1 79  ? 8.151   6.600   0.713   1.00 27.13 ? 85  PHE A N   1 
ATOM   747  C  CA  . PHE A 1 79  ? 7.740   5.349   1.343   1.00 24.90 ? 85  PHE A CA  1 
ATOM   748  C  C   . PHE A 1 79  ? 8.554   4.166   0.821   1.00 25.96 ? 85  PHE A C   1 
ATOM   749  O  O   . PHE A 1 79  ? 8.880   3.249   1.580   1.00 25.58 ? 85  PHE A O   1 
ATOM   750  C  CB  . PHE A 1 79  ? 6.263   5.068   1.099   1.00 23.64 ? 85  PHE A CB  1 
ATOM   751  C  CG  . PHE A 1 79  ? 5.757   3.858   1.829   1.00 27.00 ? 85  PHE A CG  1 
ATOM   752  C  CD1 . PHE A 1 79  ? 5.818   3.795   3.221   1.00 28.12 ? 85  PHE A CD1 1 
ATOM   753  C  CD2 . PHE A 1 79  ? 5.226   2.776   1.132   1.00 28.22 ? 85  PHE A CD2 1 
ATOM   754  C  CE1 . PHE A 1 79  ? 5.358   2.670   3.910   1.00 28.53 ? 85  PHE A CE1 1 
ATOM   755  C  CE2 . PHE A 1 79  ? 4.763   1.648   1.812   1.00 28.71 ? 85  PHE A CE2 1 
ATOM   756  C  CZ  . PHE A 1 79  ? 4.828   1.595   3.199   1.00 26.87 ? 85  PHE A CZ  1 
ATOM   757  N  N   . VAL A 1 80  ? 8.864   4.171   -0.474  1.00 23.56 ? 86  VAL A N   1 
ATOM   758  C  CA  . VAL A 1 80  ? 9.640   3.083   -1.050  1.00 23.97 ? 86  VAL A CA  1 
ATOM   759  C  C   . VAL A 1 80  ? 11.003  3.079   -0.377  1.00 25.12 ? 86  VAL A C   1 
ATOM   760  O  O   . VAL A 1 80  ? 11.539  2.024   -0.034  1.00 21.98 ? 86  VAL A O   1 
ATOM   761  C  CB  . VAL A 1 80  ? 9.826   3.244   -2.579  1.00 24.09 ? 86  VAL A CB  1 
ATOM   762  C  CG1 . VAL A 1 80  ? 10.870  2.253   -3.076  1.00 22.66 ? 86  VAL A CG1 1 
ATOM   763  C  CG2 . VAL A 1 80  ? 8.494   2.978   -3.306  1.00 25.63 ? 86  VAL A CG2 1 
ATOM   764  N  N   . GLU A 1 81  ? 11.548  4.278   -0.197  1.00 25.44 ? 87  GLU A N   1 
ATOM   765  C  CA  . GLU A 1 81  ? 12.838  4.461   0.446   1.00 28.20 ? 87  GLU A CA  1 
ATOM   766  C  C   . GLU A 1 81  ? 12.753  3.872   1.852   1.00 27.24 ? 87  GLU A C   1 
ATOM   767  O  O   . GLU A 1 81  ? 13.659  3.177   2.310   1.00 24.70 ? 87  GLU A O   1 
ATOM   768  C  CB  . GLU A 1 81  ? 13.156  5.955   0.530   1.00 31.01 ? 87  GLU A CB  1 
ATOM   769  C  CG  . GLU A 1 81  ? 14.617  6.312   0.363   1.00 35.67 ? 87  GLU A CG  1 
ATOM   770  C  CD  . GLU A 1 81  ? 14.839  7.809   0.445   1.00 38.29 ? 87  GLU A CD  1 
ATOM   771  O  OE1 . GLU A 1 81  ? 14.607  8.371   1.532   1.00 38.12 ? 87  GLU A OE1 1 
ATOM   772  O  OE2 . GLU A 1 81  ? 15.233  8.425   -0.572  1.00 41.65 ? 87  GLU A OE2 1 
ATOM   773  N  N   . THR A 1 82  ? 11.648  4.160   2.529   1.00 27.13 ? 88  THR A N   1 
ATOM   774  C  CA  . THR A 1 82  ? 11.423  3.667   3.875   1.00 27.66 ? 88  THR A CA  1 
ATOM   775  C  C   . THR A 1 82  ? 11.298  2.147   3.885   1.00 28.34 ? 88  THR A C   1 
ATOM   776  O  O   . THR A 1 82  ? 11.851  1.469   4.756   1.00 27.22 ? 88  THR A O   1 
ATOM   777  C  CB  . THR A 1 82  ? 10.145  4.277   4.466   1.00 29.27 ? 88  THR A CB  1 
ATOM   778  O  OG1 . THR A 1 82  ? 10.300  5.703   4.571   1.00 29.92 ? 88  THR A OG1 1 
ATOM   779  C  CG2 . THR A 1 82  ? 9.861   3.686   5.846   1.00 30.31 ? 88  THR A CG2 1 
ATOM   780  N  N   . VAL A 1 83  ? 10.575  1.614   2.905   1.00 28.55 ? 89  VAL A N   1 
ATOM   781  C  CA  . VAL A 1 83  ? 10.380  0.174   2.802   1.00 27.00 ? 89  VAL A CA  1 
ATOM   782  C  C   . VAL A 1 83  ? 11.718  -0.541  2.596   1.00 27.59 ? 89  VAL A C   1 
ATOM   783  O  O   . VAL A 1 83  ? 11.919  -1.657  3.082   1.00 24.91 ? 89  VAL A O   1 
ATOM   784  C  CB  . VAL A 1 83  ? 9.415   -0.165  1.640   1.00 28.43 ? 89  VAL A CB  1 
ATOM   785  C  CG1 . VAL A 1 83  ? 9.271   -1.664  1.485   1.00 27.84 ? 89  VAL A CG1 1 
ATOM   786  C  CG2 . VAL A 1 83  ? 8.057   0.458   1.908   1.00 29.16 ? 89  VAL A CG2 1 
ATOM   787  N  N   . LEU A 1 84  ? 12.634  0.108   1.882   1.00 26.99 ? 90  LEU A N   1 
ATOM   788  C  CA  . LEU A 1 84  ? 13.945  -0.480  1.624   1.00 28.70 ? 90  LEU A CA  1 
ATOM   789  C  C   . LEU A 1 84  ? 14.787  -0.540  2.899   1.00 28.45 ? 90  LEU A C   1 
ATOM   790  O  O   . LEU A 1 84  ? 15.591  -1.451  3.074   1.00 28.12 ? 90  LEU A O   1 
ATOM   791  C  CB  . LEU A 1 84  ? 14.687  0.309   0.533   1.00 29.24 ? 90  LEU A CB  1 
ATOM   792  C  CG  . LEU A 1 84  ? 14.123  0.160   -0.888  1.00 31.11 ? 90  LEU A CG  1 
ATOM   793  C  CD1 . LEU A 1 84  ? 14.969  0.946   -1.867  1.00 30.47 ? 90  LEU A CD1 1 
ATOM   794  C  CD2 . LEU A 1 84  ? 14.096  -1.313  -1.283  1.00 29.58 ? 90  LEU A CD2 1 
ATOM   795  N  N   . LYS A 1 85  ? 14.601  0.431   3.785   1.00 30.30 ? 91  LYS A N   1 
ATOM   796  C  CA  . LYS A 1 85  ? 15.329  0.446   5.047   1.00 32.88 ? 91  LYS A CA  1 
ATOM   797  C  C   . LYS A 1 85  ? 14.780  -0.681  5.909   1.00 32.81 ? 91  LYS A C   1 
ATOM   798  O  O   . LYS A 1 85  ? 15.536  -1.482  6.455   1.00 34.26 ? 91  LYS A O   1 
ATOM   799  C  CB  . LYS A 1 85  ? 15.146  1.786   5.772   1.00 34.13 ? 91  LYS A CB  1 
ATOM   800  C  CG  . LYS A 1 85  ? 15.799  2.962   5.070   1.00 38.46 ? 91  LYS A CG  1 
ATOM   801  C  CD  . LYS A 1 85  ? 15.587  4.273   5.825   1.00 42.51 ? 91  LYS A CD  1 
ATOM   802  C  CE  . LYS A 1 85  ? 16.250  5.435   5.098   1.00 44.25 ? 91  LYS A CE  1 
ATOM   803  N  NZ  . LYS A 1 85  ? 15.991  6.738   5.770   1.00 47.25 ? 91  LYS A NZ  1 
ATOM   804  N  N   . TRP A 1 86  ? 13.455  -0.745  6.015   1.00 33.48 ? 92  TRP A N   1 
ATOM   805  C  CA  . TRP A 1 86  ? 12.797  -1.780  6.807   1.00 32.95 ? 92  TRP A CA  1 
ATOM   806  C  C   . TRP A 1 86  ? 13.222  -3.161  6.359   1.00 32.78 ? 92  TRP A C   1 
ATOM   807  O  O   . TRP A 1 86  ? 13.354  -4.076  7.171   1.00 33.32 ? 92  TRP A O   1 
ATOM   808  C  CB  . TRP A 1 86  ? 11.283  -1.693  6.663   1.00 32.97 ? 92  TRP A CB  1 
ATOM   809  C  CG  . TRP A 1 86  ? 10.662  -0.528  7.332   1.00 36.08 ? 92  TRP A CG  1 
ATOM   810  C  CD1 . TRP A 1 86  ? 11.238  0.302   8.253   1.00 36.71 ? 92  TRP A CD1 1 
ATOM   811  C  CD2 . TRP A 1 86  ? 9.308   -0.092  7.187   1.00 35.40 ? 92  TRP A CD2 1 
ATOM   812  N  NE1 . TRP A 1 86  ? 10.320  1.226   8.691   1.00 37.21 ? 92  TRP A NE1 1 
ATOM   813  C  CE2 . TRP A 1 86  ? 9.127   1.004   8.052   1.00 36.58 ? 92  TRP A CE2 1 
ATOM   814  C  CE3 . TRP A 1 86  ? 8.229   -0.527  6.407   1.00 35.98 ? 92  TRP A CE3 1 
ATOM   815  C  CZ2 . TRP A 1 86  ? 7.906   1.675   8.162   1.00 38.22 ? 92  TRP A CZ2 1 
ATOM   816  C  CZ3 . TRP A 1 86  ? 7.019   0.140   6.517   1.00 35.55 ? 92  TRP A CZ3 1 
ATOM   817  C  CH2 . TRP A 1 86  ? 6.867   1.228   7.388   1.00 36.02 ? 92  TRP A CH2 1 
ATOM   818  N  N   . GLU A 1 87  ? 13.415  -3.299  5.053   1.00 31.65 ? 93  GLU A N   1 
ATOM   819  C  CA  . GLU A 1 87  ? 13.805  -4.559  4.445   1.00 31.69 ? 93  GLU A CA  1 
ATOM   820  C  C   . GLU A 1 87  ? 15.112  -5.111  5.023   1.00 31.84 ? 93  GLU A C   1 
ATOM   821  O  O   . GLU A 1 87  ? 15.230  -6.311  5.266   1.00 29.99 ? 93  GLU A O   1 
ATOM   822  C  CB  . GLU A 1 87  ? 13.922  -4.364  2.932   1.00 33.19 ? 93  GLU A CB  1 
ATOM   823  C  CG  . GLU A 1 87  ? 14.286  -5.609  2.144   1.00 38.00 ? 93  GLU A CG  1 
ATOM   824  C  CD  . GLU A 1 87  ? 14.372  -5.340  0.654   1.00 38.61 ? 93  GLU A CD  1 
ATOM   825  O  OE1 . GLU A 1 87  ? 15.116  -4.418  0.254   1.00 41.15 ? 93  GLU A OE1 1 
ATOM   826  O  OE2 . GLU A 1 87  ? 13.701  -6.051  -0.119  1.00 39.69 ? 93  GLU A OE2 1 
ATOM   827  N  N   . LYS A 1 88  ? 16.091  -4.233  5.247   1.00 31.40 ? 94  LYS A N   1 
ATOM   828  C  CA  . LYS A 1 88  ? 17.384  -4.649  5.788   1.00 31.38 ? 94  LYS A CA  1 
ATOM   829  C  C   . LYS A 1 88  ? 17.296  -5.192  7.209   1.00 29.91 ? 94  LYS A C   1 
ATOM   830  O  O   . LYS A 1 88  ? 18.054  -6.085  7.581   1.00 30.71 ? 94  LYS A O   1 
ATOM   831  C  CB  . LYS A 1 88  ? 18.381  -3.483  5.767   1.00 33.09 ? 94  LYS A CB  1 
ATOM   832  C  CG  . LYS A 1 88  ? 18.685  -2.955  4.381   1.00 35.49 ? 94  LYS A CG  1 
ATOM   833  C  CD  . LYS A 1 88  ? 19.742  -1.871  4.426   1.00 39.92 ? 94  LYS A CD  1 
ATOM   834  C  CE  . LYS A 1 88  ? 20.009  -1.352  3.031   1.00 42.40 ? 94  LYS A CE  1 
ATOM   835  N  NZ  . LYS A 1 88  ? 20.071  -2.498  2.082   1.00 44.79 ? 94  LYS A NZ  1 
ATOM   836  N  N   . GLN A 1 89  ? 16.380  -4.653  8.002   1.00 28.83 ? 95  GLN A N   1 
ATOM   837  C  CA  . GLN A 1 89  ? 16.216  -5.088  9.385   1.00 30.39 ? 95  GLN A CA  1 
ATOM   838  C  C   . GLN A 1 89  ? 15.654  -6.497  9.514   1.00 29.16 ? 95  GLN A C   1 
ATOM   839  O  O   . GLN A 1 89  ? 15.780  -7.123  10.561  1.00 27.73 ? 95  GLN A O   1 
ATOM   840  C  CB  . GLN A 1 89  ? 15.303  -4.119  10.130  1.00 32.18 ? 95  GLN A CB  1 
ATOM   841  C  CG  . GLN A 1 89  ? 15.794  -2.696  10.088  1.00 35.67 ? 95  GLN A CG  1 
ATOM   842  C  CD  . GLN A 1 89  ? 15.826  -2.063  11.452  1.00 39.87 ? 95  GLN A CD  1 
ATOM   843  O  OE1 . GLN A 1 89  ? 16.504  -2.553  12.359  1.00 41.49 ? 95  GLN A OE1 1 
ATOM   844  N  NE2 . GLN A 1 89  ? 15.091  -0.965  11.614  1.00 41.22 ? 95  GLN A NE2 1 
ATOM   845  N  N   . LEU A 1 90  ? 15.032  -6.990  8.451   1.00 29.35 ? 96  LEU A N   1 
ATOM   846  C  CA  . LEU A 1 90  ? 14.452  -8.324  8.480   1.00 31.47 ? 96  LEU A CA  1 
ATOM   847  C  C   . LEU A 1 90  ? 15.511  -9.398  8.272   1.00 31.87 ? 96  LEU A C   1 
ATOM   848  O  O   . LEU A 1 90  ? 15.283  -10.571 8.572   1.00 30.19 ? 96  LEU A O   1 
ATOM   849  C  CB  . LEU A 1 90  ? 13.360  -8.443  7.414   1.00 30.90 ? 96  LEU A CB  1 
ATOM   850  C  CG  . LEU A 1 90  ? 12.213  -7.435  7.558   1.00 31.67 ? 96  LEU A CG  1 
ATOM   851  C  CD1 . LEU A 1 90  ? 11.226  -7.612  6.417   1.00 32.52 ? 96  LEU A CD1 1 
ATOM   852  C  CD2 . LEU A 1 90  ? 11.521  -7.629  8.890   1.00 31.28 ? 96  LEU A CD2 1 
ATOM   853  N  N   . ALA A 1 91  ? 16.673  -8.996  7.761   1.00 31.78 ? 97  ALA A N   1 
ATOM   854  C  CA  . ALA A 1 91  ? 17.767  -9.940  7.531   1.00 32.96 ? 97  ALA A CA  1 
ATOM   855  C  C   . ALA A 1 91  ? 18.123  -10.710 8.807   1.00 33.51 ? 97  ALA A C   1 
ATOM   856  O  O   . ALA A 1 91  ? 18.361  -11.921 8.772   1.00 32.28 ? 97  ALA A O   1 
ATOM   857  C  CB  . ALA A 1 91  ? 18.990  -9.203  7.013   1.00 32.48 ? 97  ALA A CB  1 
ATOM   858  N  N   . ALA A 1 92  ? 18.160  -10.005 9.933   1.00 33.71 ? 98  ALA A N   1 
ATOM   859  C  CA  . ALA A 1 92  ? 18.489  -10.631 11.209  1.00 36.19 ? 98  ALA A CA  1 
ATOM   860  C  C   . ALA A 1 92  ? 17.389  -10.432 12.241  1.00 38.30 ? 98  ALA A C   1 
ATOM   861  O  O   . ALA A 1 92  ? 17.588  -10.704 13.429  1.00 39.19 ? 98  ALA A O   1 
ATOM   862  C  CB  . ALA A 1 92  ? 19.795  -10.066 11.743  1.00 36.54 ? 98  ALA A CB  1 
ATOM   863  N  N   . GLY A 1 93  ? 16.230  -9.958  11.792  1.00 39.52 ? 99  GLY A N   1 
ATOM   864  C  CA  . GLY A 1 93  ? 15.129  -9.724  12.707  1.00 39.77 ? 99  GLY A CA  1 
ATOM   865  C  C   . GLY A 1 93  ? 14.383  -10.979 13.112  1.00 40.74 ? 99  GLY A C   1 
ATOM   866  O  O   . GLY A 1 93  ? 14.580  -12.048 12.536  1.00 40.80 ? 99  GLY A O   1 
ATOM   867  N  N   . ASP A 1 94  ? 13.526  -10.844 14.120  1.00 41.90 ? 100 ASP A N   1 
ATOM   868  C  CA  . ASP A 1 94  ? 12.715  -11.952 14.611  1.00 42.54 ? 100 ASP A CA  1 
ATOM   869  C  C   . ASP A 1 94  ? 11.240  -11.621 14.380  1.00 42.74 ? 100 ASP A C   1 
ATOM   870  O  O   . ASP A 1 94  ? 10.904  -10.518 13.939  1.00 42.44 ? 100 ASP A O   1 
ATOM   871  C  CB  . ASP A 1 94  ? 12.971  -12.186 16.105  1.00 42.87 ? 100 ASP A CB  1 
ATOM   872  C  CG  . ASP A 1 94  ? 12.769  -10.939 16.938  1.00 43.68 ? 100 ASP A CG  1 
ATOM   873  O  OD1 . ASP A 1 94  ? 11.789  -10.207 16.699  1.00 44.17 ? 100 ASP A OD1 1 
ATOM   874  O  OD2 . ASP A 1 94  ? 13.589  -10.694 17.845  1.00 46.84 ? 100 ASP A OD2 1 
ATOM   875  N  N   . PRO A 1 95  ? 10.339  -12.574 14.674  1.00 42.37 ? 101 PRO A N   1 
ATOM   876  C  CA  . PRO A 1 95  ? 8.901   -12.356 14.486  1.00 42.11 ? 101 PRO A CA  1 
ATOM   877  C  C   . PRO A 1 95  ? 8.393   -11.051 15.100  1.00 42.06 ? 101 PRO A C   1 
ATOM   878  O  O   . PRO A 1 95  ? 7.350   -10.526 14.703  1.00 42.08 ? 101 PRO A O   1 
ATOM   879  C  CB  . PRO A 1 95  ? 8.285   -13.589 15.139  1.00 40.91 ? 101 PRO A CB  1 
ATOM   880  C  CG  . PRO A 1 95  ? 9.292   -14.645 14.834  1.00 41.54 ? 101 PRO A CG  1 
ATOM   881  C  CD  . PRO A 1 95  ? 10.600  -13.950 15.136  1.00 41.44 ? 101 PRO A CD  1 
ATOM   882  N  N   . GLU A 1 96  ? 9.138   -10.536 16.068  1.00 41.47 ? 102 GLU A N   1 
ATOM   883  C  CA  . GLU A 1 96  ? 8.780   -9.298  16.740  1.00 41.96 ? 102 GLU A CA  1 
ATOM   884  C  C   . GLU A 1 96  ? 9.069   -8.122  15.817  1.00 40.50 ? 102 GLU A C   1 
ATOM   885  O  O   . GLU A 1 96  ? 8.265   -7.196  15.696  1.00 39.48 ? 102 GLU A O   1 
ATOM   886  C  CB  . GLU A 1 96  ? 9.586   -9.164  18.026  1.00 46.09 ? 102 GLU A CB  1 
ATOM   887  C  CG  . GLU A 1 96  ? 9.390   -7.858  18.757  1.00 50.54 ? 102 GLU A CG  1 
ATOM   888  C  CD  . GLU A 1 96  ? 10.338  -7.728  19.931  1.00 54.15 ? 102 GLU A CD  1 
ATOM   889  O  OE1 . GLU A 1 96  ? 10.284  -8.597  20.829  1.00 53.58 ? 102 GLU A OE1 1 
ATOM   890  O  OE2 . GLU A 1 96  ? 11.138  -6.763  19.948  1.00 55.97 ? 102 GLU A OE2 1 
ATOM   891  N  N   . VAL A 1 97  ? 10.226  -8.169  15.166  1.00 38.10 ? 103 VAL A N   1 
ATOM   892  C  CA  . VAL A 1 97  ? 10.622  -7.117  14.241  1.00 37.16 ? 103 VAL A CA  1 
ATOM   893  C  C   . VAL A 1 97  ? 9.684   -7.107  13.039  1.00 35.40 ? 103 VAL A C   1 
ATOM   894  O  O   . VAL A 1 97  ? 9.412   -6.056  12.461  1.00 35.89 ? 103 VAL A O   1 
ATOM   895  C  CB  . VAL A 1 97  ? 12.066  -7.328  13.751  1.00 37.19 ? 103 VAL A CB  1 
ATOM   896  C  CG1 . VAL A 1 97  ? 12.430  -6.271  12.717  1.00 37.76 ? 103 VAL A CG1 1 
ATOM   897  C  CG2 . VAL A 1 97  ? 13.022  -7.259  14.932  1.00 37.45 ? 103 VAL A CG2 1 
ATOM   898  N  N   . VAL A 1 98  ? 9.201   -8.286  12.662  1.00 33.77 ? 104 VAL A N   1 
ATOM   899  C  CA  . VAL A 1 98  ? 8.281   -8.406  11.540  1.00 32.28 ? 104 VAL A CA  1 
ATOM   900  C  C   . VAL A 1 98  ? 6.982   -7.707  11.914  1.00 32.23 ? 104 VAL A C   1 
ATOM   901  O  O   . VAL A 1 98  ? 6.405   -6.970  11.120  1.00 30.48 ? 104 VAL A O   1 
ATOM   902  C  CB  . VAL A 1 98  ? 7.967   -9.889  11.217  1.00 31.80 ? 104 VAL A CB  1 
ATOM   903  C  CG1 . VAL A 1 98  ? 6.910   -9.972  10.126  1.00 28.91 ? 104 VAL A CG1 1 
ATOM   904  C  CG2 . VAL A 1 98  ? 9.235   -10.614 10.785  1.00 29.55 ? 104 VAL A CG2 1 
ATOM   905  N  N   . MET A 1 99  ? 6.527   -7.937  13.140  1.00 33.50 ? 105 MET A N   1 
ATOM   906  C  CA  . MET A 1 99  ? 5.290   -7.333  13.607  1.00 34.18 ? 105 MET A CA  1 
ATOM   907  C  C   . MET A 1 99  ? 5.371   -5.814  13.712  1.00 33.55 ? 105 MET A C   1 
ATOM   908  O  O   . MET A 1 99  ? 4.410   -5.117  13.389  1.00 34.90 ? 105 MET A O   1 
ATOM   909  C  CB  . MET A 1 99  ? 4.887   -7.935  14.955  1.00 35.64 ? 105 MET A CB  1 
ATOM   910  C  CG  . MET A 1 99  ? 4.346   -9.357  14.859  1.00 36.20 ? 105 MET A CG  1 
ATOM   911  S  SD  . MET A 1 99  ? 3.023   -9.553  13.630  1.00 41.66 ? 105 MET A SD  1 
ATOM   912  C  CE  . MET A 1 99  ? 1.837   -8.304  14.171  1.00 38.48 ? 105 MET A CE  1 
ATOM   913  N  N   . THR A 1 100 ? 6.510   -5.297  14.154  1.00 33.31 ? 106 THR A N   1 
ATOM   914  C  CA  . THR A 1 100 ? 6.674   -3.852  14.283  1.00 34.13 ? 106 THR A CA  1 
ATOM   915  C  C   . THR A 1 100 ? 6.681   -3.211  12.895  1.00 33.33 ? 106 THR A C   1 
ATOM   916  O  O   . THR A 1 100 ? 6.075   -2.164  12.680  1.00 32.40 ? 106 THR A O   1 
ATOM   917  C  CB  . THR A 1 100 ? 7.982   -3.504  15.003  1.00 34.39 ? 106 THR A CB  1 
ATOM   918  O  OG1 . THR A 1 100 ? 8.028   -4.189  16.260  1.00 38.87 ? 106 THR A OG1 1 
ATOM   919  C  CG2 . THR A 1 100 ? 8.066   -2.006  15.251  1.00 36.24 ? 106 THR A CG2 1 
ATOM   920  N  N   . THR A 1 101 ? 7.380   -3.845  11.960  1.00 31.55 ? 107 THR A N   1 
ATOM   921  C  CA  . THR A 1 101 ? 7.449   -3.356  10.591  1.00 31.23 ? 107 THR A CA  1 
ATOM   922  C  C   . THR A 1 101 ? 6.037   -3.379  10.011  1.00 31.58 ? 107 THR A C   1 
ATOM   923  O  O   . THR A 1 101 ? 5.590   -2.421  9.377   1.00 28.80 ? 107 THR A O   1 
ATOM   924  C  CB  . THR A 1 101 ? 8.359   -4.263  9.747   1.00 31.04 ? 107 THR A CB  1 
ATOM   925  O  OG1 . THR A 1 101 ? 9.622   -4.397  10.402  1.00 31.33 ? 107 THR A OG1 1 
ATOM   926  C  CG2 . THR A 1 101 ? 8.577   -3.678  8.359   1.00 32.27 ? 107 THR A CG2 1 
ATOM   927  N  N   . LEU A 1 102 ? 5.339   -4.486  10.256  1.00 32.00 ? 108 LEU A N   1 
ATOM   928  C  CA  . LEU A 1 102 ? 3.981   -4.681  9.773   1.00 34.62 ? 108 LEU A CA  1 
ATOM   929  C  C   . LEU A 1 102 ? 3.056   -3.562  10.239  1.00 35.70 ? 108 LEU A C   1 
ATOM   930  O  O   . LEU A 1 102 ? 2.187   -3.113  9.490   1.00 35.11 ? 108 LEU A O   1 
ATOM   931  C  CB  . LEU A 1 102 ? 3.463   -6.039  10.251  1.00 37.24 ? 108 LEU A CB  1 
ATOM   932  C  CG  . LEU A 1 102 ? 2.068   -6.500  9.826   1.00 40.47 ? 108 LEU A CG  1 
ATOM   933  C  CD1 . LEU A 1 102 ? 1.988   -8.023  9.921   1.00 40.68 ? 108 LEU A CD1 1 
ATOM   934  C  CD2 . LEU A 1 102 ? 1.012   -5.846  10.704  1.00 40.49 ? 108 LEU A CD2 1 
ATOM   935  N  N   . ARG A 1 103 ? 3.250   -3.113  11.476  1.00 36.86 ? 109 ARG A N   1 
ATOM   936  C  CA  . ARG A 1 103 ? 2.438   -2.042  12.041  1.00 36.51 ? 109 ARG A CA  1 
ATOM   937  C  C   . ARG A 1 103 ? 2.739   -0.729  11.329  1.00 34.01 ? 109 ARG A C   1 
ATOM   938  O  O   . ARG A 1 103 ? 1.841   0.083   11.105  1.00 32.72 ? 109 ARG A O   1 
ATOM   939  C  CB  . ARG A 1 103 ? 2.714   -1.894  13.537  1.00 39.80 ? 109 ARG A CB  1 
ATOM   940  C  CG  . ARG A 1 103 ? 2.465   -3.167  14.333  1.00 45.88 ? 109 ARG A CG  1 
ATOM   941  C  CD  . ARG A 1 103 ? 0.981   -3.506  14.459  1.00 49.04 ? 109 ARG A CD  1 
ATOM   942  N  NE  . ARG A 1 103 ? 0.768   -4.835  15.039  1.00 52.91 ? 109 ARG A NE  1 
ATOM   943  C  CZ  . ARG A 1 103 ? 1.273   -5.244  16.203  1.00 54.40 ? 109 ARG A CZ  1 
ATOM   944  N  NH1 . ARG A 1 103 ? 2.030   -4.429  16.933  1.00 53.69 ? 109 ARG A NH1 1 
ATOM   945  N  NH2 . ARG A 1 103 ? 1.028   -6.475  16.639  1.00 52.88 ? 109 ARG A NH2 1 
ATOM   946  N  N   . GLY A 1 104 ? 4.007   -0.525  10.982  1.00 32.54 ? 110 GLY A N   1 
ATOM   947  C  CA  . GLY A 1 104 ? 4.393   0.683   10.276  1.00 31.08 ? 110 GLY A CA  1 
ATOM   948  C  C   . GLY A 1 104 ? 3.776   0.690   8.887   1.00 30.81 ? 110 GLY A C   1 
ATOM   949  O  O   . GLY A 1 104 ? 3.254   1.712   8.438   1.00 30.43 ? 110 GLY A O   1 
ATOM   950  N  N   . LEU A 1 105 ? 3.837   -0.457  8.210   1.00 29.63 ? 111 LEU A N   1 
ATOM   951  C  CA  . LEU A 1 105 ? 3.274   -0.615  6.867   1.00 30.02 ? 111 LEU A CA  1 
ATOM   952  C  C   . LEU A 1 105 ? 1.780   -0.305  6.884   1.00 29.30 ? 111 LEU A C   1 
ATOM   953  O  O   . LEU A 1 105 ? 1.272   0.410   6.024   1.00 30.06 ? 111 LEU A O   1 
ATOM   954  C  CB  . LEU A 1 105 ? 3.476   -2.053  6.365   1.00 30.06 ? 111 LEU A CB  1 
ATOM   955  C  CG  . LEU A 1 105 ? 4.866   -2.516  5.915   1.00 33.03 ? 111 LEU A CG  1 
ATOM   956  C  CD1 . LEU A 1 105 ? 4.942   -4.042  5.954   1.00 34.34 ? 111 LEU A CD1 1 
ATOM   957  C  CD2 . LEU A 1 105 ? 5.150   -2.002  4.511   1.00 33.88 ? 111 LEU A CD2 1 
ATOM   958  N  N   . VAL A 1 106 ? 1.086   -0.853  7.873   1.00 29.32 ? 112 VAL A N   1 
ATOM   959  C  CA  . VAL A 1 106 ? -0.352  -0.653  8.020   1.00 29.08 ? 112 VAL A CA  1 
ATOM   960  C  C   . VAL A 1 106 ? -0.684  0.804   8.326   1.00 29.24 ? 112 VAL A C   1 
ATOM   961  O  O   . VAL A 1 106 ? -1.595  1.383   7.734   1.00 28.79 ? 112 VAL A O   1 
ATOM   962  C  CB  . VAL A 1 106 ? -0.909  -1.549  9.145   1.00 29.52 ? 112 VAL A CB  1 
ATOM   963  C  CG1 . VAL A 1 106 ? -2.352  -1.198  9.434   1.00 30.96 ? 112 VAL A CG1 1 
ATOM   964  C  CG2 . VAL A 1 106 ? -0.797  -3.012  8.740   1.00 30.13 ? 112 VAL A CG2 1 
ATOM   965  N  N   . ASP A 1 107 ? 0.054   1.397   9.256   1.00 27.65 ? 113 ASP A N   1 
ATOM   966  C  CA  . ASP A 1 107 ? -0.186  2.783   9.608   1.00 27.33 ? 113 ASP A CA  1 
ATOM   967  C  C   . ASP A 1 107 ? -0.029  3.692   8.397   1.00 26.51 ? 113 ASP A C   1 
ATOM   968  O  O   . ASP A 1 107 ? -0.885  4.539   8.139   1.00 26.20 ? 113 ASP A O   1 
ATOM   969  C  CB  . ASP A 1 107 ? 0.763   3.226   10.723  1.00 28.07 ? 113 ASP A CB  1 
ATOM   970  C  CG  . ASP A 1 107 ? 0.267   2.824   12.110  1.00 30.91 ? 113 ASP A CG  1 
ATOM   971  O  OD1 . ASP A 1 107 ? -0.779  2.148   12.218  1.00 33.00 ? 113 ASP A OD1 1 
ATOM   972  O  OD2 . ASP A 1 107 ? 0.929   3.191   13.099  1.00 33.03 ? 113 ASP A OD2 1 
ATOM   973  N  N   . TRP A 1 108 ? 1.053   3.519   7.644   1.00 25.54 ? 114 TRP A N   1 
ATOM   974  C  CA  . TRP A 1 108 ? 1.258   4.366   6.472   1.00 26.12 ? 114 TRP A CA  1 
ATOM   975  C  C   . TRP A 1 108 ? 0.197   4.146   5.393   1.00 25.33 ? 114 TRP A C   1 
ATOM   976  O  O   . TRP A 1 108 ? -0.399  5.096   4.895   1.00 27.79 ? 114 TRP A O   1 
ATOM   977  C  CB  . TRP A 1 108 ? 2.637   4.130   5.850   1.00 23.39 ? 114 TRP A CB  1 
ATOM   978  C  CG  . TRP A 1 108 ? 2.949   5.101   4.724   1.00 27.89 ? 114 TRP A CG  1 
ATOM   979  C  CD1 . TRP A 1 108 ? 3.576   6.316   4.831   1.00 28.20 ? 114 TRP A CD1 1 
ATOM   980  C  CD2 . TRP A 1 108 ? 2.612   4.949   3.333   1.00 27.16 ? 114 TRP A CD2 1 
ATOM   981  N  NE1 . TRP A 1 108 ? 3.650   6.924   3.594   1.00 28.56 ? 114 TRP A NE1 1 
ATOM   982  C  CE2 . TRP A 1 108 ? 3.065   6.108   2.661   1.00 27.74 ? 114 TRP A CE2 1 
ATOM   983  C  CE3 . TRP A 1 108 ? 1.969   3.944   2.592   1.00 26.34 ? 114 TRP A CE3 1 
ATOM   984  C  CZ2 . TRP A 1 108 ? 2.897   6.290   1.283   1.00 27.07 ? 114 TRP A CZ2 1 
ATOM   985  C  CZ3 . TRP A 1 108 ? 1.804   4.126   1.221   1.00 25.88 ? 114 TRP A CZ3 1 
ATOM   986  C  CH2 . TRP A 1 108 ? 2.268   5.292   0.584   1.00 27.90 ? 114 TRP A CH2 1 
ATOM   987  N  N   . LEU A 1 109 ? -0.039  2.891   5.038   1.00 24.60 ? 115 LEU A N   1 
ATOM   988  C  CA  . LEU A 1 109 ? -0.996  2.573   3.985   1.00 26.96 ? 115 LEU A CA  1 
ATOM   989  C  C   . LEU A 1 109 ? -2.399  3.131   4.201   1.00 27.84 ? 115 LEU A C   1 
ATOM   990  O  O   . LEU A 1 109 ? -2.959  3.780   3.318   1.00 29.59 ? 115 LEU A O   1 
ATOM   991  C  CB  . LEU A 1 109 ? -1.067  1.061   3.787   1.00 23.54 ? 115 LEU A CB  1 
ATOM   992  C  CG  . LEU A 1 109 ? -1.841  0.579   2.556   1.00 26.59 ? 115 LEU A CG  1 
ATOM   993  C  CD1 . LEU A 1 109 ? -1.261  1.207   1.286   1.00 26.38 ? 115 LEU A CD1 1 
ATOM   994  C  CD2 . LEU A 1 109 ? -1.762  -0.944  2.479   1.00 25.03 ? 115 LEU A CD2 1 
ATOM   995  N  N   . VAL A 1 110 ? -2.970  2.875   5.371   1.00 30.32 ? 116 VAL A N   1 
ATOM   996  C  CA  . VAL A 1 110 ? -4.313  3.349   5.684   1.00 30.44 ? 116 VAL A CA  1 
ATOM   997  C  C   . VAL A 1 110 ? -4.412  4.869   5.648   1.00 30.83 ? 116 VAL A C   1 
ATOM   998  O  O   . VAL A 1 110 ? -5.379  5.418   5.119   1.00 31.48 ? 116 VAL A O   1 
ATOM   999  C  CB  . VAL A 1 110 ? -4.765  2.835   7.064   1.00 32.08 ? 116 VAL A CB  1 
ATOM   1000 C  CG1 . VAL A 1 110 ? -6.040  3.549   7.510   1.00 32.93 ? 116 VAL A CG1 1 
ATOM   1001 C  CG2 . VAL A 1 110 ? -5.004  1.328   6.984   1.00 31.70 ? 116 VAL A CG2 1 
ATOM   1002 N  N   . ASN A 1 111 ? -3.415  5.544   6.213   1.00 29.41 ? 117 ASN A N   1 
ATOM   1003 C  CA  . ASN A 1 111 ? -3.393  7.004   6.221   1.00 28.89 ? 117 ASN A CA  1 
ATOM   1004 C  C   . ASN A 1 111 ? -3.261  7.514   4.788   1.00 26.23 ? 117 ASN A C   1 
ATOM   1005 O  O   . ASN A 1 111 ? -3.962  8.432   4.377   1.00 25.65 ? 117 ASN A O   1 
ATOM   1006 C  CB  . ASN A 1 111 ? -2.210  7.513   7.057   1.00 31.41 ? 117 ASN A CB  1 
ATOM   1007 C  CG  . ASN A 1 111 ? -2.054  9.025   6.994   1.00 37.13 ? 117 ASN A CG  1 
ATOM   1008 O  OD1 . ASN A 1 111 ? -2.810  9.767   7.624   1.00 41.69 ? 117 ASN A OD1 1 
ATOM   1009 N  ND2 . ASN A 1 111 ? -1.073  9.492   6.220   1.00 37.77 ? 117 ASN A ND2 1 
ATOM   1010 N  N   . HIS A 1 112 ? -2.356  6.906   4.030   1.00 24.77 ? 118 HIS A N   1 
ATOM   1011 C  CA  . HIS A 1 112 ? -2.129  7.312   2.647   1.00 25.14 ? 118 HIS A CA  1 
ATOM   1012 C  C   . HIS A 1 112 ? -3.404  7.211   1.804   1.00 24.52 ? 118 HIS A C   1 
ATOM   1013 O  O   . HIS A 1 112 ? -3.781  8.161   1.119   1.00 25.39 ? 118 HIS A O   1 
ATOM   1014 C  CB  . HIS A 1 112 ? -1.023  6.460   2.028   1.00 21.61 ? 118 HIS A CB  1 
ATOM   1015 C  CG  . HIS A 1 112 ? -0.675  6.857   0.631   1.00 23.43 ? 118 HIS A CG  1 
ATOM   1016 N  ND1 . HIS A 1 112 ? -0.104  8.064   0.293   1.00 22.46 ? 118 HIS A ND1 1 
ATOM   1017 C  CD2 . HIS A 1 112 ? -0.860  6.193   -0.539  1.00 21.81 ? 118 HIS A CD2 1 
ATOM   1018 C  CE1 . HIS A 1 112 ? 0.035   8.095   -1.041  1.00 21.83 ? 118 HIS A CE1 1 
ATOM   1019 N  NE2 . HIS A 1 112 ? -0.411  6.978   -1.585  1.00 25.55 ? 118 HIS A NE2 1 
ATOM   1020 N  N   . ILE A 1 113 ? -4.064  6.060   1.868   1.00 24.03 ? 119 ILE A N   1 
ATOM   1021 C  CA  . ILE A 1 113 ? -5.287  5.828   1.114   1.00 23.93 ? 119 ILE A CA  1 
ATOM   1022 C  C   . ILE A 1 113 ? -6.402  6.813   1.462   1.00 24.47 ? 119 ILE A C   1 
ATOM   1023 O  O   . ILE A 1 113 ? -7.024  7.397   0.583   1.00 24.89 ? 119 ILE A O   1 
ATOM   1024 C  CB  . ILE A 1 113 ? -5.791  4.375   1.343   1.00 24.39 ? 119 ILE A CB  1 
ATOM   1025 C  CG1 . ILE A 1 113 ? -4.750  3.384   0.803   1.00 22.11 ? 119 ILE A CG1 1 
ATOM   1026 C  CG2 . ILE A 1 113 ? -7.153  4.164   0.671   1.00 22.29 ? 119 ILE A CG2 1 
ATOM   1027 C  CD1 . ILE A 1 113 ? -5.101  1.923   1.011   1.00 21.55 ? 119 ILE A CD1 1 
ATOM   1028 N  N   . MET A 1 114 ? -6.650  6.993   2.753   1.00 28.46 ? 120 MET A N   1 
ATOM   1029 C  CA  . MET A 1 114 ? -7.700  7.893   3.220   1.00 29.47 ? 120 MET A CA  1 
ATOM   1030 C  C   . MET A 1 114 ? -7.430  9.372   2.981   1.00 30.00 ? 120 MET A C   1 
ATOM   1031 O  O   . MET A 1 114 ? -8.360  10.146  2.790   1.00 29.54 ? 120 MET A O   1 
ATOM   1032 C  CB  . MET A 1 114 ? -7.953  7.672   4.716   1.00 31.55 ? 120 MET A CB  1 
ATOM   1033 C  CG  . MET A 1 114 ? -8.752  6.421   5.047   1.00 36.49 ? 120 MET A CG  1 
ATOM   1034 S  SD  . MET A 1 114 ? -8.956  6.169   6.843   1.00 44.03 ? 120 MET A SD  1 
ATOM   1035 C  CE  . MET A 1 114 ? -10.076 7.535   7.263   1.00 41.59 ? 120 MET A CE  1 
ATOM   1036 N  N   . LYS A 1 115 ? -6.160  9.766   2.981   1.00 31.50 ? 121 LYS A N   1 
ATOM   1037 C  CA  . LYS A 1 115 ? -5.824  11.173  2.806   1.00 32.17 ? 121 LYS A CA  1 
ATOM   1038 C  C   . LYS A 1 115 ? -5.223  11.610  1.477   1.00 31.95 ? 121 LYS A C   1 
ATOM   1039 O  O   . LYS A 1 115 ? -5.455  12.739  1.049   1.00 34.54 ? 121 LYS A O   1 
ATOM   1040 C  CB  . LYS A 1 115 ? -4.887  11.619  3.927   1.00 34.02 ? 121 LYS A CB  1 
ATOM   1041 C  CG  . LYS A 1 115 ? -4.331  13.013  3.735   1.00 38.01 ? 121 LYS A CG  1 
ATOM   1042 C  CD  . LYS A 1 115 ? -3.324  13.354  4.812   1.00 41.50 ? 121 LYS A CD  1 
ATOM   1043 C  CE  . LYS A 1 115 ? -2.671  14.696  4.532   1.00 43.65 ? 121 LYS A CE  1 
ATOM   1044 N  NZ  . LYS A 1 115 ? -1.649  15.026  5.564   1.00 47.05 ? 121 LYS A NZ  1 
ATOM   1045 N  N   . GLU A 1 116 ? -4.450  10.746  0.827   1.00 27.84 ? 122 GLU A N   1 
ATOM   1046 C  CA  . GLU A 1 116 ? -3.821  11.132  -0.428  1.00 26.28 ? 122 GLU A CA  1 
ATOM   1047 C  C   . GLU A 1 116 ? -4.511  10.572  -1.660  1.00 24.44 ? 122 GLU A C   1 
ATOM   1048 O  O   . GLU A 1 116 ? -4.893  11.326  -2.549  1.00 24.94 ? 122 GLU A O   1 
ATOM   1049 C  CB  . GLU A 1 116 ? -2.346  10.731  -0.417  1.00 27.52 ? 122 GLU A CB  1 
ATOM   1050 C  CG  . GLU A 1 116 ? -1.583  11.254  0.789   1.00 28.83 ? 122 GLU A CG  1 
ATOM   1051 C  CD  . GLU A 1 116 ? -1.429  12.768  0.782   1.00 31.80 ? 122 GLU A CD  1 
ATOM   1052 O  OE1 . GLU A 1 116 ? -1.036  13.336  1.825   1.00 32.85 ? 122 GLU A OE1 1 
ATOM   1053 O  OE2 . GLU A 1 116 ? -1.693  13.393  -0.266  1.00 33.19 ? 122 GLU A OE2 1 
ATOM   1054 N  N   . ASP A 1 117 ? -4.680  9.254   -1.719  1.00 23.87 ? 123 ASP A N   1 
ATOM   1055 C  CA  . ASP A 1 117 ? -5.338  8.640   -2.872  1.00 23.13 ? 123 ASP A CA  1 
ATOM   1056 C  C   . ASP A 1 117 ? -6.771  9.148   -3.015  1.00 23.97 ? 123 ASP A C   1 
ATOM   1057 O  O   . ASP A 1 117 ? -7.284  9.298   -4.120  1.00 23.70 ? 123 ASP A O   1 
ATOM   1058 C  CB  . ASP A 1 117 ? -5.385  7.116   -2.732  1.00 18.85 ? 123 ASP A CB  1 
ATOM   1059 C  CG  . ASP A 1 117 ? -4.022  6.465   -2.859  1.00 18.94 ? 123 ASP A CG  1 
ATOM   1060 O  OD1 . ASP A 1 117 ? -3.060  7.137   -3.288  1.00 13.78 ? 123 ASP A OD1 1 
ATOM   1061 O  OD2 . ASP A 1 117 ? -3.924  5.259   -2.543  1.00 15.42 ? 123 ASP A OD2 1 
ATOM   1062 N  N   . LYS A 1 118 ? -7.418  9.401   -1.887  1.00 25.67 ? 124 LYS A N   1 
ATOM   1063 C  CA  . LYS A 1 118 ? -8.801  9.853   -1.894  1.00 26.90 ? 124 LYS A CA  1 
ATOM   1064 C  C   . LYS A 1 118 ? -8.963  11.186  -2.622  1.00 26.49 ? 124 LYS A C   1 
ATOM   1065 O  O   . LYS A 1 118 ? -10.039 11.489  -3.141  1.00 23.17 ? 124 LYS A O   1 
ATOM   1066 C  CB  . LYS A 1 118 ? -9.315  9.969   -0.456  1.00 28.66 ? 124 LYS A CB  1 
ATOM   1067 C  CG  . LYS A 1 118 ? -10.826 10.120  -0.343  1.00 31.56 ? 124 LYS A CG  1 
ATOM   1068 C  CD  . LYS A 1 118 ? -11.553 8.871   -0.832  1.00 33.25 ? 124 LYS A CD  1 
ATOM   1069 C  CE  . LYS A 1 118 ? -13.062 9.080   -0.836  1.00 34.26 ? 124 LYS A CE  1 
ATOM   1070 N  NZ  . LYS A 1 118 ? -13.792 7.919   -1.414  1.00 34.08 ? 124 LYS A NZ  1 
ATOM   1071 N  N   . LYS A 1 119 ? -7.890  11.974  -2.663  1.00 26.18 ? 125 LYS A N   1 
ATOM   1072 C  CA  . LYS A 1 119 ? -7.921  13.275  -3.327  1.00 25.72 ? 125 LYS A CA  1 
ATOM   1073 C  C   . LYS A 1 119 ? -8.076  13.164  -4.840  1.00 25.24 ? 125 LYS A C   1 
ATOM   1074 O  O   . LYS A 1 119 ? -8.596  14.080  -5.480  1.00 24.89 ? 125 LYS A O   1 
ATOM   1075 C  CB  . LYS A 1 119 ? -6.640  14.062  -3.044  1.00 28.20 ? 125 LYS A CB  1 
ATOM   1076 C  CG  . LYS A 1 119 ? -6.374  14.396  -1.589  1.00 33.12 ? 125 LYS A CG  1 
ATOM   1077 C  CD  . LYS A 1 119 ? -5.043  15.123  -1.479  1.00 36.16 ? 125 LYS A CD  1 
ATOM   1078 C  CE  . LYS A 1 119 ? -4.675  15.437  -0.041  1.00 40.16 ? 125 LYS A CE  1 
ATOM   1079 N  NZ  . LYS A 1 119 ? -3.289  15.985  0.039   1.00 41.37 ? 125 LYS A NZ  1 
ATOM   1080 N  N   . TYR A 1 120 ? -7.626  12.058  -5.426  1.00 24.20 ? 126 TYR A N   1 
ATOM   1081 C  CA  . TYR A 1 120 ? -7.728  11.918  -6.874  1.00 24.61 ? 126 TYR A CA  1 
ATOM   1082 C  C   . TYR A 1 120 ? -8.969  11.224  -7.418  1.00 24.50 ? 126 TYR A C   1 
ATOM   1083 O  O   . TYR A 1 120 ? -9.208  11.252  -8.619  1.00 26.94 ? 126 TYR A O   1 
ATOM   1084 C  CB  . TYR A 1 120 ? -6.476  11.217  -7.430  1.00 21.54 ? 126 TYR A CB  1 
ATOM   1085 C  CG  . TYR A 1 120 ? -6.264  9.764   -7.020  1.00 19.94 ? 126 TYR A CG  1 
ATOM   1086 C  CD1 . TYR A 1 120 ? -7.213  8.782   -7.306  1.00 21.33 ? 126 TYR A CD1 1 
ATOM   1087 C  CD2 . TYR A 1 120 ? -5.080  9.366   -6.393  1.00 19.75 ? 126 TYR A CD2 1 
ATOM   1088 C  CE1 . TYR A 1 120 ? -6.986  7.435   -6.976  1.00 21.36 ? 126 TYR A CE1 1 
ATOM   1089 C  CE2 . TYR A 1 120 ? -4.842  8.023   -6.064  1.00 19.49 ? 126 TYR A CE2 1 
ATOM   1090 C  CZ  . TYR A 1 120 ? -5.796  7.067   -6.354  1.00 19.50 ? 126 TYR A CZ  1 
ATOM   1091 O  OH  . TYR A 1 120 ? -5.569  5.751   -6.006  1.00 19.31 ? 126 TYR A OH  1 
ATOM   1092 N  N   . GLU A 1 121 ? -9.763  10.617  -6.545  1.00 26.32 ? 127 GLU A N   1 
ATOM   1093 C  CA  . GLU A 1 121 ? -10.936 9.871   -6.981  1.00 26.23 ? 127 GLU A CA  1 
ATOM   1094 C  C   . GLU A 1 121 ? -11.962 10.599  -7.831  1.00 25.72 ? 127 GLU A C   1 
ATOM   1095 O  O   . GLU A 1 121 ? -12.249 10.175  -8.944  1.00 26.56 ? 127 GLU A O   1 
ATOM   1096 C  CB  . GLU A 1 121 ? -11.646 9.252   -5.784  1.00 28.15 ? 127 GLU A CB  1 
ATOM   1097 C  CG  . GLU A 1 121 ? -12.993 8.656   -6.144  1.00 30.01 ? 127 GLU A CG  1 
ATOM   1098 C  CD  . GLU A 1 121 ? -13.593 7.866   -5.010  1.00 33.99 ? 127 GLU A CD  1 
ATOM   1099 O  OE1 . GLU A 1 121 ? -13.453 8.304   -3.850  1.00 34.40 ? 127 GLU A OE1 1 
ATOM   1100 O  OE2 . GLU A 1 121 ? -14.213 6.814   -5.282  1.00 34.74 ? 127 GLU A OE2 1 
ATOM   1101 N  N   . ALA A 1 122 ? -12.541 11.666  -7.299  1.00 26.49 ? 128 ALA A N   1 
ATOM   1102 C  CA  . ALA A 1 122 ? -13.546 12.429  -8.030  1.00 26.02 ? 128 ALA A CA  1 
ATOM   1103 C  C   . ALA A 1 122 ? -12.965 12.868  -9.365  1.00 26.73 ? 128 ALA A C   1 
ATOM   1104 O  O   . ALA A 1 122 ? -13.611 12.735  -10.409 1.00 26.19 ? 128 ALA A O   1 
ATOM   1105 C  CB  . ALA A 1 122 ? -13.969 13.642  -7.222  1.00 25.51 ? 128 ALA A CB  1 
ATOM   1106 N  N   . TYR A 1 123 ? -11.735 13.375  -9.312  1.00 25.62 ? 129 TYR A N   1 
ATOM   1107 C  CA  . TYR A 1 123 ? -11.018 13.850  -10.488 1.00 24.03 ? 129 TYR A CA  1 
ATOM   1108 C  C   . TYR A 1 123 ? -10.947 12.793  -11.581 1.00 24.04 ? 129 TYR A C   1 
ATOM   1109 O  O   . TYR A 1 123 ? -11.292 13.063  -12.731 1.00 25.15 ? 129 TYR A O   1 
ATOM   1110 C  CB  . TYR A 1 123 ? -9.587  14.271  -10.113 1.00 24.56 ? 129 TYR A CB  1 
ATOM   1111 C  CG  . TYR A 1 123 ? -8.792  14.822  -11.288 1.00 23.79 ? 129 TYR A CG  1 
ATOM   1112 C  CD1 . TYR A 1 123 ? -8.910  16.160  -11.678 1.00 24.80 ? 129 TYR A CD1 1 
ATOM   1113 C  CD2 . TYR A 1 123 ? -7.988  13.988  -12.058 1.00 22.43 ? 129 TYR A CD2 1 
ATOM   1114 C  CE1 . TYR A 1 123 ? -8.241  16.643  -12.814 1.00 24.20 ? 129 TYR A CE1 1 
ATOM   1115 C  CE2 . TYR A 1 123 ? -7.322  14.460  -13.190 1.00 20.32 ? 129 TYR A CE2 1 
ATOM   1116 C  CZ  . TYR A 1 123 ? -7.452  15.786  -13.563 1.00 23.04 ? 129 TYR A CZ  1 
ATOM   1117 O  OH  . TYR A 1 123 ? -6.797  16.241  -14.693 1.00 20.93 ? 129 TYR A OH  1 
ATOM   1118 N  N   . LEU A 1 124 ? -10.498 11.590  -11.231 1.00 23.00 ? 130 LEU A N   1 
ATOM   1119 C  CA  . LEU A 1 124 ? -10.375 10.526  -12.227 1.00 21.62 ? 130 LEU A CA  1 
ATOM   1120 C  C   . LEU A 1 124 ? -11.727 9.935   -12.644 1.00 21.65 ? 130 LEU A C   1 
ATOM   1121 O  O   . LEU A 1 124 ? -11.930 9.618   -13.817 1.00 20.25 ? 130 LEU A O   1 
ATOM   1122 C  CB  . LEU A 1 124 ? -9.414  9.439   -11.722 1.00 20.32 ? 130 LEU A CB  1 
ATOM   1123 C  CG  . LEU A 1 124 ? -7.959  9.911   -11.530 1.00 21.40 ? 130 LEU A CG  1 
ATOM   1124 C  CD1 . LEU A 1 124 ? -7.129  8.788   -10.963 1.00 21.63 ? 130 LEU A CD1 1 
ATOM   1125 C  CD2 . LEU A 1 124 ? -7.359  10.382  -12.859 1.00 17.75 ? 130 LEU A CD2 1 
ATOM   1126 N  N   . ARG A 1 125 ? -12.651 9.802   -11.698 1.00 23.59 ? 131 ARG A N   1 
ATOM   1127 C  CA  . ARG A 1 125 ? -13.995 9.288   -11.996 1.00 25.15 ? 131 ARG A CA  1 
ATOM   1128 C  C   . ARG A 1 125 ? -14.698 10.137  -13.059 1.00 26.18 ? 131 ARG A C   1 
ATOM   1129 O  O   . ARG A 1 125 ? -15.286 9.605   -14.005 1.00 27.30 ? 131 ARG A O   1 
ATOM   1130 C  CB  . ARG A 1 125 ? -14.875 9.295   -10.740 1.00 26.18 ? 131 ARG A CB  1 
ATOM   1131 C  CG  . ARG A 1 125 ? -14.905 8.007   -9.941  1.00 29.00 ? 131 ARG A CG  1 
ATOM   1132 C  CD  . ARG A 1 125 ? -15.710 8.183   -8.650  1.00 30.19 ? 131 ARG A CD  1 
ATOM   1133 N  NE  . ARG A 1 125 ? -15.525 7.055   -7.737  1.00 32.40 ? 131 ARG A NE  1 
ATOM   1134 C  CZ  . ARG A 1 125 ? -16.109 5.866   -7.868  1.00 31.09 ? 131 ARG A CZ  1 
ATOM   1135 N  NH1 . ARG A 1 125 ? -16.940 5.628   -8.872  1.00 31.30 ? 131 ARG A NH1 1 
ATOM   1136 N  NH2 . ARG A 1 125 ? -15.838 4.899   -7.000  1.00 29.69 ? 131 ARG A NH2 1 
ATOM   1137 N  N   . GLU A 1 126 ? -14.657 11.457  -12.899 1.00 25.82 ? 132 GLU A N   1 
ATOM   1138 C  CA  . GLU A 1 126 ? -15.324 12.336  -13.857 1.00 26.29 ? 132 GLU A CA  1 
ATOM   1139 C  C   . GLU A 1 126 ? -14.639 12.373  -15.218 1.00 24.56 ? 132 GLU A C   1 
ATOM   1140 O  O   . GLU A 1 126 ? -15.119 13.021  -16.146 1.00 24.00 ? 132 GLU A O   1 
ATOM   1141 C  CB  . GLU A 1 126 ? -15.479 13.756  -13.289 1.00 28.35 ? 132 GLU A CB  1 
ATOM   1142 C  CG  . GLU A 1 126 ? -14.249 14.327  -12.627 1.00 34.76 ? 132 GLU A CG  1 
ATOM   1143 C  CD  . GLU A 1 126 ? -14.521 15.667  -11.959 1.00 39.79 ? 132 GLU A CD  1 
ATOM   1144 O  OE1 . GLU A 1 126 ? -15.614 15.833  -11.368 1.00 39.00 ? 132 GLU A OE1 1 
ATOM   1145 O  OE2 . GLU A 1 126 ? -13.634 16.546  -12.009 1.00 42.94 ? 132 GLU A OE2 1 
ATOM   1146 N  N   . ARG A 1 127 ? -13.523 11.662  -15.341 1.00 22.68 ? 133 ARG A N   1 
ATOM   1147 C  CA  . ARG A 1 127 ? -12.808 11.605  -16.604 1.00 22.05 ? 133 ARG A CA  1 
ATOM   1148 C  C   . ARG A 1 127 ? -12.871 10.214  -17.226 1.00 22.14 ? 133 ARG A C   1 
ATOM   1149 O  O   . ARG A 1 127 ? -12.146 9.908   -18.168 1.00 21.97 ? 133 ARG A O   1 
ATOM   1150 C  CB  . ARG A 1 127 ? -11.361 12.074  -16.421 1.00 21.42 ? 133 ARG A CB  1 
ATOM   1151 C  CG  . ARG A 1 127 ? -11.260 13.595  -16.307 1.00 23.11 ? 133 ARG A CG  1 
ATOM   1152 C  CD  . ARG A 1 127 ? -9.866  14.091  -15.934 1.00 19.71 ? 133 ARG A CD  1 
ATOM   1153 N  NE  . ARG A 1 127 ? -9.837  15.552  -15.898 1.00 22.69 ? 133 ARG A NE  1 
ATOM   1154 C  CZ  . ARG A 1 127 ? -10.463 16.296  -14.990 1.00 25.58 ? 133 ARG A CZ  1 
ATOM   1155 N  NH1 . ARG A 1 127 ? -11.166 15.720  -14.026 1.00 26.52 ? 133 ARG A NH1 1 
ATOM   1156 N  NH2 . ARG A 1 127 ? -10.407 17.624  -15.055 1.00 25.25 ? 133 ARG A NH2 1 
ATOM   1157 N  N   . GLY A 1 128 ? -13.763 9.377   -16.700 1.00 23.53 ? 134 GLY A N   1 
ATOM   1158 C  CA  . GLY A 1 128 ? -13.934 8.043   -17.248 1.00 24.01 ? 134 GLY A CA  1 
ATOM   1159 C  C   . GLY A 1 128 ? -13.015 6.931   -16.779 1.00 23.85 ? 134 GLY A C   1 
ATOM   1160 O  O   . GLY A 1 128 ? -13.035 5.852   -17.358 1.00 25.81 ? 134 GLY A O   1 
ATOM   1161 N  N   . VAL A 1 129 ? -12.216 7.163   -15.743 1.00 25.75 ? 135 VAL A N   1 
ATOM   1162 C  CA  . VAL A 1 129 ? -11.324 6.114   -15.256 1.00 26.54 ? 135 VAL A CA  1 
ATOM   1163 C  C   . VAL A 1 129 ? -12.117 5.148   -14.382 1.00 27.67 ? 135 VAL A C   1 
ATOM   1164 O  O   . VAL A 1 129 ? -13.132 5.525   -13.790 1.00 29.06 ? 135 VAL A O   1 
ATOM   1165 C  CB  . VAL A 1 129 ? -10.152 6.696   -14.415 1.00 26.77 ? 135 VAL A CB  1 
ATOM   1166 C  CG1 . VAL A 1 129 ? -9.172  5.575   -14.022 1.00 22.85 ? 135 VAL A CG1 1 
ATOM   1167 C  CG2 . VAL A 1 129 ? -9.431  7.769   -15.204 1.00 25.58 ? 135 VAL A CG2 1 
ATOM   1168 N  N   . SER A 1 130 ? -11.667 3.900   -14.316 1.00 29.20 ? 136 SER A N   1 
ATOM   1169 C  CA  . SER A 1 130 ? -12.328 2.901   -13.478 1.00 29.08 ? 136 SER A CA  1 
ATOM   1170 C  C   . SER A 1 130 ? -11.266 1.978   -12.891 1.00 29.80 ? 136 SER A C   1 
ATOM   1171 O  O   . SER A 1 130 ? -10.092 2.118   -13.296 1.00 30.53 ? 136 SER A O   1 
ATOM   1172 C  CB  . SER A 1 130 ? -13.356 2.088   -14.286 1.00 27.98 ? 136 SER A CB  1 
ATOM   1173 O  OG  . SER A 1 130 ? -12.736 1.263   -15.259 1.00 29.14 ? 136 SER A OG  1 
ATOM   1174 O  OXT . SER A 1 130 ? -11.608 1.138   -12.038 1.00 31.11 ? 136 SER A OXT 1 
HETATM 1175 FE FE1 . FEO B 2 .   ? -0.957  6.661   -3.638  1.00 21.58 ? 137 FEO A FE1 1 
HETATM 1176 FE FE2 . FEO B 2 .   ? -2.854  3.838   -3.579  1.00 22.06 ? 137 FEO A FE2 1 
HETATM 1177 O  O   . FEO B 2 .   ? -1.150  4.681   -3.236  1.00 17.95 ? 137 FEO A O   1 
HETATM 1178 O  O   A HOH C 3 .   ? -9.167  1.988   -2.158  0.50 18.46 ? 138 HOH A O   1 
HETATM 1179 O  O   B HOH C 3 .   ? -8.873  1.913   -2.292  0.44 17.03 ? 138 HOH A O   1 
HETATM 1180 O  O   . HOH C 3 .   ? -9.090  6.482   -1.263  1.00 31.52 ? 139 HOH A O   1 
HETATM 1181 O  O   . HOH C 3 .   ? -3.431  12.769  -4.509  1.00 23.83 ? 140 HOH A O   1 
HETATM 1182 O  O   . HOH C 3 .   ? 5.697   8.694   2.547   1.00 25.65 ? 141 HOH A O   1 
HETATM 1183 O  O   . HOH C 3 .   ? 19.523  -7.365  9.891   1.00 19.63 ? 142 HOH A O   1 
HETATM 1184 O  O   . HOH C 3 .   ? 14.643  7.481   -5.159  1.00 42.38 ? 143 HOH A O   1 
HETATM 1185 O  O   . HOH C 3 .   ? 13.572  -16.062 1.991   1.00 40.21 ? 144 HOH A O   1 
HETATM 1186 O  O   . HOH C 3 .   ? 15.023  11.869  -5.053  1.00 56.42 ? 145 HOH A O   1 
HETATM 1187 O  O   . HOH C 3 .   ? 12.478  -9.177  2.293   1.00 27.17 ? 146 HOH A O   1 
HETATM 1188 O  O   . HOH C 3 .   ? -11.726 13.151  -4.544  1.00 35.77 ? 147 HOH A O   1 
HETATM 1189 O  O   . HOH C 3 .   ? -11.213 7.389   -20.788 1.00 48.91 ? 148 HOH A O   1 
HETATM 1190 O  O   . HOH C 3 .   ? 9.774   12.136  -6.978  1.00 39.07 ? 149 HOH A O   1 
HETATM 1191 O  O   . HOH C 3 .   ? -9.603  2.642   -16.137 1.00 50.06 ? 150 HOH A O   1 
HETATM 1192 O  O   . HOH C 3 .   ? 3.247   4.284   12.582  1.00 48.57 ? 151 HOH A O   1 
HETATM 1193 O  O   . HOH C 3 .   ? 1.745   18.480  -6.572  1.00 25.12 ? 152 HOH A O   1 
HETATM 1194 O  O   . HOH C 3 .   ? 15.091  -15.354 3.838   1.00 34.19 ? 153 HOH A O   1 
HETATM 1195 O  O   . HOH C 3 .   ? 13.072  -5.743  -7.562  1.00 51.20 ? 154 HOH A O   1 
HETATM 1196 O  O   . HOH C 3 .   ? 8.303   15.735  -9.814  1.00 41.76 ? 155 HOH A O   1 
HETATM 1197 O  O   . HOH C 3 .   ? 2.898   -0.500  -12.612 1.00 26.93 ? 156 HOH A O   1 
HETATM 1198 O  O   . HOH C 3 .   ? 12.512  -18.792 10.520  1.00 35.27 ? 157 HOH A O   1 
HETATM 1199 O  O   . HOH C 3 .   ? -1.719  -18.717 10.144  1.00 36.00 ? 158 HOH A O   1 
HETATM 1200 O  O   . HOH C 3 .   ? -4.662  -20.348 15.761  1.00 45.38 ? 159 HOH A O   1 
HETATM 1201 O  O   . HOH C 3 .   ? -16.552 13.410  -10.176 1.00 48.32 ? 160 HOH A O   1 
HETATM 1202 O  O   . HOH C 3 .   ? -14.984 -1.073  -16.747 1.00 47.27 ? 161 HOH A O   1 
HETATM 1203 O  O   . HOH C 3 .   ? 17.321  -0.008  8.278   1.00 37.48 ? 162 HOH A O   1 
HETATM 1204 O  O   . HOH C 3 .   ? -7.682  -7.848  -4.778  1.00 48.62 ? 163 HOH A O   1 
HETATM 1205 O  O   . HOH C 3 .   ? -11.327 -4.662  -10.928 1.00 51.04 ? 164 HOH A O   1 
HETATM 1206 O  O   . HOH C 3 .   ? 0.639   7.899   5.033   1.00 23.80 ? 165 HOH A O   1 
HETATM 1207 O  O   . HOH C 3 .   ? 2.584   -13.835 -0.101  1.00 32.67 ? 166 HOH A O   1 
HETATM 1208 O  O   . HOH C 3 .   ? -10.664 14.662  -6.742  1.00 33.12 ? 167 HOH A O   1 
HETATM 1209 O  O   . HOH C 3 .   ? 7.804   14.267  -7.605  1.00 40.02 ? 168 HOH A O   1 
HETATM 1210 O  O   . HOH C 3 .   ? 4.374   -2.607  -13.168 1.00 24.50 ? 169 HOH A O   1 
HETATM 1211 O  O   . HOH C 3 .   ? 0.690   9.591   2.912   1.00 36.96 ? 170 HOH A O   1 
HETATM 1212 O  O   . HOH C 3 .   ? -16.497 0.743   -17.182 1.00 38.26 ? 171 HOH A O   1 
HETATM 1213 O  O   . HOH C 3 .   ? 7.363   7.448   4.451   1.00 34.03 ? 172 HOH A O   1 
HETATM 1214 O  O   . HOH C 3 .   ? 14.362  4.861   -4.541  1.00 47.58 ? 173 HOH A O   1 
HETATM 1215 O  O   . HOH C 3 .   ? 12.576  -19.834 8.198   1.00 45.64 ? 174 HOH A O   1 
HETATM 1216 O  O   . HOH C 3 .   ? -16.752 15.670  -9.028  1.00 57.78 ? 175 HOH A O   1 
HETATM 1217 O  O   . HOH C 3 .   ? -16.607 1.601   -19.843 1.00 32.86 ? 176 HOH A O   1 
HETATM 1218 O  O   . HOH C 3 .   ? 2.739   -16.033 4.729   1.00 32.27 ? 177 HOH A O   1 
HETATM 1219 O  O   . HOH C 3 .   ? 4.609   -9.150  -5.763  1.00 33.04 ? 178 HOH A O   1 
HETATM 1220 O  O   . HOH C 3 .   ? 2.046   -6.809  -10.445 1.00 48.10 ? 179 HOH A O   1 
HETATM 1221 O  O   . HOH C 3 .   ? 6.307   -2.098  -14.808 1.00 42.51 ? 180 HOH A O   1 
HETATM 1222 O  O   . HOH C 3 .   ? 10.043  12.064  -11.011 1.00 37.66 ? 181 HOH A O   1 
HETATM 1223 O  O   . HOH C 3 .   ? -8.154  -8.874  -2.509  1.00 38.53 ? 182 HOH A O   1 
HETATM 1224 O  O   . HOH C 3 .   ? 14.527  12.106  -7.502  1.00 44.10 ? 183 HOH A O   1 
HETATM 1225 O  O   . HOH C 3 .   ? 14.831  -9.315  3.761   1.00 41.02 ? 184 HOH A O   1 
HETATM 1226 O  O   . HOH C 3 .   ? -11.349 11.495  -20.131 1.00 42.84 ? 185 HOH A O   1 
HETATM 1227 O  O   . HOH C 3 .   ? 1.718   18.173  -9.461  1.00 41.15 ? 186 HOH A O   1 
HETATM 1228 O  O   . HOH C 3 .   ? 6.931   4.576   -9.627  1.00 42.34 ? 187 HOH A O   1 
HETATM 1229 O  O   . HOH C 3 .   ? -18.422 7.459   -10.886 1.00 41.38 ? 188 HOH A O   1 
HETATM 1230 O  O   . HOH C 3 .   ? 8.650   -15.988 18.692  1.00 40.83 ? 189 HOH A O   1 
HETATM 1231 O  O   . HOH C 3 .   ? 7.333   4.807   -7.091  1.00 45.47 ? 190 HOH A O   1 
HETATM 1232 O  O   . HOH C 3 .   ? 1.539   -16.908 17.784  1.00 46.06 ? 191 HOH A O   1 
# 
